data_1ZM0
# 
_entry.id   1ZM0 
# 
_audit_conform.dict_name       mmcif_pdbx.dic 
_audit_conform.dict_version    5.387 
_audit_conform.dict_location   http://mmcif.pdb.org/dictionaries/ascii/mmcif_pdbx.dic 
# 
loop_
_database_2.database_id 
_database_2.database_code 
_database_2.pdbx_database_accession 
_database_2.pdbx_DOI 
PDB   1ZM0         pdb_00001zm0 10.2210/pdb1zm0/pdb 
RCSB  RCSB032876   ?            ?                   
WWPDB D_1000032876 ?            ?                   
# 
loop_
_pdbx_audit_revision_history.ordinal 
_pdbx_audit_revision_history.data_content_type 
_pdbx_audit_revision_history.major_revision 
_pdbx_audit_revision_history.minor_revision 
_pdbx_audit_revision_history.revision_date 
1 'Structure model' 1 0 2006-02-28 
2 'Structure model' 1 1 2008-04-30 
3 'Structure model' 1 2 2011-07-13 
4 'Structure model' 1 3 2017-10-11 
5 'Structure model' 1 4 2017-10-25 
6 'Structure model' 1 5 2024-02-14 
# 
_pdbx_audit_revision_details.ordinal             1 
_pdbx_audit_revision_details.revision_ordinal    1 
_pdbx_audit_revision_details.data_content_type   'Structure model' 
_pdbx_audit_revision_details.provider            repository 
_pdbx_audit_revision_details.type                'Initial release' 
_pdbx_audit_revision_details.description         ? 
_pdbx_audit_revision_details.details             ? 
# 
loop_
_pdbx_audit_revision_group.ordinal 
_pdbx_audit_revision_group.revision_ordinal 
_pdbx_audit_revision_group.data_content_type 
_pdbx_audit_revision_group.group 
1 2 'Structure model' 'Version format compliance'  
2 3 'Structure model' 'Version format compliance'  
3 4 'Structure model' 'Refinement description'     
4 5 'Structure model' 'Author supporting evidence' 
5 6 'Structure model' 'Data collection'            
6 6 'Structure model' 'Database references'        
# 
loop_
_pdbx_audit_revision_category.ordinal 
_pdbx_audit_revision_category.revision_ordinal 
_pdbx_audit_revision_category.data_content_type 
_pdbx_audit_revision_category.category 
1 4 'Structure model' software                           
2 5 'Structure model' pdbx_struct_assembly_auth_evidence 
3 6 'Structure model' chem_comp_atom                     
4 6 'Structure model' chem_comp_bond                     
5 6 'Structure model' database_2                         
6 6 'Structure model' struct_ref_seq_dif                 
# 
loop_
_pdbx_audit_revision_item.ordinal 
_pdbx_audit_revision_item.revision_ordinal 
_pdbx_audit_revision_item.data_content_type 
_pdbx_audit_revision_item.item 
1 6 'Structure model' '_database_2.pdbx_DOI'                
2 6 'Structure model' '_database_2.pdbx_database_accession' 
3 6 'Structure model' '_struct_ref_seq_dif.details'         
# 
_pdbx_database_status.entry_id                        1ZM0 
_pdbx_database_status.deposit_site                    RCSB 
_pdbx_database_status.process_site                    RCSB 
_pdbx_database_status.recvd_initial_deposition_date   2005-05-09 
_pdbx_database_status.status_code                     REL 
_pdbx_database_status.status_code_sf                  REL 
_pdbx_database_status.status_code_mr                  ? 
_pdbx_database_status.SG_entry                        ? 
_pdbx_database_status.pdb_format_compatible           Y 
_pdbx_database_status.status_code_cs                  ? 
_pdbx_database_status.methods_development_category    ? 
_pdbx_database_status.status_code_nmr_data            ? 
# 
_pdbx_database_related.db_name        PDB 
_pdbx_database_related.db_id          1XXO 
_pdbx_database_related.details        'Solution structure of the same domain of pleckstrin' 
_pdbx_database_related.content_type   unspecified 
# 
loop_
_audit_author.name 
_audit_author.pdbx_ordinal 
'Jackson, S.G.'   1 
'Zhang, Y.'       2 
'Zhang, K.'       3 
'Summerfield, R.' 4 
'Haslam, R.J.'    5 
'Junop, M.S.'     6 
# 
_citation.id                        primary 
_citation.title                     'Structure of the carboxy-terminal PH domain of pleckstrin at 2.1 Angstroms.' 
_citation.journal_abbrev            'Acta Crystallogr.,Sect.D' 
_citation.journal_volume            62 
_citation.page_first                324 
_citation.page_last                 330 
_citation.year                      2006 
_citation.journal_id_ASTM           ABCRE6 
_citation.country                   DK 
_citation.journal_id_ISSN           0907-4449 
_citation.journal_id_CSD            0766 
_citation.book_publisher            ? 
_citation.pdbx_database_id_PubMed   16510979 
_citation.pdbx_database_id_DOI      10.1107/S0907444905043179 
# 
loop_
_citation_author.citation_id 
_citation_author.name 
_citation_author.ordinal 
_citation_author.identifier_ORCID 
primary 'Jackson, S.G.'   1 ? 
primary 'Zhang, Y.'       2 ? 
primary 'Bao, X.'         3 ? 
primary 'Zhang, K.'       4 ? 
primary 'Summerfield, R.' 5 ? 
primary 'Haslam, R.J.'    6 ? 
primary 'Junop, M.S.'     7 ? 
# 
loop_
_entity.id 
_entity.type 
_entity.src_method 
_entity.pdbx_description 
_entity.formula_weight 
_entity.pdbx_number_of_molecules 
_entity.pdbx_ec 
_entity.pdbx_mutation 
_entity.pdbx_fragment 
_entity.details 
1 polymer man Pleckstrin 13020.819 2   ? ? 'PH2 Domain' ? 
2 water   nat water      18.015    163 ? ? ?            ? 
# 
_entity_name_com.entity_id   1 
_entity_name_com.name        'Platelet p47 protein' 
# 
_entity_poly.entity_id                      1 
_entity_poly.type                           'polypeptide(L)' 
_entity_poly.nstd_linkage                   no 
_entity_poly.nstd_monomer                   no 
_entity_poly.pdbx_seq_one_letter_code       
;GSPEFRGVIIKQGCLLKQGHRRKNWKVRKFILREDPAYLHYYDPAGAEDPLGAIHLRGCVVTSVESNSNGRKSEEENLFE
IITADEVHYFLQAATPKERTEWIKAIQMASRTGK
;
_entity_poly.pdbx_seq_one_letter_code_can   
;GSPEFRGVIIKQGCLLKQGHRRKNWKVRKFILREDPAYLHYYDPAGAEDPLGAIHLRGCVVTSVESNSNGRKSEEENLFE
IITADEVHYFLQAATPKERTEWIKAIQMASRTGK
;
_entity_poly.pdbx_strand_id                 A,B 
_entity_poly.pdbx_target_identifier         ? 
# 
_pdbx_entity_nonpoly.entity_id   2 
_pdbx_entity_nonpoly.name        water 
_pdbx_entity_nonpoly.comp_id     HOH 
# 
loop_
_entity_poly_seq.entity_id 
_entity_poly_seq.num 
_entity_poly_seq.mon_id 
_entity_poly_seq.hetero 
1 1   GLY n 
1 2   SER n 
1 3   PRO n 
1 4   GLU n 
1 5   PHE n 
1 6   ARG n 
1 7   GLY n 
1 8   VAL n 
1 9   ILE n 
1 10  ILE n 
1 11  LYS n 
1 12  GLN n 
1 13  GLY n 
1 14  CYS n 
1 15  LEU n 
1 16  LEU n 
1 17  LYS n 
1 18  GLN n 
1 19  GLY n 
1 20  HIS n 
1 21  ARG n 
1 22  ARG n 
1 23  LYS n 
1 24  ASN n 
1 25  TRP n 
1 26  LYS n 
1 27  VAL n 
1 28  ARG n 
1 29  LYS n 
1 30  PHE n 
1 31  ILE n 
1 32  LEU n 
1 33  ARG n 
1 34  GLU n 
1 35  ASP n 
1 36  PRO n 
1 37  ALA n 
1 38  TYR n 
1 39  LEU n 
1 40  HIS n 
1 41  TYR n 
1 42  TYR n 
1 43  ASP n 
1 44  PRO n 
1 45  ALA n 
1 46  GLY n 
1 47  ALA n 
1 48  GLU n 
1 49  ASP n 
1 50  PRO n 
1 51  LEU n 
1 52  GLY n 
1 53  ALA n 
1 54  ILE n 
1 55  HIS n 
1 56  LEU n 
1 57  ARG n 
1 58  GLY n 
1 59  CYS n 
1 60  VAL n 
1 61  VAL n 
1 62  THR n 
1 63  SER n 
1 64  VAL n 
1 65  GLU n 
1 66  SER n 
1 67  ASN n 
1 68  SER n 
1 69  ASN n 
1 70  GLY n 
1 71  ARG n 
1 72  LYS n 
1 73  SER n 
1 74  GLU n 
1 75  GLU n 
1 76  GLU n 
1 77  ASN n 
1 78  LEU n 
1 79  PHE n 
1 80  GLU n 
1 81  ILE n 
1 82  ILE n 
1 83  THR n 
1 84  ALA n 
1 85  ASP n 
1 86  GLU n 
1 87  VAL n 
1 88  HIS n 
1 89  TYR n 
1 90  PHE n 
1 91  LEU n 
1 92  GLN n 
1 93  ALA n 
1 94  ALA n 
1 95  THR n 
1 96  PRO n 
1 97  LYS n 
1 98  GLU n 
1 99  ARG n 
1 100 THR n 
1 101 GLU n 
1 102 TRP n 
1 103 ILE n 
1 104 LYS n 
1 105 ALA n 
1 106 ILE n 
1 107 GLN n 
1 108 MET n 
1 109 ALA n 
1 110 SER n 
1 111 ARG n 
1 112 THR n 
1 113 GLY n 
1 114 LYS n 
# 
_entity_src_gen.entity_id                          1 
_entity_src_gen.pdbx_src_id                        1 
_entity_src_gen.pdbx_alt_source_flag               sample 
_entity_src_gen.pdbx_seq_type                      ? 
_entity_src_gen.pdbx_beg_seq_num                   ? 
_entity_src_gen.pdbx_end_seq_num                   ? 
_entity_src_gen.gene_src_common_name               human 
_entity_src_gen.gene_src_genus                     Homo 
_entity_src_gen.pdbx_gene_src_gene                 'PLEK, P47' 
_entity_src_gen.gene_src_species                   ? 
_entity_src_gen.gene_src_strain                    ? 
_entity_src_gen.gene_src_tissue                    ? 
_entity_src_gen.gene_src_tissue_fraction           ? 
_entity_src_gen.gene_src_details                   ? 
_entity_src_gen.pdbx_gene_src_fragment             ? 
_entity_src_gen.pdbx_gene_src_scientific_name      'Homo sapiens' 
_entity_src_gen.pdbx_gene_src_ncbi_taxonomy_id     9606 
_entity_src_gen.pdbx_gene_src_variant              ? 
_entity_src_gen.pdbx_gene_src_cell_line            ? 
_entity_src_gen.pdbx_gene_src_atcc                 ? 
_entity_src_gen.pdbx_gene_src_organ                ? 
_entity_src_gen.pdbx_gene_src_organelle            ? 
_entity_src_gen.pdbx_gene_src_cell                 ? 
_entity_src_gen.pdbx_gene_src_cellular_location    ? 
_entity_src_gen.host_org_common_name               ? 
_entity_src_gen.pdbx_host_org_scientific_name      'Escherichia coli BL21(DE3)' 
_entity_src_gen.pdbx_host_org_ncbi_taxonomy_id     469008 
_entity_src_gen.host_org_genus                     Escherichia 
_entity_src_gen.pdbx_host_org_gene                 ? 
_entity_src_gen.pdbx_host_org_organ                ? 
_entity_src_gen.host_org_species                   'Escherichia coli' 
_entity_src_gen.pdbx_host_org_tissue               ? 
_entity_src_gen.pdbx_host_org_tissue_fraction      ? 
_entity_src_gen.pdbx_host_org_strain               'BL21(DE3)' 
_entity_src_gen.pdbx_host_org_variant              ? 
_entity_src_gen.pdbx_host_org_cell_line            ? 
_entity_src_gen.pdbx_host_org_atcc                 ? 
_entity_src_gen.pdbx_host_org_culture_collection   ? 
_entity_src_gen.pdbx_host_org_cell                 ? 
_entity_src_gen.pdbx_host_org_organelle            ? 
_entity_src_gen.pdbx_host_org_cellular_location    ? 
_entity_src_gen.pdbx_host_org_vector_type          Plasmid 
_entity_src_gen.pdbx_host_org_vector               ? 
_entity_src_gen.host_org_details                   ? 
_entity_src_gen.expression_system_id               ? 
_entity_src_gen.plasmid_name                       pGEX-4T-1 
_entity_src_gen.plasmid_details                    ? 
_entity_src_gen.pdbx_description                   ? 
# 
loop_
_chem_comp.id 
_chem_comp.type 
_chem_comp.mon_nstd_flag 
_chem_comp.name 
_chem_comp.pdbx_synonyms 
_chem_comp.formula 
_chem_comp.formula_weight 
ALA 'L-peptide linking' y ALANINE         ? 'C3 H7 N O2'     89.093  
ARG 'L-peptide linking' y ARGININE        ? 'C6 H15 N4 O2 1' 175.209 
ASN 'L-peptide linking' y ASPARAGINE      ? 'C4 H8 N2 O3'    132.118 
ASP 'L-peptide linking' y 'ASPARTIC ACID' ? 'C4 H7 N O4'     133.103 
CYS 'L-peptide linking' y CYSTEINE        ? 'C3 H7 N O2 S'   121.158 
GLN 'L-peptide linking' y GLUTAMINE       ? 'C5 H10 N2 O3'   146.144 
GLU 'L-peptide linking' y 'GLUTAMIC ACID' ? 'C5 H9 N O4'     147.129 
GLY 'peptide linking'   y GLYCINE         ? 'C2 H5 N O2'     75.067  
HIS 'L-peptide linking' y HISTIDINE       ? 'C6 H10 N3 O2 1' 156.162 
HOH non-polymer         . WATER           ? 'H2 O'           18.015  
ILE 'L-peptide linking' y ISOLEUCINE      ? 'C6 H13 N O2'    131.173 
LEU 'L-peptide linking' y LEUCINE         ? 'C6 H13 N O2'    131.173 
LYS 'L-peptide linking' y LYSINE          ? 'C6 H15 N2 O2 1' 147.195 
MET 'L-peptide linking' y METHIONINE      ? 'C5 H11 N O2 S'  149.211 
PHE 'L-peptide linking' y PHENYLALANINE   ? 'C9 H11 N O2'    165.189 
PRO 'L-peptide linking' y PROLINE         ? 'C5 H9 N O2'     115.130 
SER 'L-peptide linking' y SERINE          ? 'C3 H7 N O3'     105.093 
THR 'L-peptide linking' y THREONINE       ? 'C4 H9 N O3'     119.119 
TRP 'L-peptide linking' y TRYPTOPHAN      ? 'C11 H12 N2 O2'  204.225 
TYR 'L-peptide linking' y TYROSINE        ? 'C9 H11 N O3'    181.189 
VAL 'L-peptide linking' y VALINE          ? 'C5 H11 N O2'    117.146 
# 
loop_
_pdbx_poly_seq_scheme.asym_id 
_pdbx_poly_seq_scheme.entity_id 
_pdbx_poly_seq_scheme.seq_id 
_pdbx_poly_seq_scheme.mon_id 
_pdbx_poly_seq_scheme.ndb_seq_num 
_pdbx_poly_seq_scheme.pdb_seq_num 
_pdbx_poly_seq_scheme.auth_seq_num 
_pdbx_poly_seq_scheme.pdb_mon_id 
_pdbx_poly_seq_scheme.auth_mon_id 
_pdbx_poly_seq_scheme.pdb_strand_id 
_pdbx_poly_seq_scheme.pdb_ins_code 
_pdbx_poly_seq_scheme.hetero 
A 1 1   GLY 1   237 ?   ?   ?   A . n 
A 1 2   SER 2   238 ?   ?   ?   A . n 
A 1 3   PRO 3   239 ?   ?   ?   A . n 
A 1 4   GLU 4   240 ?   ?   ?   A . n 
A 1 5   PHE 5   241 ?   ?   ?   A . n 
A 1 6   ARG 6   242 ?   ?   ?   A . n 
A 1 7   GLY 7   243 243 GLY GLY A . n 
A 1 8   VAL 8   244 244 VAL VAL A . n 
A 1 9   ILE 9   245 245 ILE ILE A . n 
A 1 10  ILE 10  246 246 ILE ILE A . n 
A 1 11  LYS 11  247 247 LYS LYS A . n 
A 1 12  GLN 12  248 248 GLN GLN A . n 
A 1 13  GLY 13  249 249 GLY GLY A . n 
A 1 14  CYS 14  250 250 CYS CYS A . n 
A 1 15  LEU 15  251 251 LEU LEU A . n 
A 1 16  LEU 16  252 252 LEU LEU A . n 
A 1 17  LYS 17  253 253 LYS LYS A . n 
A 1 18  GLN 18  254 254 GLN GLN A . n 
A 1 19  GLY 19  255 255 GLY GLY A . n 
A 1 20  HIS 20  256 256 HIS HIS A . n 
A 1 21  ARG 21  257 257 ARG ARG A . n 
A 1 22  ARG 22  258 258 ARG ARG A . n 
A 1 23  LYS 23  259 259 LYS LYS A . n 
A 1 24  ASN 24  260 260 ASN ASN A . n 
A 1 25  TRP 25  261 261 TRP TRP A . n 
A 1 26  LYS 26  262 262 LYS LYS A . n 
A 1 27  VAL 27  263 263 VAL VAL A . n 
A 1 28  ARG 28  264 264 ARG ARG A . n 
A 1 29  LYS 29  265 265 LYS LYS A . n 
A 1 30  PHE 30  266 266 PHE PHE A . n 
A 1 31  ILE 31  267 267 ILE ILE A . n 
A 1 32  LEU 32  268 268 LEU LEU A . n 
A 1 33  ARG 33  269 269 ARG ARG A . n 
A 1 34  GLU 34  270 270 GLU GLU A . n 
A 1 35  ASP 35  271 271 ASP ASP A . n 
A 1 36  PRO 36  272 272 PRO PRO A . n 
A 1 37  ALA 37  273 273 ALA ALA A . n 
A 1 38  TYR 38  274 274 TYR TYR A . n 
A 1 39  LEU 39  275 275 LEU LEU A . n 
A 1 40  HIS 40  276 276 HIS HIS A . n 
A 1 41  TYR 41  277 277 TYR TYR A . n 
A 1 42  TYR 42  278 278 TYR TYR A . n 
A 1 43  ASP 43  279 279 ASP ASP A . n 
A 1 44  PRO 44  280 280 PRO PRO A . n 
A 1 45  ALA 45  281 281 ALA ALA A . n 
A 1 46  GLY 46  282 282 GLY GLY A . n 
A 1 47  ALA 47  283 283 ALA ALA A . n 
A 1 48  GLU 48  284 284 GLU GLU A . n 
A 1 49  ASP 49  285 285 ASP ASP A . n 
A 1 50  PRO 50  286 286 PRO PRO A . n 
A 1 51  LEU 51  287 287 LEU LEU A . n 
A 1 52  GLY 52  288 288 GLY GLY A . n 
A 1 53  ALA 53  289 289 ALA ALA A . n 
A 1 54  ILE 54  290 290 ILE ILE A . n 
A 1 55  HIS 55  291 291 HIS HIS A . n 
A 1 56  LEU 56  292 292 LEU LEU A . n 
A 1 57  ARG 57  293 293 ARG ARG A . n 
A 1 58  GLY 58  294 294 GLY GLY A . n 
A 1 59  CYS 59  295 295 CYS CYS A . n 
A 1 60  VAL 60  296 296 VAL VAL A . n 
A 1 61  VAL 61  297 297 VAL VAL A . n 
A 1 62  THR 62  298 298 THR THR A . n 
A 1 63  SER 63  299 299 SER SER A . n 
A 1 64  VAL 64  300 300 VAL VAL A . n 
A 1 65  GLU 65  301 301 GLU GLU A . n 
A 1 66  SER 66  302 ?   ?   ?   A . n 
A 1 67  ASN 67  303 ?   ?   ?   A . n 
A 1 68  SER 68  304 ?   ?   ?   A . n 
A 1 69  ASN 69  305 ?   ?   ?   A . n 
A 1 70  GLY 70  306 ?   ?   ?   A . n 
A 1 71  ARG 71  307 ?   ?   ?   A . n 
A 1 72  LYS 72  308 ?   ?   ?   A . n 
A 1 73  SER 73  309 ?   ?   ?   A . n 
A 1 74  GLU 74  310 ?   ?   ?   A . n 
A 1 75  GLU 75  311 311 GLU GLU A . n 
A 1 76  GLU 76  312 312 GLU GLU A . n 
A 1 77  ASN 77  313 313 ASN ASN A . n 
A 1 78  LEU 78  314 314 LEU LEU A . n 
A 1 79  PHE 79  315 315 PHE PHE A . n 
A 1 80  GLU 80  316 316 GLU GLU A . n 
A 1 81  ILE 81  317 317 ILE ILE A . n 
A 1 82  ILE 82  318 318 ILE ILE A . n 
A 1 83  THR 83  319 319 THR THR A . n 
A 1 84  ALA 84  320 320 ALA ALA A . n 
A 1 85  ASP 85  321 321 ASP ASP A . n 
A 1 86  GLU 86  322 322 GLU GLU A . n 
A 1 87  VAL 87  323 323 VAL VAL A . n 
A 1 88  HIS 88  324 324 HIS HIS A . n 
A 1 89  TYR 89  325 325 TYR TYR A . n 
A 1 90  PHE 90  326 326 PHE PHE A . n 
A 1 91  LEU 91  327 327 LEU LEU A . n 
A 1 92  GLN 92  328 328 GLN GLN A . n 
A 1 93  ALA 93  329 329 ALA ALA A . n 
A 1 94  ALA 94  330 330 ALA ALA A . n 
A 1 95  THR 95  331 331 THR THR A . n 
A 1 96  PRO 96  332 332 PRO PRO A . n 
A 1 97  LYS 97  333 333 LYS LYS A . n 
A 1 98  GLU 98  334 334 GLU GLU A . n 
A 1 99  ARG 99  335 335 ARG ARG A . n 
A 1 100 THR 100 336 336 THR THR A . n 
A 1 101 GLU 101 337 337 GLU GLU A . n 
A 1 102 TRP 102 338 338 TRP TRP A . n 
A 1 103 ILE 103 339 339 ILE ILE A . n 
A 1 104 LYS 104 340 340 LYS LYS A . n 
A 1 105 ALA 105 341 341 ALA ALA A . n 
A 1 106 ILE 106 342 342 ILE ILE A . n 
A 1 107 GLN 107 343 343 GLN GLN A . n 
A 1 108 MET 108 344 344 MET MET A . n 
A 1 109 ALA 109 345 345 ALA ALA A . n 
A 1 110 SER 110 346 346 SER SER A . n 
A 1 111 ARG 111 347 347 ARG ARG A . n 
A 1 112 THR 112 348 ?   ?   ?   A . n 
A 1 113 GLY 113 349 ?   ?   ?   A . n 
A 1 114 LYS 114 350 ?   ?   ?   A . n 
B 1 1   GLY 1   237 ?   ?   ?   B . n 
B 1 2   SER 2   238 ?   ?   ?   B . n 
B 1 3   PRO 3   239 ?   ?   ?   B . n 
B 1 4   GLU 4   240 ?   ?   ?   B . n 
B 1 5   PHE 5   241 ?   ?   ?   B . n 
B 1 6   ARG 6   242 242 ARG ARG B . n 
B 1 7   GLY 7   243 243 GLY GLY B . n 
B 1 8   VAL 8   244 244 VAL VAL B . n 
B 1 9   ILE 9   245 245 ILE ILE B . n 
B 1 10  ILE 10  246 246 ILE ILE B . n 
B 1 11  LYS 11  247 247 LYS LYS B . n 
B 1 12  GLN 12  248 248 GLN GLN B . n 
B 1 13  GLY 13  249 249 GLY GLY B . n 
B 1 14  CYS 14  250 250 CYS CYS B . n 
B 1 15  LEU 15  251 251 LEU LEU B . n 
B 1 16  LEU 16  252 252 LEU LEU B . n 
B 1 17  LYS 17  253 253 LYS LYS B . n 
B 1 18  GLN 18  254 254 GLN GLN B . n 
B 1 19  GLY 19  255 255 GLY GLY B . n 
B 1 20  HIS 20  256 256 HIS HIS B . n 
B 1 21  ARG 21  257 257 ARG ARG B . n 
B 1 22  ARG 22  258 258 ARG ARG B . n 
B 1 23  LYS 23  259 259 LYS LYS B . n 
B 1 24  ASN 24  260 260 ASN ASN B . n 
B 1 25  TRP 25  261 261 TRP TRP B . n 
B 1 26  LYS 26  262 262 LYS LYS B . n 
B 1 27  VAL 27  263 263 VAL VAL B . n 
B 1 28  ARG 28  264 264 ARG ARG B . n 
B 1 29  LYS 29  265 265 LYS LYS B . n 
B 1 30  PHE 30  266 266 PHE PHE B . n 
B 1 31  ILE 31  267 267 ILE ILE B . n 
B 1 32  LEU 32  268 268 LEU LEU B . n 
B 1 33  ARG 33  269 269 ARG ARG B . n 
B 1 34  GLU 34  270 270 GLU GLU B . n 
B 1 35  ASP 35  271 271 ASP ASP B . n 
B 1 36  PRO 36  272 272 PRO PRO B . n 
B 1 37  ALA 37  273 273 ALA ALA B . n 
B 1 38  TYR 38  274 274 TYR TYR B . n 
B 1 39  LEU 39  275 275 LEU LEU B . n 
B 1 40  HIS 40  276 276 HIS HIS B . n 
B 1 41  TYR 41  277 277 TYR TYR B . n 
B 1 42  TYR 42  278 278 TYR TYR B . n 
B 1 43  ASP 43  279 279 ASP ASP B . n 
B 1 44  PRO 44  280 280 PRO PRO B . n 
B 1 45  ALA 45  281 281 ALA ALA B . n 
B 1 46  GLY 46  282 282 GLY GLY B . n 
B 1 47  ALA 47  283 283 ALA ALA B . n 
B 1 48  GLU 48  284 284 GLU GLU B . n 
B 1 49  ASP 49  285 285 ASP ASP B . n 
B 1 50  PRO 50  286 286 PRO PRO B . n 
B 1 51  LEU 51  287 287 LEU LEU B . n 
B 1 52  GLY 52  288 288 GLY GLY B . n 
B 1 53  ALA 53  289 289 ALA ALA B . n 
B 1 54  ILE 54  290 290 ILE ILE B . n 
B 1 55  HIS 55  291 291 HIS HIS B . n 
B 1 56  LEU 56  292 292 LEU LEU B . n 
B 1 57  ARG 57  293 293 ARG ARG B . n 
B 1 58  GLY 58  294 294 GLY GLY B . n 
B 1 59  CYS 59  295 295 CYS CYS B . n 
B 1 60  VAL 60  296 296 VAL VAL B . n 
B 1 61  VAL 61  297 297 VAL VAL B . n 
B 1 62  THR 62  298 298 THR THR B . n 
B 1 63  SER 63  299 299 SER SER B . n 
B 1 64  VAL 64  300 300 VAL VAL B . n 
B 1 65  GLU 65  301 301 GLU GLU B . n 
B 1 66  SER 66  302 ?   ?   ?   B . n 
B 1 67  ASN 67  303 ?   ?   ?   B . n 
B 1 68  SER 68  304 ?   ?   ?   B . n 
B 1 69  ASN 69  305 ?   ?   ?   B . n 
B 1 70  GLY 70  306 ?   ?   ?   B . n 
B 1 71  ARG 71  307 ?   ?   ?   B . n 
B 1 72  LYS 72  308 ?   ?   ?   B . n 
B 1 73  SER 73  309 ?   ?   ?   B . n 
B 1 74  GLU 74  310 310 GLU GLU B . n 
B 1 75  GLU 75  311 311 GLU GLU B . n 
B 1 76  GLU 76  312 312 GLU GLU B . n 
B 1 77  ASN 77  313 313 ASN ASN B . n 
B 1 78  LEU 78  314 314 LEU LEU B . n 
B 1 79  PHE 79  315 315 PHE PHE B . n 
B 1 80  GLU 80  316 316 GLU GLU B . n 
B 1 81  ILE 81  317 317 ILE ILE B . n 
B 1 82  ILE 82  318 318 ILE ILE B . n 
B 1 83  THR 83  319 319 THR THR B . n 
B 1 84  ALA 84  320 320 ALA ALA B . n 
B 1 85  ASP 85  321 321 ASP ASP B . n 
B 1 86  GLU 86  322 322 GLU GLU B . n 
B 1 87  VAL 87  323 323 VAL VAL B . n 
B 1 88  HIS 88  324 324 HIS HIS B . n 
B 1 89  TYR 89  325 325 TYR TYR B . n 
B 1 90  PHE 90  326 326 PHE PHE B . n 
B 1 91  LEU 91  327 327 LEU LEU B . n 
B 1 92  GLN 92  328 328 GLN GLN B . n 
B 1 93  ALA 93  329 329 ALA ALA B . n 
B 1 94  ALA 94  330 330 ALA ALA B . n 
B 1 95  THR 95  331 331 THR THR B . n 
B 1 96  PRO 96  332 332 PRO PRO B . n 
B 1 97  LYS 97  333 333 LYS LYS B . n 
B 1 98  GLU 98  334 334 GLU GLU B . n 
B 1 99  ARG 99  335 335 ARG ARG B . n 
B 1 100 THR 100 336 336 THR THR B . n 
B 1 101 GLU 101 337 337 GLU GLU B . n 
B 1 102 TRP 102 338 338 TRP TRP B . n 
B 1 103 ILE 103 339 339 ILE ILE B . n 
B 1 104 LYS 104 340 340 LYS LYS B . n 
B 1 105 ALA 105 341 341 ALA ALA B . n 
B 1 106 ILE 106 342 342 ILE ILE B . n 
B 1 107 GLN 107 343 343 GLN GLN B . n 
B 1 108 MET 108 344 344 MET MET B . n 
B 1 109 ALA 109 345 345 ALA ALA B . n 
B 1 110 SER 110 346 346 SER SER B . n 
B 1 111 ARG 111 347 347 ARG ARG B . n 
B 1 112 THR 112 348 ?   ?   ?   B . n 
B 1 113 GLY 113 349 ?   ?   ?   B . n 
B 1 114 LYS 114 350 ?   ?   ?   B . n 
# 
loop_
_pdbx_nonpoly_scheme.asym_id 
_pdbx_nonpoly_scheme.entity_id 
_pdbx_nonpoly_scheme.mon_id 
_pdbx_nonpoly_scheme.ndb_seq_num 
_pdbx_nonpoly_scheme.pdb_seq_num 
_pdbx_nonpoly_scheme.auth_seq_num 
_pdbx_nonpoly_scheme.pdb_mon_id 
_pdbx_nonpoly_scheme.auth_mon_id 
_pdbx_nonpoly_scheme.pdb_strand_id 
_pdbx_nonpoly_scheme.pdb_ins_code 
C 2 HOH 1  1   1   HOH HOH A . 
C 2 HOH 2  3   3   HOH HOH A . 
C 2 HOH 3  4   4   HOH HOH A . 
C 2 HOH 4  8   8   HOH HOH A . 
C 2 HOH 5  9   9   HOH HOH A . 
C 2 HOH 6  10  10  HOH HOH A . 
C 2 HOH 7  11  11  HOH HOH A . 
C 2 HOH 8  13  13  HOH HOH A . 
C 2 HOH 9  14  14  HOH HOH A . 
C 2 HOH 10 15  15  HOH HOH A . 
C 2 HOH 11 16  16  HOH HOH A . 
C 2 HOH 12 17  17  HOH HOH A . 
C 2 HOH 13 18  18  HOH HOH A . 
C 2 HOH 14 19  19  HOH HOH A . 
C 2 HOH 15 20  20  HOH HOH A . 
C 2 HOH 16 22  22  HOH HOH A . 
C 2 HOH 17 25  25  HOH HOH A . 
C 2 HOH 18 26  26  HOH HOH A . 
C 2 HOH 19 27  27  HOH HOH A . 
C 2 HOH 20 28  28  HOH HOH A . 
C 2 HOH 21 37  37  HOH HOH A . 
C 2 HOH 22 40  40  HOH HOH A . 
C 2 HOH 23 42  42  HOH HOH A . 
C 2 HOH 24 43  43  HOH HOH A . 
C 2 HOH 25 46  46  HOH HOH A . 
C 2 HOH 26 57  57  HOH HOH A . 
C 2 HOH 27 58  58  HOH HOH A . 
C 2 HOH 28 63  63  HOH HOH A . 
C 2 HOH 29 65  65  HOH HOH A . 
C 2 HOH 30 68  68  HOH HOH A . 
C 2 HOH 31 69  69  HOH HOH A . 
C 2 HOH 32 73  73  HOH HOH A . 
C 2 HOH 33 76  76  HOH HOH A . 
C 2 HOH 34 79  79  HOH HOH A . 
C 2 HOH 35 80  80  HOH HOH A . 
C 2 HOH 36 82  82  HOH HOH A . 
C 2 HOH 37 83  83  HOH HOH A . 
C 2 HOH 38 84  84  HOH HOH A . 
C 2 HOH 39 90  90  HOH HOH A . 
C 2 HOH 40 91  91  HOH HOH A . 
C 2 HOH 41 93  93  HOH HOH A . 
C 2 HOH 42 94  94  HOH HOH A . 
C 2 HOH 43 96  96  HOH HOH A . 
C 2 HOH 44 98  98  HOH HOH A . 
C 2 HOH 45 101 101 HOH HOH A . 
C 2 HOH 46 103 103 HOH HOH A . 
C 2 HOH 47 109 109 HOH HOH A . 
C 2 HOH 48 111 111 HOH HOH A . 
C 2 HOH 49 112 112 HOH HOH A . 
C 2 HOH 50 113 113 HOH HOH A . 
C 2 HOH 51 115 115 HOH HOH A . 
C 2 HOH 52 116 116 HOH HOH A . 
C 2 HOH 53 119 119 HOH HOH A . 
C 2 HOH 54 120 120 HOH HOH A . 
C 2 HOH 55 121 121 HOH HOH A . 
C 2 HOH 56 124 124 HOH HOH A . 
C 2 HOH 57 125 125 HOH HOH A . 
C 2 HOH 58 126 126 HOH HOH A . 
C 2 HOH 59 128 128 HOH HOH A . 
C 2 HOH 60 130 130 HOH HOH A . 
C 2 HOH 61 131 131 HOH HOH A . 
C 2 HOH 62 152 152 HOH HOH A . 
C 2 HOH 63 153 153 HOH HOH A . 
C 2 HOH 64 157 157 HOH HOH A . 
C 2 HOH 65 158 158 HOH HOH A . 
C 2 HOH 66 159 159 HOH HOH A . 
C 2 HOH 67 162 162 HOH HOH A . 
C 2 HOH 68 163 163 HOH HOH A . 
C 2 HOH 69 164 164 HOH HOH A . 
C 2 HOH 70 168 168 HOH HOH A . 
C 2 HOH 71 173 173 HOH HOH A . 
D 2 HOH 1  2   2   HOH HOH B . 
D 2 HOH 2  5   5   HOH HOH B . 
D 2 HOH 3  6   6   HOH HOH B . 
D 2 HOH 4  7   7   HOH HOH B . 
D 2 HOH 5  12  12  HOH HOH B . 
D 2 HOH 6  21  21  HOH HOH B . 
D 2 HOH 7  23  23  HOH HOH B . 
D 2 HOH 8  24  24  HOH HOH B . 
D 2 HOH 9  29  29  HOH HOH B . 
D 2 HOH 10 30  30  HOH HOH B . 
D 2 HOH 11 31  31  HOH HOH B . 
D 2 HOH 12 32  32  HOH HOH B . 
D 2 HOH 13 33  33  HOH HOH B . 
D 2 HOH 14 34  34  HOH HOH B . 
D 2 HOH 15 35  35  HOH HOH B . 
D 2 HOH 16 36  36  HOH HOH B . 
D 2 HOH 17 38  38  HOH HOH B . 
D 2 HOH 18 39  39  HOH HOH B . 
D 2 HOH 19 41  41  HOH HOH B . 
D 2 HOH 20 44  44  HOH HOH B . 
D 2 HOH 21 45  45  HOH HOH B . 
D 2 HOH 22 47  47  HOH HOH B . 
D 2 HOH 23 48  48  HOH HOH B . 
D 2 HOH 24 49  49  HOH HOH B . 
D 2 HOH 25 50  50  HOH HOH B . 
D 2 HOH 26 51  51  HOH HOH B . 
D 2 HOH 27 52  52  HOH HOH B . 
D 2 HOH 28 53  53  HOH HOH B . 
D 2 HOH 29 54  54  HOH HOH B . 
D 2 HOH 30 56  56  HOH HOH B . 
D 2 HOH 31 59  59  HOH HOH B . 
D 2 HOH 32 60  60  HOH HOH B . 
D 2 HOH 33 61  61  HOH HOH B . 
D 2 HOH 34 62  62  HOH HOH B . 
D 2 HOH 35 64  64  HOH HOH B . 
D 2 HOH 36 66  66  HOH HOH B . 
D 2 HOH 37 70  70  HOH HOH B . 
D 2 HOH 38 72  72  HOH HOH B . 
D 2 HOH 39 74  74  HOH HOH B . 
D 2 HOH 40 75  75  HOH HOH B . 
D 2 HOH 41 77  77  HOH HOH B . 
D 2 HOH 42 78  78  HOH HOH B . 
D 2 HOH 43 85  85  HOH HOH B . 
D 2 HOH 44 86  86  HOH HOH B . 
D 2 HOH 45 87  87  HOH HOH B . 
D 2 HOH 46 88  88  HOH HOH B . 
D 2 HOH 47 89  89  HOH HOH B . 
D 2 HOH 48 92  92  HOH HOH B . 
D 2 HOH 49 95  95  HOH HOH B . 
D 2 HOH 50 97  97  HOH HOH B . 
D 2 HOH 51 99  99  HOH HOH B . 
D 2 HOH 52 100 100 HOH HOH B . 
D 2 HOH 53 102 102 HOH HOH B . 
D 2 HOH 54 105 105 HOH HOH B . 
D 2 HOH 55 106 106 HOH HOH B . 
D 2 HOH 56 107 107 HOH HOH B . 
D 2 HOH 57 108 108 HOH HOH B . 
D 2 HOH 58 110 110 HOH HOH B . 
D 2 HOH 59 122 122 HOH HOH B . 
D 2 HOH 60 123 123 HOH HOH B . 
D 2 HOH 61 127 127 HOH HOH B . 
D 2 HOH 62 129 129 HOH HOH B . 
D 2 HOH 63 132 132 HOH HOH B . 
D 2 HOH 64 133 133 HOH HOH B . 
D 2 HOH 65 134 134 HOH HOH B . 
D 2 HOH 66 135 135 HOH HOH B . 
D 2 HOH 67 136 136 HOH HOH B . 
D 2 HOH 68 137 137 HOH HOH B . 
D 2 HOH 69 138 138 HOH HOH B . 
D 2 HOH 70 139 139 HOH HOH B . 
D 2 HOH 71 140 140 HOH HOH B . 
D 2 HOH 72 141 141 HOH HOH B . 
D 2 HOH 73 142 142 HOH HOH B . 
D 2 HOH 74 143 143 HOH HOH B . 
D 2 HOH 75 144 144 HOH HOH B . 
D 2 HOH 76 145 145 HOH HOH B . 
D 2 HOH 77 147 147 HOH HOH B . 
D 2 HOH 78 148 148 HOH HOH B . 
D 2 HOH 79 149 149 HOH HOH B . 
D 2 HOH 80 154 154 HOH HOH B . 
D 2 HOH 81 155 155 HOH HOH B . 
D 2 HOH 82 156 156 HOH HOH B . 
D 2 HOH 83 160 160 HOH HOH B . 
D 2 HOH 84 161 161 HOH HOH B . 
D 2 HOH 85 165 165 HOH HOH B . 
D 2 HOH 86 166 166 HOH HOH B . 
D 2 HOH 87 167 167 HOH HOH B . 
D 2 HOH 88 169 169 HOH HOH B . 
D 2 HOH 89 170 170 HOH HOH B . 
D 2 HOH 90 172 172 HOH HOH B . 
D 2 HOH 91 174 174 HOH HOH B . 
D 2 HOH 92 175 175 HOH HOH B . 
# 
loop_
_pdbx_unobs_or_zero_occ_atoms.id 
_pdbx_unobs_or_zero_occ_atoms.PDB_model_num 
_pdbx_unobs_or_zero_occ_atoms.polymer_flag 
_pdbx_unobs_or_zero_occ_atoms.occupancy_flag 
_pdbx_unobs_or_zero_occ_atoms.auth_asym_id 
_pdbx_unobs_or_zero_occ_atoms.auth_comp_id 
_pdbx_unobs_or_zero_occ_atoms.auth_seq_id 
_pdbx_unobs_or_zero_occ_atoms.PDB_ins_code 
_pdbx_unobs_or_zero_occ_atoms.auth_atom_id 
_pdbx_unobs_or_zero_occ_atoms.label_alt_id 
_pdbx_unobs_or_zero_occ_atoms.label_asym_id 
_pdbx_unobs_or_zero_occ_atoms.label_comp_id 
_pdbx_unobs_or_zero_occ_atoms.label_seq_id 
_pdbx_unobs_or_zero_occ_atoms.label_atom_id 
1  1 Y 1 A GLU 301 ? CG  ? A GLU 65  CG  
2  1 Y 1 A GLU 301 ? CD  ? A GLU 65  CD  
3  1 Y 1 A GLU 301 ? OE1 ? A GLU 65  OE1 
4  1 Y 1 A GLU 301 ? OE2 ? A GLU 65  OE2 
5  1 Y 1 B ARG 242 ? CG  ? B ARG 6   CG  
6  1 Y 1 B ARG 242 ? CD  ? B ARG 6   CD  
7  1 Y 1 B ARG 242 ? NE  ? B ARG 6   NE  
8  1 Y 1 B ARG 242 ? CZ  ? B ARG 6   CZ  
9  1 Y 1 B ARG 242 ? NH1 ? B ARG 6   NH1 
10 1 Y 1 B ARG 242 ? NH2 ? B ARG 6   NH2 
11 1 Y 1 B GLU 310 ? CG  ? B GLU 74  CG  
12 1 Y 1 B GLU 310 ? CD  ? B GLU 74  CD  
13 1 Y 1 B GLU 310 ? OE1 ? B GLU 74  OE1 
14 1 Y 1 B GLU 310 ? OE2 ? B GLU 74  OE2 
15 1 Y 1 B ARG 347 ? CG  ? B ARG 111 CG  
16 1 Y 1 B ARG 347 ? CD  ? B ARG 111 CD  
17 1 Y 1 B ARG 347 ? NE  ? B ARG 111 NE  
18 1 Y 1 B ARG 347 ? CZ  ? B ARG 111 CZ  
19 1 Y 1 B ARG 347 ? NH1 ? B ARG 111 NH1 
20 1 Y 1 B ARG 347 ? NH2 ? B ARG 111 NH2 
# 
loop_
_software.name 
_software.version 
_software.date 
_software.type 
_software.contact_author 
_software.contact_author_email 
_software.classification 
_software.location 
_software.language 
_software.citation_id 
_software.pdbx_ordinal 
DENZO       .     ?               package 'Zbyszek Otwinowski' zbyszek@mix.swmed.edu    'data reduction'  
http://www.lnls.br/infra/linhasluz/denzo-hkl.htm ?          ? 1 
SCALEPACK   .     ?               package 'Zbyszek Otwinowski' zbyszek@mix.swmed.edu    'data scaling'    
http://www.lnls.br/infra/linhasluz/denzo-hkl.htm ?          ? 2 
MOLREP      .     ?               program 'A. Vagin'           alexei@ysbl.york.ac.uk   phasing           
http://www.ccp4.ac.uk/dist/html/molrep.html      Fortran    ? 3 
CNS         .     ?               package 'Axel T. Brunger'    axel.brunger@yale.edu    refinement        
http://cns.csb.yale.edu/v1.1/                    Fortran_77 ? 4 
PDB_EXTRACT 1.600 'Jan. 30, 2005' package PDB                  sw-help@rcsb.rutgers.edu 'data extraction' 
http://pdb.rutgers.edu/software/                 C++        ? 5 
# 
_cell.length_a           54.572 
_cell.length_b           54.572 
_cell.length_c           148.213 
_cell.angle_alpha        90.00 
_cell.angle_beta         90.00 
_cell.angle_gamma        90.00 
_cell.entry_id           1ZM0 
_cell.pdbx_unique_axis   ? 
_cell.Z_PDB              16 
_cell.length_a_esd       ? 
_cell.length_b_esd       ? 
_cell.length_c_esd       ? 
_cell.angle_alpha_esd    ? 
_cell.angle_beta_esd     ? 
_cell.angle_gamma_esd    ? 
# 
_symmetry.space_group_name_H-M             'P 41 21 2' 
_symmetry.entry_id                         1ZM0 
_symmetry.pdbx_full_space_group_name_H-M   ? 
_symmetry.Int_Tables_number                92 
_symmetry.cell_setting                     ? 
_symmetry.space_group_name_Hall            ? 
# 
_exptl.entry_id          1ZM0 
_exptl.crystals_number   1 
_exptl.method            'X-RAY DIFFRACTION' 
# 
_exptl_crystal.id                    1 
_exptl_crystal.density_Matthews      2.106 
_exptl_crystal.density_meas          ? 
_exptl_crystal.density_percent_sol   40.495 
_exptl_crystal.description           ? 
_exptl_crystal.F_000                 ? 
_exptl_crystal.preparation           ? 
# 
_exptl_crystal_grow.crystal_id      1 
_exptl_crystal_grow.method          'VAPOR DIFFUSION, HANGING DROP' 
_exptl_crystal_grow.pH              8.9 
_exptl_crystal_grow.temp            297.15 
_exptl_crystal_grow.temp_details    ? 
_exptl_crystal_grow.pdbx_details    
'0.1 M Tris, 0.05 M magnesium acetate, 6.0% glycerol, pH 8.9, VAPOR DIFFUSION, HANGING DROP, temperature 297.15K' 
_exptl_crystal_grow.pdbx_pH_range   . 
# 
_diffrn.id                     1 
_diffrn.ambient_temp           100 
_diffrn.ambient_temp_details   ? 
_diffrn.crystal_id             1 
# 
_diffrn_detector.diffrn_id              1 
_diffrn_detector.detector               'IMAGE PLATE' 
_diffrn_detector.type                   'RIGAKU RAXIS IV++' 
_diffrn_detector.pdbx_collection_date   2002-03-12 
_diffrn_detector.details                mirrors 
# 
_diffrn_radiation.diffrn_id                        1 
_diffrn_radiation.wavelength_id                    1 
_diffrn_radiation.pdbx_diffrn_protocol             'SINGLE WAVELENGTH' 
_diffrn_radiation.monochromator                    'Yale MIRRORS' 
_diffrn_radiation.pdbx_monochromatic_or_laue_m_l   M 
_diffrn_radiation.pdbx_scattering_type             x-ray 
# 
_diffrn_radiation_wavelength.id           1 
_diffrn_radiation_wavelength.wavelength   1.5418 
_diffrn_radiation_wavelength.wt           1.0 
# 
_diffrn_source.diffrn_id                   1 
_diffrn_source.source                      'ROTATING ANODE' 
_diffrn_source.type                        'RIGAKU RU300' 
_diffrn_source.pdbx_wavelength             ? 
_diffrn_source.pdbx_wavelength_list        1.5418 
_diffrn_source.pdbx_synchrotron_site       ? 
_diffrn_source.pdbx_synchrotron_beamline   ? 
# 
_reflns.entry_id                     1ZM0 
_reflns.d_resolution_low             25.00 
_reflns.d_resolution_high            2.10 
_reflns.number_obs                   13038 
_reflns.percent_possible_obs         94.200 
_reflns.pdbx_Rmerge_I_obs            0.05 
_reflns.pdbx_chi_squared             1.209 
_reflns.pdbx_redundancy              ? 
_reflns.pdbx_scaling_rejects         ? 
_reflns.pdbx_netI_over_sigmaI        ? 
_reflns.pdbx_Rsym_value              ? 
_reflns.observed_criterion_sigma_F   2.5 
_reflns.observed_criterion_sigma_I   2.5 
_reflns.number_all                   13038 
_reflns.B_iso_Wilson_estimate        38.76 
_reflns.R_free_details               ? 
_reflns.limit_h_max                  ? 
_reflns.limit_h_min                  ? 
_reflns.limit_k_max                  ? 
_reflns.limit_k_min                  ? 
_reflns.limit_l_max                  ? 
_reflns.limit_l_min                  ? 
_reflns.observed_criterion_F_max     ? 
_reflns.observed_criterion_F_min     ? 
_reflns.pdbx_diffrn_id               1 
_reflns.pdbx_ordinal                 1 
# 
_reflns_shell.d_res_low              2.14 
_reflns_shell.d_res_high             2.10 
_reflns_shell.number_measured_obs    459 
_reflns_shell.percent_possible_obs   70.500 
_reflns_shell.Rmerge_I_obs           0.174 
_reflns_shell.pdbx_chi_squared       0.798 
_reflns_shell.pdbx_redundancy        ? 
_reflns_shell.number_unique_obs      ? 
_reflns_shell.meanI_over_sigI_obs    3.24 
_reflns_shell.pdbx_Rsym_value        0.147 
_reflns_shell.percent_possible_all   70.5 
_reflns_shell.number_unique_all      459 
_reflns_shell.number_measured_all    ? 
_reflns_shell.pdbx_diffrn_id         ? 
_reflns_shell.pdbx_ordinal           1 
# 
_refine.ls_d_res_high                            2.100 
_refine.ls_d_res_low                             25.000 
_refine.pdbx_ls_sigma_F                          898.00 
_refine.ls_percent_reflns_obs                    87.800 
_refine.ls_number_reflns_obs                     12111 
_refine.ls_R_factor_R_work                       0.236 
_refine.ls_R_factor_R_free                       0.244 
_refine.ls_percent_reflns_R_free                 6.600 
_refine.ls_number_reflns_R_free                  914 
_refine.B_iso_mean                               50.129 
_refine.solvent_model_param_bsol                 81.695 
_refine.aniso_B[1][1]                            -5.365 
_refine.aniso_B[2][2]                            -5.365 
_refine.aniso_B[3][3]                            10.730 
_refine.aniso_B[1][2]                            0.000 
_refine.aniso_B[1][3]                            0.000 
_refine.aniso_B[2][3]                            0.000 
_refine.entry_id                                 1ZM0 
_refine.pdbx_ls_sigma_I                          ? 
_refine.ls_number_reflns_all                     13038 
_refine.ls_R_factor_all                          0.244 
_refine.ls_R_factor_obs                          0.236 
_refine.ls_redundancy_reflns_obs                 ? 
_refine.pdbx_data_cutoff_high_absF               ? 
_refine.pdbx_data_cutoff_low_absF                ? 
_refine.ls_number_parameters                     ? 
_refine.ls_number_restraints                     ? 
_refine.ls_R_factor_R_free_error                 ? 
_refine.ls_R_factor_R_free_error_details         ? 
_refine.pdbx_method_to_determine_struct          'MOLECULAR REPLACEMENT' 
_refine.pdbx_starting_model                      ? 
_refine.pdbx_ls_cross_valid_method               THROUGHOUT 
_refine.pdbx_R_Free_selection_details            Random 
_refine.pdbx_stereochem_target_val_spec_case     ? 
_refine.pdbx_stereochemistry_target_values       'Engh & Huber' 
_refine.solvent_model_details                    ? 
_refine.solvent_model_param_ksol                 ? 
_refine.occupancy_max                            ? 
_refine.occupancy_min                            ? 
_refine.pdbx_isotropic_thermal_model             anisotropic 
_refine.details                                  ? 
_refine.B_iso_min                                ? 
_refine.B_iso_max                                ? 
_refine.correlation_coeff_Fo_to_Fc               ? 
_refine.correlation_coeff_Fo_to_Fc_free          ? 
_refine.pdbx_solvent_vdw_probe_radii             ? 
_refine.pdbx_solvent_ion_probe_radii             ? 
_refine.pdbx_solvent_shrinkage_radii             ? 
_refine.overall_SU_R_Cruickshank_DPI             ? 
_refine.overall_SU_R_free                        ? 
_refine.overall_SU_ML                            ? 
_refine.overall_SU_B                             ? 
_refine.pdbx_overall_ESU_R_Free                  ? 
_refine.pdbx_data_cutoff_high_rms_absF           ? 
_refine.pdbx_overall_ESU_R                       ? 
_refine.ls_wR_factor_R_free                      ? 
_refine.ls_wR_factor_R_work                      ? 
_refine.overall_FOM_free_R_set                   ? 
_refine.overall_FOM_work_R_set                   ? 
_refine.pdbx_refine_id                           'X-RAY DIFFRACTION' 
_refine.pdbx_diffrn_id                           1 
_refine.pdbx_TLS_residual_ADP_flag               ? 
_refine.pdbx_overall_phase_error                 ? 
_refine.pdbx_overall_SU_R_free_Cruickshank_DPI   ? 
_refine.pdbx_overall_SU_R_Blow_DPI               ? 
_refine.pdbx_overall_SU_R_free_Blow_DPI          ? 
# 
_refine_analyze.entry_id                        1ZM0 
_refine_analyze.Luzzati_coordinate_error_obs    0.28 
_refine_analyze.Luzzati_sigma_a_obs             0.24 
_refine_analyze.Luzzati_d_res_low_obs           5.0 
_refine_analyze.Luzzati_coordinate_error_free   0.31 
_refine_analyze.Luzzati_sigma_a_free            0.22 
_refine_analyze.Luzzati_d_res_low_free          ? 
_refine_analyze.number_disordered_residues      ? 
_refine_analyze.occupancy_sum_non_hydrogen      ? 
_refine_analyze.occupancy_sum_hydrogen          ? 
_refine_analyze.pdbx_Luzzati_d_res_high_obs     ? 
_refine_analyze.pdbx_refine_id                  'X-RAY DIFFRACTION' 
# 
_refine_hist.pdbx_refine_id                   'X-RAY DIFFRACTION' 
_refine_hist.cycle_id                         LAST 
_refine_hist.pdbx_number_atoms_protein        1562 
_refine_hist.pdbx_number_atoms_nucleic_acid   0 
_refine_hist.pdbx_number_atoms_ligand         0 
_refine_hist.number_atoms_solvent             163 
_refine_hist.number_atoms_total               1725 
_refine_hist.d_res_high                       2.100 
_refine_hist.d_res_low                        25.000 
# 
loop_
_refine_ls_restr.type 
_refine_ls_restr.dev_ideal 
_refine_ls_restr.dev_ideal_target 
_refine_ls_restr.number 
_refine_ls_restr.weight 
_refine_ls_restr.pdbx_refine_id 
_refine_ls_restr.pdbx_restraint_function 
c_bond_d           0.012 ? ? ? 'X-RAY DIFFRACTION' ? 
c_angle_deg        1.9   ? ? ? 'X-RAY DIFFRACTION' ? 
c_dihedral_angle_d 26.7  ? ? ? 'X-RAY DIFFRACTION' ? 
c_improper_angle_d 1.34  ? ? ? 'X-RAY DIFFRACTION' ? 
# 
loop_
_pdbx_xplor_file.serial_no 
_pdbx_xplor_file.param_file 
_pdbx_xplor_file.topol_file 
_pdbx_xplor_file.pdbx_refine_id 
1 CNS_TOPPAR:protein_rep.param ? 'X-RAY DIFFRACTION' 
2 CNS_TOPPAR:water.param       ? 'X-RAY DIFFRACTION' 
# 
_struct.entry_id                  1ZM0 
_struct.title                     'Crystal Structure of the Carboxyl Terminal PH Domain of Pleckstrin To 2.1 Angstroms' 
_struct.pdbx_model_details        ? 
_struct.pdbx_CASP_flag            ? 
_struct.pdbx_model_type_details   ? 
# 
_struct_keywords.entry_id        1ZM0 
_struct_keywords.pdbx_keywords   'LIPID BINDING PROTEIN' 
_struct_keywords.text            'PH DOMAIN, BETA SANDWICH, PLECKSTRIN, LIPID BINDING PROTEIN' 
# 
loop_
_struct_asym.id 
_struct_asym.pdbx_blank_PDB_chainid_flag 
_struct_asym.pdbx_modified 
_struct_asym.entity_id 
_struct_asym.details 
A N N 1 ? 
B N N 1 ? 
C N N 2 ? 
D N N 2 ? 
# 
_struct_ref.id                         1 
_struct_ref.db_name                    UNP 
_struct_ref.db_code                    PLEK_HUMAN 
_struct_ref.pdbx_db_accession          P08567 
_struct_ref.entity_id                  1 
_struct_ref.pdbx_seq_one_letter_code   
;EFRGVIIKQGCLLKQGHRRKNWKVRKFILREDPAYLHYYDPAGAEDPLGAIHLRGCVVTSVESNSNGRKSEEENLFEIIT
ADEVHYFLQAATPKERTEWIKAIQMASRTGK
;
_struct_ref.pdbx_align_begin           240 
_struct_ref.pdbx_db_isoform            ? 
# 
loop_
_struct_ref_seq.align_id 
_struct_ref_seq.ref_id 
_struct_ref_seq.pdbx_PDB_id_code 
_struct_ref_seq.pdbx_strand_id 
_struct_ref_seq.seq_align_beg 
_struct_ref_seq.pdbx_seq_align_beg_ins_code 
_struct_ref_seq.seq_align_end 
_struct_ref_seq.pdbx_seq_align_end_ins_code 
_struct_ref_seq.pdbx_db_accession 
_struct_ref_seq.db_align_beg 
_struct_ref_seq.pdbx_db_align_beg_ins_code 
_struct_ref_seq.db_align_end 
_struct_ref_seq.pdbx_db_align_end_ins_code 
_struct_ref_seq.pdbx_auth_seq_align_beg 
_struct_ref_seq.pdbx_auth_seq_align_end 
1 1 1ZM0 A 4 ? 114 ? P08567 240 ? 350 ? 240 350 
2 1 1ZM0 B 4 ? 114 ? P08567 240 ? 350 ? 240 350 
# 
loop_
_struct_ref_seq_dif.align_id 
_struct_ref_seq_dif.pdbx_pdb_id_code 
_struct_ref_seq_dif.mon_id 
_struct_ref_seq_dif.pdbx_pdb_strand_id 
_struct_ref_seq_dif.seq_num 
_struct_ref_seq_dif.pdbx_pdb_ins_code 
_struct_ref_seq_dif.pdbx_seq_db_name 
_struct_ref_seq_dif.pdbx_seq_db_accession_code 
_struct_ref_seq_dif.db_mon_id 
_struct_ref_seq_dif.pdbx_seq_db_seq_num 
_struct_ref_seq_dif.details 
_struct_ref_seq_dif.pdbx_auth_seq_num 
_struct_ref_seq_dif.pdbx_ordinal 
1 1ZM0 GLY A 1 ? UNP P08567 ? ? 'cloning artifact' 237 1 
1 1ZM0 SER A 2 ? UNP P08567 ? ? 'cloning artifact' 238 2 
1 1ZM0 PRO A 3 ? UNP P08567 ? ? 'cloning artifact' 239 3 
2 1ZM0 GLY B 1 ? UNP P08567 ? ? 'cloning artifact' 237 4 
2 1ZM0 SER B 2 ? UNP P08567 ? ? 'cloning artifact' 238 5 
2 1ZM0 PRO B 3 ? UNP P08567 ? ? 'cloning artifact' 239 6 
# 
loop_
_pdbx_struct_assembly.id 
_pdbx_struct_assembly.details 
_pdbx_struct_assembly.method_details 
_pdbx_struct_assembly.oligomeric_details 
_pdbx_struct_assembly.oligomeric_count 
1 author_defined_assembly              ?    monomeric 1 
2 author_and_software_defined_assembly PISA monomeric 1 
3 software_defined_assembly            PISA dimeric   2 
# 
loop_
_pdbx_struct_assembly_prop.biol_id 
_pdbx_struct_assembly_prop.type 
_pdbx_struct_assembly_prop.value 
_pdbx_struct_assembly_prop.details 
3 'ABSA (A^2)' 1830 ? 
3 MORE         -5   ? 
3 'SSA (A^2)'  9850 ? 
# 
loop_
_pdbx_struct_assembly_gen.assembly_id 
_pdbx_struct_assembly_gen.oper_expression 
_pdbx_struct_assembly_gen.asym_id_list 
1 1   A,C 
2 1   B,D 
3 1,2 A,C 
# 
loop_
_pdbx_struct_assembly_auth_evidence.id 
_pdbx_struct_assembly_auth_evidence.assembly_id 
_pdbx_struct_assembly_auth_evidence.experimental_support 
_pdbx_struct_assembly_auth_evidence.details 
1 1 'equilibrium centrifugation' ? 
2 2 'equilibrium centrifugation' ? 
# 
loop_
_pdbx_struct_oper_list.id 
_pdbx_struct_oper_list.type 
_pdbx_struct_oper_list.name 
_pdbx_struct_oper_list.symmetry_operation 
_pdbx_struct_oper_list.matrix[1][1] 
_pdbx_struct_oper_list.matrix[1][2] 
_pdbx_struct_oper_list.matrix[1][3] 
_pdbx_struct_oper_list.vector[1] 
_pdbx_struct_oper_list.matrix[2][1] 
_pdbx_struct_oper_list.matrix[2][2] 
_pdbx_struct_oper_list.matrix[2][3] 
_pdbx_struct_oper_list.vector[2] 
_pdbx_struct_oper_list.matrix[3][1] 
_pdbx_struct_oper_list.matrix[3][2] 
_pdbx_struct_oper_list.matrix[3][3] 
_pdbx_struct_oper_list.vector[3] 
1 'identity operation'         1_555 x,y,z      1.0000000000  0.0000000000 0.0000000000 0.0000000000  0.0000000000 1.0000000000  0.0000000000 0.0000000000   0.0000000000 0.0000000000 1.0000000000  0.0000000000   
2 'crystal symmetry operation' 7_465 y-1,x+1,-z -0.0346756539 0.2914041798 0.9559713401 25.9583294323 0.2914041798 -0.9120333012 0.2885807712 -18.3186445235 0.9559713401 0.2885807712 -0.0532910449 -20.6283148615 
# 
loop_
_struct_biol.id 
_struct_biol.details 
_struct_biol.pdbx_parent_biol_id 
1 'Biological unit is one monomer of the observed dimer in the asymmetric unit. Determined by analytical ultracentrifugation.' ? 
2 ?                                                                                                                            ? 
# 
loop_
_struct_conf.conf_type_id 
_struct_conf.id 
_struct_conf.pdbx_PDB_helix_id 
_struct_conf.beg_label_comp_id 
_struct_conf.beg_label_asym_id 
_struct_conf.beg_label_seq_id 
_struct_conf.pdbx_beg_PDB_ins_code 
_struct_conf.end_label_comp_id 
_struct_conf.end_label_asym_id 
_struct_conf.end_label_seq_id 
_struct_conf.pdbx_end_PDB_ins_code 
_struct_conf.beg_auth_comp_id 
_struct_conf.beg_auth_asym_id 
_struct_conf.beg_auth_seq_id 
_struct_conf.end_auth_comp_id 
_struct_conf.end_auth_asym_id 
_struct_conf.end_auth_seq_id 
_struct_conf.pdbx_PDB_helix_class 
_struct_conf.details 
_struct_conf.pdbx_PDB_helix_length 
HELX_P HELX_P1 1 THR A 95 ? SER A 110 ? THR A 331 SER A 346 1 ? 16 
HELX_P HELX_P2 2 THR B 95 ? SER B 110 ? THR B 331 SER B 346 1 ? 16 
# 
_struct_conf_type.id          HELX_P 
_struct_conf_type.criteria    ? 
_struct_conf_type.reference   ? 
# 
loop_
_struct_sheet.id 
_struct_sheet.type 
_struct_sheet.number_strands 
_struct_sheet.details 
A ? 7 ? 
B ? 7 ? 
# 
loop_
_struct_sheet_order.sheet_id 
_struct_sheet_order.range_id_1 
_struct_sheet_order.range_id_2 
_struct_sheet_order.offset 
_struct_sheet_order.sense 
A 1 2 ? anti-parallel 
A 2 3 ? anti-parallel 
A 3 4 ? anti-parallel 
A 4 5 ? anti-parallel 
A 5 6 ? anti-parallel 
A 6 7 ? anti-parallel 
B 1 2 ? anti-parallel 
B 2 3 ? anti-parallel 
B 3 4 ? anti-parallel 
B 4 5 ? anti-parallel 
B 5 6 ? anti-parallel 
B 6 7 ? anti-parallel 
# 
loop_
_struct_sheet_range.sheet_id 
_struct_sheet_range.id 
_struct_sheet_range.beg_label_comp_id 
_struct_sheet_range.beg_label_asym_id 
_struct_sheet_range.beg_label_seq_id 
_struct_sheet_range.pdbx_beg_PDB_ins_code 
_struct_sheet_range.end_label_comp_id 
_struct_sheet_range.end_label_asym_id 
_struct_sheet_range.end_label_seq_id 
_struct_sheet_range.pdbx_end_PDB_ins_code 
_struct_sheet_range.beg_auth_comp_id 
_struct_sheet_range.beg_auth_asym_id 
_struct_sheet_range.beg_auth_seq_id 
_struct_sheet_range.end_auth_comp_id 
_struct_sheet_range.end_auth_asym_id 
_struct_sheet_range.end_auth_seq_id 
A 1 GLY A 52 ? HIS A 55 ? GLY A 288 HIS A 291 
A 2 TYR A 38 ? TYR A 42 ? TYR A 274 TYR A 278 
A 3 TRP A 25 ? ARG A 33 ? TRP A 261 ARG A 269 
A 4 ILE A 9  ? GLN A 18 ? ILE A 245 GLN A 254 
A 5 HIS A 88 ? GLN A 92 ? HIS A 324 GLN A 328 
A 6 LEU A 78 ? ILE A 82 ? LEU A 314 ILE A 318 
A 7 VAL A 60 ? VAL A 64 ? VAL A 296 VAL A 300 
B 1 GLY B 52 ? HIS B 55 ? GLY B 288 HIS B 291 
B 2 TYR B 38 ? TYR B 42 ? TYR B 274 TYR B 278 
B 3 TRP B 25 ? ARG B 33 ? TRP B 261 ARG B 269 
B 4 ILE B 9  ? GLN B 18 ? ILE B 245 GLN B 254 
B 5 HIS B 88 ? GLN B 92 ? HIS B 324 GLN B 328 
B 6 LEU B 78 ? ILE B 82 ? LEU B 314 ILE B 318 
B 7 VAL B 60 ? VAL B 64 ? VAL B 296 VAL B 300 
# 
loop_
_pdbx_struct_sheet_hbond.sheet_id 
_pdbx_struct_sheet_hbond.range_id_1 
_pdbx_struct_sheet_hbond.range_id_2 
_pdbx_struct_sheet_hbond.range_1_label_atom_id 
_pdbx_struct_sheet_hbond.range_1_label_comp_id 
_pdbx_struct_sheet_hbond.range_1_label_asym_id 
_pdbx_struct_sheet_hbond.range_1_label_seq_id 
_pdbx_struct_sheet_hbond.range_1_PDB_ins_code 
_pdbx_struct_sheet_hbond.range_1_auth_atom_id 
_pdbx_struct_sheet_hbond.range_1_auth_comp_id 
_pdbx_struct_sheet_hbond.range_1_auth_asym_id 
_pdbx_struct_sheet_hbond.range_1_auth_seq_id 
_pdbx_struct_sheet_hbond.range_2_label_atom_id 
_pdbx_struct_sheet_hbond.range_2_label_comp_id 
_pdbx_struct_sheet_hbond.range_2_label_asym_id 
_pdbx_struct_sheet_hbond.range_2_label_seq_id 
_pdbx_struct_sheet_hbond.range_2_PDB_ins_code 
_pdbx_struct_sheet_hbond.range_2_auth_atom_id 
_pdbx_struct_sheet_hbond.range_2_auth_comp_id 
_pdbx_struct_sheet_hbond.range_2_auth_asym_id 
_pdbx_struct_sheet_hbond.range_2_auth_seq_id 
A 1 2 O ILE A 54 ? O ILE A 290 N LEU A 39 ? N LEU A 275 
A 2 3 O TYR A 38 ? O TYR A 274 N ARG A 33 ? N ARG A 269 
A 3 4 O PHE A 30 ? O PHE A 266 N GLY A 13 ? N GLY A 249 
A 4 5 N GLN A 18 ? N GLN A 254 O PHE A 90 ? O PHE A 326 
A 5 6 O TYR A 89 ? O TYR A 325 N ILE A 81 ? N ILE A 317 
A 6 7 O GLU A 80 ? O GLU A 316 N THR A 62 ? N THR A 298 
B 1 2 O ILE B 54 ? O ILE B 290 N LEU B 39 ? N LEU B 275 
B 2 3 O TYR B 42 ? O TYR B 278 N LYS B 29 ? N LYS B 265 
B 3 4 O LYS B 26 ? O LYS B 262 N LYS B 17 ? N LYS B 253 
B 4 5 N GLN B 18 ? N GLN B 254 O PHE B 90 ? O PHE B 326 
B 5 6 O LEU B 91 ? O LEU B 327 N PHE B 79 ? N PHE B 315 
B 6 7 O LEU B 78 ? O LEU B 314 N VAL B 64 ? N VAL B 300 
# 
_pdbx_validate_rmsd_angle.id                         1 
_pdbx_validate_rmsd_angle.PDB_model_num              1 
_pdbx_validate_rmsd_angle.auth_atom_id_1             O 
_pdbx_validate_rmsd_angle.auth_asym_id_1             B 
_pdbx_validate_rmsd_angle.auth_comp_id_1             GLU 
_pdbx_validate_rmsd_angle.auth_seq_id_1              270 
_pdbx_validate_rmsd_angle.PDB_ins_code_1             ? 
_pdbx_validate_rmsd_angle.label_alt_id_1             ? 
_pdbx_validate_rmsd_angle.auth_atom_id_2             C 
_pdbx_validate_rmsd_angle.auth_asym_id_2             B 
_pdbx_validate_rmsd_angle.auth_comp_id_2             GLU 
_pdbx_validate_rmsd_angle.auth_seq_id_2              270 
_pdbx_validate_rmsd_angle.PDB_ins_code_2             ? 
_pdbx_validate_rmsd_angle.label_alt_id_2             ? 
_pdbx_validate_rmsd_angle.auth_atom_id_3             N 
_pdbx_validate_rmsd_angle.auth_asym_id_3             B 
_pdbx_validate_rmsd_angle.auth_comp_id_3             ASP 
_pdbx_validate_rmsd_angle.auth_seq_id_3              271 
_pdbx_validate_rmsd_angle.PDB_ins_code_3             ? 
_pdbx_validate_rmsd_angle.label_alt_id_3             ? 
_pdbx_validate_rmsd_angle.angle_value                112.82 
_pdbx_validate_rmsd_angle.angle_target_value         122.70 
_pdbx_validate_rmsd_angle.angle_deviation            -9.88 
_pdbx_validate_rmsd_angle.angle_standard_deviation   1.60 
_pdbx_validate_rmsd_angle.linker_flag                Y 
# 
loop_
_pdbx_validate_torsion.id 
_pdbx_validate_torsion.PDB_model_num 
_pdbx_validate_torsion.auth_comp_id 
_pdbx_validate_torsion.auth_asym_id 
_pdbx_validate_torsion.auth_seq_id 
_pdbx_validate_torsion.PDB_ins_code 
_pdbx_validate_torsion.label_alt_id 
_pdbx_validate_torsion.phi 
_pdbx_validate_torsion.psi 
1  1 ARG A 257 ? ? -53.62  -85.11  
2  1 ASP A 271 ? ? -48.30  -82.61  
3  1 PRO A 280 ? ? -49.45  -15.80  
4  1 ALA A 281 ? ? -84.81  -140.98 
5  1 ARG A 293 ? ? -59.94  109.11  
6  1 LYS B 259 ? ? -103.93 43.61   
7  1 GLU B 270 ? ? -100.46 -90.90  
8  1 ASP B 271 ? ? -26.37  -80.36  
9  1 ALA B 281 ? ? -88.93  -158.22 
10 1 SER B 346 ? ? -70.19  24.29   
# 
_pdbx_phasing_MR.entry_id                     1ZM0 
_pdbx_phasing_MR.method_rotation              ? 
_pdbx_phasing_MR.method_translation           ? 
_pdbx_phasing_MR.model_details                ? 
_pdbx_phasing_MR.R_factor                     0.657 
_pdbx_phasing_MR.R_rigid_body                 ? 
_pdbx_phasing_MR.correlation_coeff_Fo_to_Fc   0.461 
_pdbx_phasing_MR.correlation_coeff_Io_to_Ic   ? 
_pdbx_phasing_MR.d_res_high_rotation          3.000 
_pdbx_phasing_MR.d_res_low_rotation           44.110 
_pdbx_phasing_MR.d_res_high_translation       3.000 
_pdbx_phasing_MR.d_res_low_translation        44.110 
_pdbx_phasing_MR.packing                      ? 
_pdbx_phasing_MR.reflns_percent_rotation      ? 
_pdbx_phasing_MR.reflns_percent_translation   ? 
_pdbx_phasing_MR.sigma_F_rotation             ? 
_pdbx_phasing_MR.sigma_F_translation          ? 
_pdbx_phasing_MR.sigma_I_rotation             ? 
_pdbx_phasing_MR.sigma_I_translation          ? 
# 
loop_
_pdbx_unobs_or_zero_occ_residues.id 
_pdbx_unobs_or_zero_occ_residues.PDB_model_num 
_pdbx_unobs_or_zero_occ_residues.polymer_flag 
_pdbx_unobs_or_zero_occ_residues.occupancy_flag 
_pdbx_unobs_or_zero_occ_residues.auth_asym_id 
_pdbx_unobs_or_zero_occ_residues.auth_comp_id 
_pdbx_unobs_or_zero_occ_residues.auth_seq_id 
_pdbx_unobs_or_zero_occ_residues.PDB_ins_code 
_pdbx_unobs_or_zero_occ_residues.label_asym_id 
_pdbx_unobs_or_zero_occ_residues.label_comp_id 
_pdbx_unobs_or_zero_occ_residues.label_seq_id 
1  1 Y 1 A GLY 237 ? A GLY 1   
2  1 Y 1 A SER 238 ? A SER 2   
3  1 Y 1 A PRO 239 ? A PRO 3   
4  1 Y 1 A GLU 240 ? A GLU 4   
5  1 Y 1 A PHE 241 ? A PHE 5   
6  1 Y 1 A ARG 242 ? A ARG 6   
7  1 Y 1 A SER 302 ? A SER 66  
8  1 Y 1 A ASN 303 ? A ASN 67  
9  1 Y 1 A SER 304 ? A SER 68  
10 1 Y 1 A ASN 305 ? A ASN 69  
11 1 Y 1 A GLY 306 ? A GLY 70  
12 1 Y 1 A ARG 307 ? A ARG 71  
13 1 Y 1 A LYS 308 ? A LYS 72  
14 1 Y 1 A SER 309 ? A SER 73  
15 1 Y 1 A GLU 310 ? A GLU 74  
16 1 Y 1 A THR 348 ? A THR 112 
17 1 Y 1 A GLY 349 ? A GLY 113 
18 1 Y 1 A LYS 350 ? A LYS 114 
19 1 Y 1 B GLY 237 ? B GLY 1   
20 1 Y 1 B SER 238 ? B SER 2   
21 1 Y 1 B PRO 239 ? B PRO 3   
22 1 Y 1 B GLU 240 ? B GLU 4   
23 1 Y 1 B PHE 241 ? B PHE 5   
24 1 Y 1 B SER 302 ? B SER 66  
25 1 Y 1 B ASN 303 ? B ASN 67  
26 1 Y 1 B SER 304 ? B SER 68  
27 1 Y 1 B ASN 305 ? B ASN 69  
28 1 Y 1 B GLY 306 ? B GLY 70  
29 1 Y 1 B ARG 307 ? B ARG 71  
30 1 Y 1 B LYS 308 ? B LYS 72  
31 1 Y 1 B SER 309 ? B SER 73  
32 1 Y 1 B THR 348 ? B THR 112 
33 1 Y 1 B GLY 349 ? B GLY 113 
34 1 Y 1 B LYS 350 ? B LYS 114 
# 
loop_
_chem_comp_atom.comp_id 
_chem_comp_atom.atom_id 
_chem_comp_atom.type_symbol 
_chem_comp_atom.pdbx_aromatic_flag 
_chem_comp_atom.pdbx_stereo_config 
_chem_comp_atom.pdbx_ordinal 
ALA N    N N N 1   
ALA CA   C N S 2   
ALA C    C N N 3   
ALA O    O N N 4   
ALA CB   C N N 5   
ALA OXT  O N N 6   
ALA H    H N N 7   
ALA H2   H N N 8   
ALA HA   H N N 9   
ALA HB1  H N N 10  
ALA HB2  H N N 11  
ALA HB3  H N N 12  
ALA HXT  H N N 13  
ARG N    N N N 14  
ARG CA   C N S 15  
ARG C    C N N 16  
ARG O    O N N 17  
ARG CB   C N N 18  
ARG CG   C N N 19  
ARG CD   C N N 20  
ARG NE   N N N 21  
ARG CZ   C N N 22  
ARG NH1  N N N 23  
ARG NH2  N N N 24  
ARG OXT  O N N 25  
ARG H    H N N 26  
ARG H2   H N N 27  
ARG HA   H N N 28  
ARG HB2  H N N 29  
ARG HB3  H N N 30  
ARG HG2  H N N 31  
ARG HG3  H N N 32  
ARG HD2  H N N 33  
ARG HD3  H N N 34  
ARG HE   H N N 35  
ARG HH11 H N N 36  
ARG HH12 H N N 37  
ARG HH21 H N N 38  
ARG HH22 H N N 39  
ARG HXT  H N N 40  
ASN N    N N N 41  
ASN CA   C N S 42  
ASN C    C N N 43  
ASN O    O N N 44  
ASN CB   C N N 45  
ASN CG   C N N 46  
ASN OD1  O N N 47  
ASN ND2  N N N 48  
ASN OXT  O N N 49  
ASN H    H N N 50  
ASN H2   H N N 51  
ASN HA   H N N 52  
ASN HB2  H N N 53  
ASN HB3  H N N 54  
ASN HD21 H N N 55  
ASN HD22 H N N 56  
ASN HXT  H N N 57  
ASP N    N N N 58  
ASP CA   C N S 59  
ASP C    C N N 60  
ASP O    O N N 61  
ASP CB   C N N 62  
ASP CG   C N N 63  
ASP OD1  O N N 64  
ASP OD2  O N N 65  
ASP OXT  O N N 66  
ASP H    H N N 67  
ASP H2   H N N 68  
ASP HA   H N N 69  
ASP HB2  H N N 70  
ASP HB3  H N N 71  
ASP HD2  H N N 72  
ASP HXT  H N N 73  
CYS N    N N N 74  
CYS CA   C N R 75  
CYS C    C N N 76  
CYS O    O N N 77  
CYS CB   C N N 78  
CYS SG   S N N 79  
CYS OXT  O N N 80  
CYS H    H N N 81  
CYS H2   H N N 82  
CYS HA   H N N 83  
CYS HB2  H N N 84  
CYS HB3  H N N 85  
CYS HG   H N N 86  
CYS HXT  H N N 87  
GLN N    N N N 88  
GLN CA   C N S 89  
GLN C    C N N 90  
GLN O    O N N 91  
GLN CB   C N N 92  
GLN CG   C N N 93  
GLN CD   C N N 94  
GLN OE1  O N N 95  
GLN NE2  N N N 96  
GLN OXT  O N N 97  
GLN H    H N N 98  
GLN H2   H N N 99  
GLN HA   H N N 100 
GLN HB2  H N N 101 
GLN HB3  H N N 102 
GLN HG2  H N N 103 
GLN HG3  H N N 104 
GLN HE21 H N N 105 
GLN HE22 H N N 106 
GLN HXT  H N N 107 
GLU N    N N N 108 
GLU CA   C N S 109 
GLU C    C N N 110 
GLU O    O N N 111 
GLU CB   C N N 112 
GLU CG   C N N 113 
GLU CD   C N N 114 
GLU OE1  O N N 115 
GLU OE2  O N N 116 
GLU OXT  O N N 117 
GLU H    H N N 118 
GLU H2   H N N 119 
GLU HA   H N N 120 
GLU HB2  H N N 121 
GLU HB3  H N N 122 
GLU HG2  H N N 123 
GLU HG3  H N N 124 
GLU HE2  H N N 125 
GLU HXT  H N N 126 
GLY N    N N N 127 
GLY CA   C N N 128 
GLY C    C N N 129 
GLY O    O N N 130 
GLY OXT  O N N 131 
GLY H    H N N 132 
GLY H2   H N N 133 
GLY HA2  H N N 134 
GLY HA3  H N N 135 
GLY HXT  H N N 136 
HIS N    N N N 137 
HIS CA   C N S 138 
HIS C    C N N 139 
HIS O    O N N 140 
HIS CB   C N N 141 
HIS CG   C Y N 142 
HIS ND1  N Y N 143 
HIS CD2  C Y N 144 
HIS CE1  C Y N 145 
HIS NE2  N Y N 146 
HIS OXT  O N N 147 
HIS H    H N N 148 
HIS H2   H N N 149 
HIS HA   H N N 150 
HIS HB2  H N N 151 
HIS HB3  H N N 152 
HIS HD1  H N N 153 
HIS HD2  H N N 154 
HIS HE1  H N N 155 
HIS HE2  H N N 156 
HIS HXT  H N N 157 
HOH O    O N N 158 
HOH H1   H N N 159 
HOH H2   H N N 160 
ILE N    N N N 161 
ILE CA   C N S 162 
ILE C    C N N 163 
ILE O    O N N 164 
ILE CB   C N S 165 
ILE CG1  C N N 166 
ILE CG2  C N N 167 
ILE CD1  C N N 168 
ILE OXT  O N N 169 
ILE H    H N N 170 
ILE H2   H N N 171 
ILE HA   H N N 172 
ILE HB   H N N 173 
ILE HG12 H N N 174 
ILE HG13 H N N 175 
ILE HG21 H N N 176 
ILE HG22 H N N 177 
ILE HG23 H N N 178 
ILE HD11 H N N 179 
ILE HD12 H N N 180 
ILE HD13 H N N 181 
ILE HXT  H N N 182 
LEU N    N N N 183 
LEU CA   C N S 184 
LEU C    C N N 185 
LEU O    O N N 186 
LEU CB   C N N 187 
LEU CG   C N N 188 
LEU CD1  C N N 189 
LEU CD2  C N N 190 
LEU OXT  O N N 191 
LEU H    H N N 192 
LEU H2   H N N 193 
LEU HA   H N N 194 
LEU HB2  H N N 195 
LEU HB3  H N N 196 
LEU HG   H N N 197 
LEU HD11 H N N 198 
LEU HD12 H N N 199 
LEU HD13 H N N 200 
LEU HD21 H N N 201 
LEU HD22 H N N 202 
LEU HD23 H N N 203 
LEU HXT  H N N 204 
LYS N    N N N 205 
LYS CA   C N S 206 
LYS C    C N N 207 
LYS O    O N N 208 
LYS CB   C N N 209 
LYS CG   C N N 210 
LYS CD   C N N 211 
LYS CE   C N N 212 
LYS NZ   N N N 213 
LYS OXT  O N N 214 
LYS H    H N N 215 
LYS H2   H N N 216 
LYS HA   H N N 217 
LYS HB2  H N N 218 
LYS HB3  H N N 219 
LYS HG2  H N N 220 
LYS HG3  H N N 221 
LYS HD2  H N N 222 
LYS HD3  H N N 223 
LYS HE2  H N N 224 
LYS HE3  H N N 225 
LYS HZ1  H N N 226 
LYS HZ2  H N N 227 
LYS HZ3  H N N 228 
LYS HXT  H N N 229 
MET N    N N N 230 
MET CA   C N S 231 
MET C    C N N 232 
MET O    O N N 233 
MET CB   C N N 234 
MET CG   C N N 235 
MET SD   S N N 236 
MET CE   C N N 237 
MET OXT  O N N 238 
MET H    H N N 239 
MET H2   H N N 240 
MET HA   H N N 241 
MET HB2  H N N 242 
MET HB3  H N N 243 
MET HG2  H N N 244 
MET HG3  H N N 245 
MET HE1  H N N 246 
MET HE2  H N N 247 
MET HE3  H N N 248 
MET HXT  H N N 249 
PHE N    N N N 250 
PHE CA   C N S 251 
PHE C    C N N 252 
PHE O    O N N 253 
PHE CB   C N N 254 
PHE CG   C Y N 255 
PHE CD1  C Y N 256 
PHE CD2  C Y N 257 
PHE CE1  C Y N 258 
PHE CE2  C Y N 259 
PHE CZ   C Y N 260 
PHE OXT  O N N 261 
PHE H    H N N 262 
PHE H2   H N N 263 
PHE HA   H N N 264 
PHE HB2  H N N 265 
PHE HB3  H N N 266 
PHE HD1  H N N 267 
PHE HD2  H N N 268 
PHE HE1  H N N 269 
PHE HE2  H N N 270 
PHE HZ   H N N 271 
PHE HXT  H N N 272 
PRO N    N N N 273 
PRO CA   C N S 274 
PRO C    C N N 275 
PRO O    O N N 276 
PRO CB   C N N 277 
PRO CG   C N N 278 
PRO CD   C N N 279 
PRO OXT  O N N 280 
PRO H    H N N 281 
PRO HA   H N N 282 
PRO HB2  H N N 283 
PRO HB3  H N N 284 
PRO HG2  H N N 285 
PRO HG3  H N N 286 
PRO HD2  H N N 287 
PRO HD3  H N N 288 
PRO HXT  H N N 289 
SER N    N N N 290 
SER CA   C N S 291 
SER C    C N N 292 
SER O    O N N 293 
SER CB   C N N 294 
SER OG   O N N 295 
SER OXT  O N N 296 
SER H    H N N 297 
SER H2   H N N 298 
SER HA   H N N 299 
SER HB2  H N N 300 
SER HB3  H N N 301 
SER HG   H N N 302 
SER HXT  H N N 303 
THR N    N N N 304 
THR CA   C N S 305 
THR C    C N N 306 
THR O    O N N 307 
THR CB   C N R 308 
THR OG1  O N N 309 
THR CG2  C N N 310 
THR OXT  O N N 311 
THR H    H N N 312 
THR H2   H N N 313 
THR HA   H N N 314 
THR HB   H N N 315 
THR HG1  H N N 316 
THR HG21 H N N 317 
THR HG22 H N N 318 
THR HG23 H N N 319 
THR HXT  H N N 320 
TRP N    N N N 321 
TRP CA   C N S 322 
TRP C    C N N 323 
TRP O    O N N 324 
TRP CB   C N N 325 
TRP CG   C Y N 326 
TRP CD1  C Y N 327 
TRP CD2  C Y N 328 
TRP NE1  N Y N 329 
TRP CE2  C Y N 330 
TRP CE3  C Y N 331 
TRP CZ2  C Y N 332 
TRP CZ3  C Y N 333 
TRP CH2  C Y N 334 
TRP OXT  O N N 335 
TRP H    H N N 336 
TRP H2   H N N 337 
TRP HA   H N N 338 
TRP HB2  H N N 339 
TRP HB3  H N N 340 
TRP HD1  H N N 341 
TRP HE1  H N N 342 
TRP HE3  H N N 343 
TRP HZ2  H N N 344 
TRP HZ3  H N N 345 
TRP HH2  H N N 346 
TRP HXT  H N N 347 
TYR N    N N N 348 
TYR CA   C N S 349 
TYR C    C N N 350 
TYR O    O N N 351 
TYR CB   C N N 352 
TYR CG   C Y N 353 
TYR CD1  C Y N 354 
TYR CD2  C Y N 355 
TYR CE1  C Y N 356 
TYR CE2  C Y N 357 
TYR CZ   C Y N 358 
TYR OH   O N N 359 
TYR OXT  O N N 360 
TYR H    H N N 361 
TYR H2   H N N 362 
TYR HA   H N N 363 
TYR HB2  H N N 364 
TYR HB3  H N N 365 
TYR HD1  H N N 366 
TYR HD2  H N N 367 
TYR HE1  H N N 368 
TYR HE2  H N N 369 
TYR HH   H N N 370 
TYR HXT  H N N 371 
VAL N    N N N 372 
VAL CA   C N S 373 
VAL C    C N N 374 
VAL O    O N N 375 
VAL CB   C N N 376 
VAL CG1  C N N 377 
VAL CG2  C N N 378 
VAL OXT  O N N 379 
VAL H    H N N 380 
VAL H2   H N N 381 
VAL HA   H N N 382 
VAL HB   H N N 383 
VAL HG11 H N N 384 
VAL HG12 H N N 385 
VAL HG13 H N N 386 
VAL HG21 H N N 387 
VAL HG22 H N N 388 
VAL HG23 H N N 389 
VAL HXT  H N N 390 
# 
loop_
_chem_comp_bond.comp_id 
_chem_comp_bond.atom_id_1 
_chem_comp_bond.atom_id_2 
_chem_comp_bond.value_order 
_chem_comp_bond.pdbx_aromatic_flag 
_chem_comp_bond.pdbx_stereo_config 
_chem_comp_bond.pdbx_ordinal 
ALA N   CA   sing N N 1   
ALA N   H    sing N N 2   
ALA N   H2   sing N N 3   
ALA CA  C    sing N N 4   
ALA CA  CB   sing N N 5   
ALA CA  HA   sing N N 6   
ALA C   O    doub N N 7   
ALA C   OXT  sing N N 8   
ALA CB  HB1  sing N N 9   
ALA CB  HB2  sing N N 10  
ALA CB  HB3  sing N N 11  
ALA OXT HXT  sing N N 12  
ARG N   CA   sing N N 13  
ARG N   H    sing N N 14  
ARG N   H2   sing N N 15  
ARG CA  C    sing N N 16  
ARG CA  CB   sing N N 17  
ARG CA  HA   sing N N 18  
ARG C   O    doub N N 19  
ARG C   OXT  sing N N 20  
ARG CB  CG   sing N N 21  
ARG CB  HB2  sing N N 22  
ARG CB  HB3  sing N N 23  
ARG CG  CD   sing N N 24  
ARG CG  HG2  sing N N 25  
ARG CG  HG3  sing N N 26  
ARG CD  NE   sing N N 27  
ARG CD  HD2  sing N N 28  
ARG CD  HD3  sing N N 29  
ARG NE  CZ   sing N N 30  
ARG NE  HE   sing N N 31  
ARG CZ  NH1  sing N N 32  
ARG CZ  NH2  doub N N 33  
ARG NH1 HH11 sing N N 34  
ARG NH1 HH12 sing N N 35  
ARG NH2 HH21 sing N N 36  
ARG NH2 HH22 sing N N 37  
ARG OXT HXT  sing N N 38  
ASN N   CA   sing N N 39  
ASN N   H    sing N N 40  
ASN N   H2   sing N N 41  
ASN CA  C    sing N N 42  
ASN CA  CB   sing N N 43  
ASN CA  HA   sing N N 44  
ASN C   O    doub N N 45  
ASN C   OXT  sing N N 46  
ASN CB  CG   sing N N 47  
ASN CB  HB2  sing N N 48  
ASN CB  HB3  sing N N 49  
ASN CG  OD1  doub N N 50  
ASN CG  ND2  sing N N 51  
ASN ND2 HD21 sing N N 52  
ASN ND2 HD22 sing N N 53  
ASN OXT HXT  sing N N 54  
ASP N   CA   sing N N 55  
ASP N   H    sing N N 56  
ASP N   H2   sing N N 57  
ASP CA  C    sing N N 58  
ASP CA  CB   sing N N 59  
ASP CA  HA   sing N N 60  
ASP C   O    doub N N 61  
ASP C   OXT  sing N N 62  
ASP CB  CG   sing N N 63  
ASP CB  HB2  sing N N 64  
ASP CB  HB3  sing N N 65  
ASP CG  OD1  doub N N 66  
ASP CG  OD2  sing N N 67  
ASP OD2 HD2  sing N N 68  
ASP OXT HXT  sing N N 69  
CYS N   CA   sing N N 70  
CYS N   H    sing N N 71  
CYS N   H2   sing N N 72  
CYS CA  C    sing N N 73  
CYS CA  CB   sing N N 74  
CYS CA  HA   sing N N 75  
CYS C   O    doub N N 76  
CYS C   OXT  sing N N 77  
CYS CB  SG   sing N N 78  
CYS CB  HB2  sing N N 79  
CYS CB  HB3  sing N N 80  
CYS SG  HG   sing N N 81  
CYS OXT HXT  sing N N 82  
GLN N   CA   sing N N 83  
GLN N   H    sing N N 84  
GLN N   H2   sing N N 85  
GLN CA  C    sing N N 86  
GLN CA  CB   sing N N 87  
GLN CA  HA   sing N N 88  
GLN C   O    doub N N 89  
GLN C   OXT  sing N N 90  
GLN CB  CG   sing N N 91  
GLN CB  HB2  sing N N 92  
GLN CB  HB3  sing N N 93  
GLN CG  CD   sing N N 94  
GLN CG  HG2  sing N N 95  
GLN CG  HG3  sing N N 96  
GLN CD  OE1  doub N N 97  
GLN CD  NE2  sing N N 98  
GLN NE2 HE21 sing N N 99  
GLN NE2 HE22 sing N N 100 
GLN OXT HXT  sing N N 101 
GLU N   CA   sing N N 102 
GLU N   H    sing N N 103 
GLU N   H2   sing N N 104 
GLU CA  C    sing N N 105 
GLU CA  CB   sing N N 106 
GLU CA  HA   sing N N 107 
GLU C   O    doub N N 108 
GLU C   OXT  sing N N 109 
GLU CB  CG   sing N N 110 
GLU CB  HB2  sing N N 111 
GLU CB  HB3  sing N N 112 
GLU CG  CD   sing N N 113 
GLU CG  HG2  sing N N 114 
GLU CG  HG3  sing N N 115 
GLU CD  OE1  doub N N 116 
GLU CD  OE2  sing N N 117 
GLU OE2 HE2  sing N N 118 
GLU OXT HXT  sing N N 119 
GLY N   CA   sing N N 120 
GLY N   H    sing N N 121 
GLY N   H2   sing N N 122 
GLY CA  C    sing N N 123 
GLY CA  HA2  sing N N 124 
GLY CA  HA3  sing N N 125 
GLY C   O    doub N N 126 
GLY C   OXT  sing N N 127 
GLY OXT HXT  sing N N 128 
HIS N   CA   sing N N 129 
HIS N   H    sing N N 130 
HIS N   H2   sing N N 131 
HIS CA  C    sing N N 132 
HIS CA  CB   sing N N 133 
HIS CA  HA   sing N N 134 
HIS C   O    doub N N 135 
HIS C   OXT  sing N N 136 
HIS CB  CG   sing N N 137 
HIS CB  HB2  sing N N 138 
HIS CB  HB3  sing N N 139 
HIS CG  ND1  sing Y N 140 
HIS CG  CD2  doub Y N 141 
HIS ND1 CE1  doub Y N 142 
HIS ND1 HD1  sing N N 143 
HIS CD2 NE2  sing Y N 144 
HIS CD2 HD2  sing N N 145 
HIS CE1 NE2  sing Y N 146 
HIS CE1 HE1  sing N N 147 
HIS NE2 HE2  sing N N 148 
HIS OXT HXT  sing N N 149 
HOH O   H1   sing N N 150 
HOH O   H2   sing N N 151 
ILE N   CA   sing N N 152 
ILE N   H    sing N N 153 
ILE N   H2   sing N N 154 
ILE CA  C    sing N N 155 
ILE CA  CB   sing N N 156 
ILE CA  HA   sing N N 157 
ILE C   O    doub N N 158 
ILE C   OXT  sing N N 159 
ILE CB  CG1  sing N N 160 
ILE CB  CG2  sing N N 161 
ILE CB  HB   sing N N 162 
ILE CG1 CD1  sing N N 163 
ILE CG1 HG12 sing N N 164 
ILE CG1 HG13 sing N N 165 
ILE CG2 HG21 sing N N 166 
ILE CG2 HG22 sing N N 167 
ILE CG2 HG23 sing N N 168 
ILE CD1 HD11 sing N N 169 
ILE CD1 HD12 sing N N 170 
ILE CD1 HD13 sing N N 171 
ILE OXT HXT  sing N N 172 
LEU N   CA   sing N N 173 
LEU N   H    sing N N 174 
LEU N   H2   sing N N 175 
LEU CA  C    sing N N 176 
LEU CA  CB   sing N N 177 
LEU CA  HA   sing N N 178 
LEU C   O    doub N N 179 
LEU C   OXT  sing N N 180 
LEU CB  CG   sing N N 181 
LEU CB  HB2  sing N N 182 
LEU CB  HB3  sing N N 183 
LEU CG  CD1  sing N N 184 
LEU CG  CD2  sing N N 185 
LEU CG  HG   sing N N 186 
LEU CD1 HD11 sing N N 187 
LEU CD1 HD12 sing N N 188 
LEU CD1 HD13 sing N N 189 
LEU CD2 HD21 sing N N 190 
LEU CD2 HD22 sing N N 191 
LEU CD2 HD23 sing N N 192 
LEU OXT HXT  sing N N 193 
LYS N   CA   sing N N 194 
LYS N   H    sing N N 195 
LYS N   H2   sing N N 196 
LYS CA  C    sing N N 197 
LYS CA  CB   sing N N 198 
LYS CA  HA   sing N N 199 
LYS C   O    doub N N 200 
LYS C   OXT  sing N N 201 
LYS CB  CG   sing N N 202 
LYS CB  HB2  sing N N 203 
LYS CB  HB3  sing N N 204 
LYS CG  CD   sing N N 205 
LYS CG  HG2  sing N N 206 
LYS CG  HG3  sing N N 207 
LYS CD  CE   sing N N 208 
LYS CD  HD2  sing N N 209 
LYS CD  HD3  sing N N 210 
LYS CE  NZ   sing N N 211 
LYS CE  HE2  sing N N 212 
LYS CE  HE3  sing N N 213 
LYS NZ  HZ1  sing N N 214 
LYS NZ  HZ2  sing N N 215 
LYS NZ  HZ3  sing N N 216 
LYS OXT HXT  sing N N 217 
MET N   CA   sing N N 218 
MET N   H    sing N N 219 
MET N   H2   sing N N 220 
MET CA  C    sing N N 221 
MET CA  CB   sing N N 222 
MET CA  HA   sing N N 223 
MET C   O    doub N N 224 
MET C   OXT  sing N N 225 
MET CB  CG   sing N N 226 
MET CB  HB2  sing N N 227 
MET CB  HB3  sing N N 228 
MET CG  SD   sing N N 229 
MET CG  HG2  sing N N 230 
MET CG  HG3  sing N N 231 
MET SD  CE   sing N N 232 
MET CE  HE1  sing N N 233 
MET CE  HE2  sing N N 234 
MET CE  HE3  sing N N 235 
MET OXT HXT  sing N N 236 
PHE N   CA   sing N N 237 
PHE N   H    sing N N 238 
PHE N   H2   sing N N 239 
PHE CA  C    sing N N 240 
PHE CA  CB   sing N N 241 
PHE CA  HA   sing N N 242 
PHE C   O    doub N N 243 
PHE C   OXT  sing N N 244 
PHE CB  CG   sing N N 245 
PHE CB  HB2  sing N N 246 
PHE CB  HB3  sing N N 247 
PHE CG  CD1  doub Y N 248 
PHE CG  CD2  sing Y N 249 
PHE CD1 CE1  sing Y N 250 
PHE CD1 HD1  sing N N 251 
PHE CD2 CE2  doub Y N 252 
PHE CD2 HD2  sing N N 253 
PHE CE1 CZ   doub Y N 254 
PHE CE1 HE1  sing N N 255 
PHE CE2 CZ   sing Y N 256 
PHE CE2 HE2  sing N N 257 
PHE CZ  HZ   sing N N 258 
PHE OXT HXT  sing N N 259 
PRO N   CA   sing N N 260 
PRO N   CD   sing N N 261 
PRO N   H    sing N N 262 
PRO CA  C    sing N N 263 
PRO CA  CB   sing N N 264 
PRO CA  HA   sing N N 265 
PRO C   O    doub N N 266 
PRO C   OXT  sing N N 267 
PRO CB  CG   sing N N 268 
PRO CB  HB2  sing N N 269 
PRO CB  HB3  sing N N 270 
PRO CG  CD   sing N N 271 
PRO CG  HG2  sing N N 272 
PRO CG  HG3  sing N N 273 
PRO CD  HD2  sing N N 274 
PRO CD  HD3  sing N N 275 
PRO OXT HXT  sing N N 276 
SER N   CA   sing N N 277 
SER N   H    sing N N 278 
SER N   H2   sing N N 279 
SER CA  C    sing N N 280 
SER CA  CB   sing N N 281 
SER CA  HA   sing N N 282 
SER C   O    doub N N 283 
SER C   OXT  sing N N 284 
SER CB  OG   sing N N 285 
SER CB  HB2  sing N N 286 
SER CB  HB3  sing N N 287 
SER OG  HG   sing N N 288 
SER OXT HXT  sing N N 289 
THR N   CA   sing N N 290 
THR N   H    sing N N 291 
THR N   H2   sing N N 292 
THR CA  C    sing N N 293 
THR CA  CB   sing N N 294 
THR CA  HA   sing N N 295 
THR C   O    doub N N 296 
THR C   OXT  sing N N 297 
THR CB  OG1  sing N N 298 
THR CB  CG2  sing N N 299 
THR CB  HB   sing N N 300 
THR OG1 HG1  sing N N 301 
THR CG2 HG21 sing N N 302 
THR CG2 HG22 sing N N 303 
THR CG2 HG23 sing N N 304 
THR OXT HXT  sing N N 305 
TRP N   CA   sing N N 306 
TRP N   H    sing N N 307 
TRP N   H2   sing N N 308 
TRP CA  C    sing N N 309 
TRP CA  CB   sing N N 310 
TRP CA  HA   sing N N 311 
TRP C   O    doub N N 312 
TRP C   OXT  sing N N 313 
TRP CB  CG   sing N N 314 
TRP CB  HB2  sing N N 315 
TRP CB  HB3  sing N N 316 
TRP CG  CD1  doub Y N 317 
TRP CG  CD2  sing Y N 318 
TRP CD1 NE1  sing Y N 319 
TRP CD1 HD1  sing N N 320 
TRP CD2 CE2  doub Y N 321 
TRP CD2 CE3  sing Y N 322 
TRP NE1 CE2  sing Y N 323 
TRP NE1 HE1  sing N N 324 
TRP CE2 CZ2  sing Y N 325 
TRP CE3 CZ3  doub Y N 326 
TRP CE3 HE3  sing N N 327 
TRP CZ2 CH2  doub Y N 328 
TRP CZ2 HZ2  sing N N 329 
TRP CZ3 CH2  sing Y N 330 
TRP CZ3 HZ3  sing N N 331 
TRP CH2 HH2  sing N N 332 
TRP OXT HXT  sing N N 333 
TYR N   CA   sing N N 334 
TYR N   H    sing N N 335 
TYR N   H2   sing N N 336 
TYR CA  C    sing N N 337 
TYR CA  CB   sing N N 338 
TYR CA  HA   sing N N 339 
TYR C   O    doub N N 340 
TYR C   OXT  sing N N 341 
TYR CB  CG   sing N N 342 
TYR CB  HB2  sing N N 343 
TYR CB  HB3  sing N N 344 
TYR CG  CD1  doub Y N 345 
TYR CG  CD2  sing Y N 346 
TYR CD1 CE1  sing Y N 347 
TYR CD1 HD1  sing N N 348 
TYR CD2 CE2  doub Y N 349 
TYR CD2 HD2  sing N N 350 
TYR CE1 CZ   doub Y N 351 
TYR CE1 HE1  sing N N 352 
TYR CE2 CZ   sing Y N 353 
TYR CE2 HE2  sing N N 354 
TYR CZ  OH   sing N N 355 
TYR OH  HH   sing N N 356 
TYR OXT HXT  sing N N 357 
VAL N   CA   sing N N 358 
VAL N   H    sing N N 359 
VAL N   H2   sing N N 360 
VAL CA  C    sing N N 361 
VAL CA  CB   sing N N 362 
VAL CA  HA   sing N N 363 
VAL C   O    doub N N 364 
VAL C   OXT  sing N N 365 
VAL CB  CG1  sing N N 366 
VAL CB  CG2  sing N N 367 
VAL CB  HB   sing N N 368 
VAL CG1 HG11 sing N N 369 
VAL CG1 HG12 sing N N 370 
VAL CG1 HG13 sing N N 371 
VAL CG2 HG21 sing N N 372 
VAL CG2 HG22 sing N N 373 
VAL CG2 HG23 sing N N 374 
VAL OXT HXT  sing N N 375 
# 
_atom_sites.entry_id                    1ZM0 
_atom_sites.fract_transf_matrix[1][1]   0.00315899 
_atom_sites.fract_transf_matrix[1][2]   -0.00529285 
_atom_sites.fract_transf_matrix[1][3]   0.01725617 
_atom_sites.fract_transf_matrix[2][1]   0.01484451 
_atom_sites.fract_transf_matrix[2][2]   0.01072760 
_atom_sites.fract_transf_matrix[2][3]   0.00057289 
_atom_sites.fract_transf_matrix[3][1]   -0.00378071 
_atom_sites.fract_transf_matrix[3][2]   0.00511095 
_atom_sites.fract_transf_matrix[3][3]   0.00225975 
_atom_sites.fract_transf_vector[1]      0.010670 
_atom_sites.fract_transf_vector[2]      0.833641 
_atom_sites.fract_transf_vector[3]      0.119191 
# 
loop_
_atom_type.symbol 
C 
N 
O 
S 
# 
loop_
_atom_site.group_PDB 
_atom_site.id 
_atom_site.type_symbol 
_atom_site.label_atom_id 
_atom_site.label_alt_id 
_atom_site.label_comp_id 
_atom_site.label_asym_id 
_atom_site.label_entity_id 
_atom_site.label_seq_id 
_atom_site.pdbx_PDB_ins_code 
_atom_site.Cartn_x 
_atom_site.Cartn_y 
_atom_site.Cartn_z 
_atom_site.occupancy 
_atom_site.B_iso_or_equiv 
_atom_site.pdbx_formal_charge 
_atom_site.auth_seq_id 
_atom_site.auth_comp_id 
_atom_site.auth_asym_id 
_atom_site.auth_atom_id 
_atom_site.pdbx_PDB_model_num 
ATOM   1    N N   . GLY A 1 7   ? 21.859  -4.316  7.291   1.00 87.85  ? 243 GLY A N   1 
ATOM   2    C CA  . GLY A 1 7   ? 20.417  -4.177  7.254   1.00 89.55  ? 243 GLY A CA  1 
ATOM   3    C C   . GLY A 1 7   ? 19.759  -5.055  8.310   1.00 88.04  ? 243 GLY A C   1 
ATOM   4    O O   . GLY A 1 7   ? 20.058  -6.241  8.413   1.00 90.50  ? 243 GLY A O   1 
ATOM   5    N N   . VAL A 1 8   ? 18.849  -4.505  9.092   1.00 86.72  ? 244 VAL A N   1 
ATOM   6    C CA  . VAL A 1 8   ? 18.245  -5.321  10.124  1.00 80.00  ? 244 VAL A CA  1 
ATOM   7    C C   . VAL A 1 8   ? 16.914  -5.958  9.672   1.00 71.22  ? 244 VAL A C   1 
ATOM   8    O O   . VAL A 1 8   ? 16.125  -5.366  8.948   1.00 73.95  ? 244 VAL A O   1 
ATOM   9    C CB  . VAL A 1 8   ? 18.016  -4.466  11.375  1.00 82.52  ? 244 VAL A CB  1 
ATOM   10   C CG1 . VAL A 1 8   ? 17.069  -3.306  11.057  1.00 81.31  ? 244 VAL A CG1 1 
ATOM   11   C CG2 . VAL A 1 8   ? 17.465  -5.317  12.502  1.00 80.85  ? 244 VAL A CG2 1 
ATOM   12   N N   . ILE A 1 9   ? 16.735  -7.180  10.153  1.00 53.29  ? 245 ILE A N   1 
ATOM   13   C CA  . ILE A 1 9   ? 15.547  -7.959  9.872   1.00 48.66  ? 245 ILE A CA  1 
ATOM   14   C C   . ILE A 1 9   ? 14.298  -7.355  10.530  1.00 42.68  ? 245 ILE A C   1 
ATOM   15   O O   . ILE A 1 9   ? 14.234  -7.157  11.744  1.00 38.27  ? 245 ILE A O   1 
ATOM   16   C CB  . ILE A 1 9   ? 15.730  -9.399  10.320  1.00 50.27  ? 245 ILE A CB  1 
ATOM   17   C CG1 . ILE A 1 9   ? 16.836  -10.000 9.471   1.00 53.69  ? 245 ILE A CG1 1 
ATOM   18   C CG2 . ILE A 1 9   ? 14.431  -10.206 10.192  1.00 52.11  ? 245 ILE A CG2 1 
ATOM   19   C CD1 . ILE A 1 9   ? 17.014  -11.494 9.646   1.00 55.62  ? 245 ILE A CD1 1 
ATOM   20   N N   . ILE A 1 10  ? 13.293  -7.059  9.714   1.00 48.32  ? 246 ILE A N   1 
ATOM   21   C CA  . ILE A 1 10  ? 12.006  -6.490  10.140  1.00 52.02  ? 246 ILE A CA  1 
ATOM   22   C C   . ILE A 1 10  ? 10.848  -7.520  10.321  1.00 46.95  ? 246 ILE A C   1 
ATOM   23   O O   . ILE A 1 10  ? 10.132  -7.560  11.242  1.00 44.44  ? 246 ILE A O   1 
ATOM   24   C CB  . ILE A 1 10  ? 11.466  -5.526  9.098   1.00 68.61  ? 246 ILE A CB  1 
ATOM   25   C CG1 . ILE A 1 10  ? 12.401  -4.325  8.933   1.00 73.41  ? 246 ILE A CG1 1 
ATOM   26   C CG2 . ILE A 1 10  ? 10.079  -5.056  9.488   1.00 73.03  ? 246 ILE A CG2 1 
ATOM   27   C CD1 . ILE A 1 10  ? 12.681  -3.585  10.225  1.00 76.92  ? 246 ILE A CD1 1 
ATOM   28   N N   . LYS A 1 11  ? 10.726  -8.386  9.254   1.00 34.80  ? 247 LYS A N   1 
ATOM   29   C CA  . LYS A 1 11  ? 9.789   -9.436  9.256   1.00 32.04  ? 247 LYS A CA  1 
ATOM   30   C C   . LYS A 1 11  ? 10.327  -10.700 8.599   1.00 29.86  ? 247 LYS A C   1 
ATOM   31   O O   . LYS A 1 11  ? 11.213  -10.646 7.742   1.00 26.61  ? 247 LYS A O   1 
ATOM   32   C CB  . LYS A 1 11  ? 8.509   -8.972  8.553   1.00 33.65  ? 247 LYS A CB  1 
ATOM   33   C CG  . LYS A 1 11  ? 7.292   -9.834  8.858   1.00 32.85  ? 247 LYS A CG  1 
ATOM   34   C CD  . LYS A 1 11  ? 6.021   -9.199  8.327   1.00 30.21  ? 247 LYS A CD  1 
ATOM   35   C CE  . LYS A 1 11  ? 4.816   -10.073 8.602   1.00 30.92  ? 247 LYS A CE  1 
ATOM   36   N NZ  . LYS A 1 11  ? 4.580   -10.256 10.058  1.00 30.20  ? 247 LYS A NZ  1 
ATOM   37   N N   . GLN A 1 12  ? 9.770   -11.834 8.993   1.00 30.82  ? 248 GLN A N   1 
ATOM   38   C CA  . GLN A 1 12  ? 10.229  -13.118 8.501   1.00 34.27  ? 248 GLN A CA  1 
ATOM   39   C C   . GLN A 1 12  ? 9.065   -14.099 8.408   1.00 31.96  ? 248 GLN A C   1 
ATOM   40   O O   . GLN A 1 12  ? 8.244   -14.166 9.313   1.00 28.81  ? 248 GLN A O   1 
ATOM   41   C CB  . GLN A 1 12  ? 11.310  -13.644 9.427   1.00 45.88  ? 248 GLN A CB  1 
ATOM   42   C CG  . GLN A 1 12  ? 12.227  -14.681 8.794   1.00 55.54  ? 248 GLN A CG  1 
ATOM   43   C CD  . GLN A 1 12  ? 13.266  -15.146 9.771   1.00 59.55  ? 248 GLN A CD  1 
ATOM   44   O OE1 . GLN A 1 12  ? 13.766  -16.262 9.664   1.00 63.45  ? 248 GLN A OE1 1 
ATOM   45   N NE2 . GLN A 1 12  ? 13.739  -14.463 10.807  1.00 61.15  ? 248 GLN A NE2 1 
ATOM   46   N N   . GLY A 1 13  ? 8.984   -14.870 7.322   1.00 29.66  ? 249 GLY A N   1 
ATOM   47   C CA  . GLY A 1 13  ? 7.913   -15.836 7.201   1.00 31.15  ? 249 GLY A CA  1 
ATOM   48   C C   . GLY A 1 13  ? 7.792   -16.429 5.809   1.00 32.10  ? 249 GLY A C   1 
ATOM   49   O O   . GLY A 1 13  ? 8.448   -15.974 4.873   1.00 31.60  ? 249 GLY A O   1 
ATOM   50   N N   . CYS A 1 14  ? 6.955   -17.496 5.660   1.00 31.54  ? 250 CYS A N   1 
ATOM   51   C CA  . CYS A 1 14  ? 6.762   -18.199 4.374   1.00 33.77  ? 250 CYS A CA  1 
ATOM   52   C C   . CYS A 1 14  ? 5.469   -17.782 3.706   1.00 32.89  ? 250 CYS A C   1 
ATOM   53   O O   . CYS A 1 14  ? 4.436   -17.554 4.343   1.00 31.88  ? 250 CYS A O   1 
ATOM   54   C CB  . CYS A 1 14  ? 6.769   -19.715 4.552   1.00 28.31  ? 250 CYS A CB  1 
ATOM   55   S SG  . CYS A 1 14  ? 8.335   -20.383 5.187   1.00 33.52  ? 250 CYS A SG  1 
ATOM   56   N N   . LEU A 1 15  ? 5.536   -17.685 2.378   1.00 31.94  ? 251 LEU A N   1 
ATOM   57   C CA  . LEU A 1 15  ? 4.389   -17.308 1.589   1.00 30.28  ? 251 LEU A CA  1 
ATOM   58   C C   . LEU A 1 15  ? 4.396   -18.064 0.302   1.00 29.65  ? 251 LEU A C   1 
ATOM   59   O O   . LEU A 1 15  ? 5.365   -18.737 -0.043  1.00 28.64  ? 251 LEU A O   1 
ATOM   60   C CB  . LEU A 1 15  ? 4.406   -15.821 1.244   1.00 28.82  ? 251 LEU A CB  1 
ATOM   61   C CG  . LEU A 1 15  ? 4.300   -14.810 2.383   1.00 31.34  ? 251 LEU A CG  1 
ATOM   62   C CD1 . LEU A 1 15  ? 4.714   -13.423 1.930   1.00 30.35  ? 251 LEU A CD1 1 
ATOM   63   C CD2 . LEU A 1 15  ? 2.877   -14.783 2.928   1.00 25.94  ? 251 LEU A CD2 1 
ATOM   64   N N   . LEU A 1 16  ? 3.313   -17.937 -0.420  1.00 28.70  ? 252 LEU A N   1 
ATOM   65   C CA  . LEU A 1 16  ? 3.208   -18.600 -1.709  1.00 30.82  ? 252 LEU A CA  1 
ATOM   66   C C   . LEU A 1 16  ? 3.528   -17.522 -2.746  1.00 31.14  ? 252 LEU A C   1 
ATOM   67   O O   . LEU A 1 16  ? 2.937   -16.441 -2.725  1.00 30.50  ? 252 LEU A O   1 
ATOM   68   C CB  . LEU A 1 16  ? 1.786   -19.123 -1.940  1.00 34.77  ? 252 LEU A CB  1 
ATOM   69   C CG  . LEU A 1 16  ? 1.377   -20.465 -1.322  1.00 37.64  ? 252 LEU A CG  1 
ATOM   70   C CD1 . LEU A 1 16  ? -0.141  -20.626 -1.375  1.00 35.88  ? 252 LEU A CD1 1 
ATOM   71   C CD2 . LEU A 1 16  ? 2.064   -21.599 -2.076  1.00 36.93  ? 252 LEU A CD2 1 
ATOM   72   N N   . LYS A 1 17  ? 4.473   -17.797 -3.633  1.00 31.81  ? 253 LYS A N   1 
ATOM   73   C CA  . LYS A 1 17  ? 4.820   -16.823 -4.660  1.00 31.82  ? 253 LYS A CA  1 
ATOM   74   C C   . LYS A 1 17  ? 4.499   -17.401 -6.023  1.00 31.45  ? 253 LYS A C   1 
ATOM   75   O O   . LYS A 1 17  ? 4.845   -18.545 -6.312  1.00 32.21  ? 253 LYS A O   1 
ATOM   76   C CB  . LYS A 1 17  ? 6.301   -16.458 -4.588  1.00 30.47  ? 253 LYS A CB  1 
ATOM   77   C CG  . LYS A 1 17  ? 6.743   -15.473 -5.674  1.00 29.98  ? 253 LYS A CG  1 
ATOM   78   C CD  . LYS A 1 17  ? 8.024   -14.744 -5.266  1.00 31.84  ? 253 LYS A CD  1 
ATOM   79   C CE  . LYS A 1 17  ? 9.196   -15.696 -5.103  1.00 28.04  ? 253 LYS A CE  1 
ATOM   80   N NZ  . LYS A 1 17  ? 9.512   -16.328 -6.405  1.00 30.13  ? 253 LYS A NZ  1 
ATOM   81   N N   . GLN A 1 18  ? 3.825   -16.614 -6.857  1.00 29.66  ? 254 GLN A N   1 
ATOM   82   C CA  . GLN A 1 18  ? 3.432   -17.100 -8.181  1.00 31.55  ? 254 GLN A CA  1 
ATOM   83   C C   . GLN A 1 18  ? 4.599   -17.145 -9.140  1.00 33.25  ? 254 GLN A C   1 
ATOM   84   O O   . GLN A 1 18  ? 5.435   -16.236 -9.164  1.00 29.50  ? 254 GLN A O   1 
ATOM   85   C CB  . GLN A 1 18  ? 2.345   -16.228 -8.792  1.00 40.37  ? 254 GLN A CB  1 
ATOM   86   C CG  . GLN A 1 18  ? 2.147   -16.490 -10.269 1.00 45.76  ? 254 GLN A CG  1 
ATOM   87   C CD  . GLN A 1 18  ? 0.810   -15.986 -10.762 1.00 48.80  ? 254 GLN A CD  1 
ATOM   88   O OE1 . GLN A 1 18  ? -0.171  -16.743 -10.822 1.00 49.66  ? 254 GLN A OE1 1 
ATOM   89   N NE2 . GLN A 1 18  ? 0.525   -14.745 -11.171 1.00 51.08  ? 254 GLN A NE2 1 
ATOM   90   N N   . GLY A 1 19  ? 4.663   -18.212 -9.925  1.00 37.24  ? 255 GLY A N   1 
ATOM   91   C CA  . GLY A 1 19  ? 5.722   -18.333 -10.870 1.00 42.12  ? 255 GLY A CA  1 
ATOM   92   C C   . GLY A 1 19  ? 5.660   -17.222 -11.903 1.00 48.11  ? 255 GLY A C   1 
ATOM   93   O O   . GLY A 1 19  ? 4.691   -17.088 -12.644 1.00 47.23  ? 255 GLY A O   1 
ATOM   94   N N   . HIS A 1 20  ? 6.719   -16.452 -11.932 1.00 46.61  ? 256 HIS A N   1 
ATOM   95   C CA  . HIS A 1 20  ? 6.867   -15.444 -12.948 1.00 59.38  ? 256 HIS A CA  1 
ATOM   96   C C   . HIS A 1 20  ? 6.692   -16.112 -14.319 1.00 60.80  ? 256 HIS A C   1 
ATOM   97   O O   . HIS A 1 20  ? 6.050   -15.621 -15.246 1.00 57.03  ? 256 HIS A O   1 
ATOM   98   C CB  . HIS A 1 20  ? 8.293   -14.845 -12.850 1.00 84.40  ? 256 HIS A CB  1 
ATOM   99   C CG  . HIS A 1 20  ? 8.410   -13.448 -13.469 1.00 99.17  ? 256 HIS A CG  1 
ATOM   100  N ND1 . HIS A 1 20  ? 7.734   -12.357 -12.972 1.00 105.17 ? 256 HIS A ND1 1 
ATOM   101  C CD2 . HIS A 1 20  ? 9.110   -13.004 -14.542 1.00 105.18 ? 256 HIS A CD2 1 
ATOM   102  C CE1 . HIS A 1 20  ? 8.002   -11.304 -13.723 1.00 108.68 ? 256 HIS A CE1 1 
ATOM   103  N NE2 . HIS A 1 20  ? 8.832   -11.671 -14.676 1.00 108.71 ? 256 HIS A NE2 1 
ATOM   104  N N   . ARG A 1 21  ? 7.329   -17.292 -14.343 1.00 87.42  ? 257 ARG A N   1 
ATOM   105  C CA  . ARG A 1 21  ? 7.503   -18.280 -15.411 1.00 95.34  ? 257 ARG A CA  1 
ATOM   106  C C   . ARG A 1 21  ? 6.245   -18.814 -16.132 1.00 91.71  ? 257 ARG A C   1 
ATOM   107  O O   . ARG A 1 21  ? 5.835   -18.341 -17.182 1.00 90.34  ? 257 ARG A O   1 
ATOM   108  C CB  . ARG A 1 21  ? 8.184   -19.469 -14.776 1.00 95.35  ? 257 ARG A CB  1 
ATOM   109  C CG  . ARG A 1 21  ? 7.407   -19.823 -13.514 1.00 108.41 ? 257 ARG A CG  1 
ATOM   110  C CD  . ARG A 1 21  ? 8.263   -20.421 -12.420 1.00 118.56 ? 257 ARG A CD  1 
ATOM   111  N NE  . ARG A 1 21  ? 8.421   -21.823 -12.714 1.00 126.52 ? 257 ARG A NE  1 
ATOM   112  C CZ  . ARG A 1 21  ? 9.010   -22.698 -11.905 1.00 130.45 ? 257 ARG A CZ  1 
ATOM   113  N NH1 . ARG A 1 21  ? 9.491   -22.282 -10.741 1.00 132.54 ? 257 ARG A NH1 1 
ATOM   114  N NH2 . ARG A 1 21  ? 9.134   -23.971 -12.261 1.00 132.54 ? 257 ARG A NH2 1 
ATOM   115  N N   . ARG A 1 22  ? 5.669   -19.838 -15.497 1.00 85.33  ? 258 ARG A N   1 
ATOM   116  C CA  . ARG A 1 22  ? 4.505   -20.559 -15.969 1.00 87.50  ? 258 ARG A CA  1 
ATOM   117  C C   . ARG A 1 22  ? 3.273   -20.258 -15.149 1.00 77.88  ? 258 ARG A C   1 
ATOM   118  O O   . ARG A 1 22  ? 2.252   -20.950 -15.247 1.00 74.04  ? 258 ARG A O   1 
ATOM   119  C CB  . ARG A 1 22  ? 4.789   -22.062 -15.913 1.00 105.84 ? 258 ARG A CB  1 
ATOM   120  C CG  . ARG A 1 22  ? 3.813   -22.914 -16.689 1.00 123.06 ? 258 ARG A CG  1 
ATOM   121  C CD  . ARG A 1 22  ? 3.444   -22.199 -17.978 1.00 135.09 ? 258 ARG A CD  1 
ATOM   122  N NE  . ARG A 1 22  ? 3.085   -23.135 -19.039 1.00 143.17 ? 258 ARG A NE  1 
ATOM   123  C CZ  . ARG A 1 22  ? 2.615   -24.360 -18.828 1.00 147.29 ? 258 ARG A CZ  1 
ATOM   124  N NH1 . ARG A 1 22  ? 2.444   -24.800 -17.588 1.00 149.79 ? 258 ARG A NH1 1 
ATOM   125  N NH2 . ARG A 1 22  ? 2.315   -25.142 -19.856 1.00 149.66 ? 258 ARG A NH2 1 
ATOM   126  N N   . LYS A 1 23  ? 3.345   -19.225 -14.320 1.00 64.29  ? 259 LYS A N   1 
ATOM   127  C CA  . LYS A 1 23  ? 2.252   -18.834 -13.454 1.00 61.73  ? 259 LYS A CA  1 
ATOM   128  C C   . LYS A 1 23  ? 1.869   -19.910 -12.436 1.00 58.04  ? 259 LYS A C   1 
ATOM   129  O O   . LYS A 1 23  ? 0.698   -20.041 -12.084 1.00 55.98  ? 259 LYS A O   1 
ATOM   130  C CB  . LYS A 1 23  ? 1.029   -18.466 -14.289 1.00 70.21  ? 259 LYS A CB  1 
ATOM   131  C CG  . LYS A 1 23  ? 1.287   -17.312 -15.232 1.00 73.06  ? 259 LYS A CG  1 
ATOM   132  C CD  . LYS A 1 23  ? 1.442   -15.992 -14.485 1.00 75.45  ? 259 LYS A CD  1 
ATOM   133  C CE  . LYS A 1 23  ? 1.645   -14.839 -15.455 1.00 76.61  ? 259 LYS A CE  1 
ATOM   134  N NZ  . LYS A 1 23  ? 1.840   -13.545 -14.745 1.00 78.91  ? 259 LYS A NZ  1 
ATOM   135  N N   . ASN A 1 24  ? 2.869   -20.660 -11.986 1.00 59.80  ? 260 ASN A N   1 
ATOM   136  C CA  . ASN A 1 24  ? 2.640   -21.696 -11.017 1.00 60.03  ? 260 ASN A CA  1 
ATOM   137  C C   . ASN A 1 24  ? 2.790   -21.035 -9.628  1.00 54.05  ? 260 ASN A C   1 
ATOM   138  O O   . ASN A 1 24  ? 3.094   -19.853 -9.558  1.00 53.12  ? 260 ASN A O   1 
ATOM   139  C CB  . ASN A 1 24  ? 3.590   -22.883 -11.236 1.00 76.03  ? 260 ASN A CB  1 
ATOM   140  C CG  . ASN A 1 24  ? 5.039   -22.452 -11.355 1.00 84.10  ? 260 ASN A CG  1 
ATOM   141  O OD1 . ASN A 1 24  ? 5.911   -22.976 -10.661 1.00 88.80  ? 260 ASN A OD1 1 
ATOM   142  N ND2 . ASN A 1 24  ? 5.300   -21.496 -12.237 1.00 88.16  ? 260 ASN A ND2 1 
ATOM   143  N N   . TRP A 1 25  ? 2.587   -21.773 -8.541  1.00 47.38  ? 261 TRP A N   1 
ATOM   144  C CA  . TRP A 1 25  ? 2.769   -21.164 -7.206  1.00 43.75  ? 261 TRP A CA  1 
ATOM   145  C C   . TRP A 1 25  ? 3.752   -22.019 -6.411  1.00 39.93  ? 261 TRP A C   1 
ATOM   146  O O   . TRP A 1 25  ? 3.695   -23.249 -6.459  1.00 39.06  ? 261 TRP A O   1 
ATOM   147  C CB  . TRP A 1 25  ? 1.452   -21.046 -6.438  1.00 43.15  ? 261 TRP A CB  1 
ATOM   148  C CG  . TRP A 1 25  ? 0.525   -20.013 -7.003  1.00 42.65  ? 261 TRP A CG  1 
ATOM   149  C CD1 . TRP A 1 25  ? -0.358  -20.174 -8.038  1.00 41.75  ? 261 TRP A CD1 1 
ATOM   150  C CD2 . TRP A 1 25  ? 0.387   -18.652 -6.566  1.00 41.08  ? 261 TRP A CD2 1 
ATOM   151  N NE1 . TRP A 1 25  ? -1.040  -19.003 -8.266  1.00 41.98  ? 261 TRP A NE1 1 
ATOM   152  C CE2 . TRP A 1 25  ? -0.603  -18.053 -7.376  1.00 40.32  ? 261 TRP A CE2 1 
ATOM   153  C CE3 . TRP A 1 25  ? 1.004   -17.885 -5.568  1.00 40.40  ? 261 TRP A CE3 1 
ATOM   154  C CZ2 . TRP A 1 25  ? -0.993  -16.720 -7.218  1.00 38.49  ? 261 TRP A CZ2 1 
ATOM   155  C CZ3 . TRP A 1 25  ? 0.618   -16.556 -5.412  1.00 39.13  ? 261 TRP A CZ3 1 
ATOM   156  C CH2 . TRP A 1 25  ? -0.372  -15.988 -6.234  1.00 38.29  ? 261 TRP A CH2 1 
ATOM   157  N N   . LYS A 1 26  ? 4.662   -21.371 -5.690  1.00 38.11  ? 262 LYS A N   1 
ATOM   158  C CA  . LYS A 1 26  ? 5.654   -22.097 -4.898  1.00 36.98  ? 262 LYS A CA  1 
ATOM   159  C C   . LYS A 1 26  ? 5.818   -21.455 -3.514  1.00 34.26  ? 262 LYS A C   1 
ATOM   160  O O   . LYS A 1 26  ? 5.634   -20.243 -3.347  1.00 31.10  ? 262 LYS A O   1 
ATOM   161  C CB  . LYS A 1 26  ? 7.010   -22.121 -5.622  1.00 40.11  ? 262 LYS A CB  1 
ATOM   162  C CG  . LYS A 1 26  ? 7.017   -22.920 -6.927  1.00 46.07  ? 262 LYS A CG  1 
ATOM   163  C CD  . LYS A 1 26  ? 6.668   -24.382 -6.659  1.00 50.80  ? 262 LYS A CD  1 
ATOM   164  C CE  . LYS A 1 26  ? 6.633   -25.216 -7.932  1.00 53.63  ? 262 LYS A CE  1 
ATOM   165  N NZ  . LYS A 1 26  ? 6.480   -26.661 -7.637  1.00 55.63  ? 262 LYS A NZ  1 
ATOM   166  N N   . VAL A 1 27  ? 6.171   -22.275 -2.501  1.00 28.30  ? 263 VAL A N   1 
ATOM   167  C CA  . VAL A 1 27  ? 6.377   -21.770 -1.137  1.00 27.50  ? 263 VAL A CA  1 
ATOM   168  C C   . VAL A 1 27  ? 7.770   -21.269 -1.005  1.00 25.68  ? 263 VAL A C   1 
ATOM   169  O O   . VAL A 1 27  ? 8.726   -21.957 -1.373  1.00 27.39  ? 263 VAL A O   1 
ATOM   170  C CB  . VAL A 1 27  ? 6.137   -22.849 -0.061  1.00 30.04  ? 263 VAL A CB  1 
ATOM   171  C CG1 . VAL A 1 27  ? 6.665   -22.378 1.281   1.00 29.91  ? 263 VAL A CG1 1 
ATOM   172  C CG2 . VAL A 1 27  ? 4.654   -23.179 0.045   1.00 31.82  ? 263 VAL A CG2 1 
ATOM   173  N N   . ARG A 1 28  ? 7.910   -20.092 -0.488  1.00 28.82  ? 264 ARG A N   1 
ATOM   174  C CA  . ARG A 1 28  ? 9.228   -19.596 -0.292  1.00 27.94  ? 264 ARG A CA  1 
ATOM   175  C C   . ARG A 1 28  ? 9.269   -18.965 1.064   1.00 29.08  ? 264 ARG A C   1 
ATOM   176  O O   . ARG A 1 28  ? 8.250   -18.576 1.637   1.00 27.14  ? 264 ARG A O   1 
ATOM   177  C CB  . ARG A 1 28  ? 9.610   -18.571 -1.362  1.00 30.84  ? 264 ARG A CB  1 
ATOM   178  C CG  . ARG A 1 28  ? 10.437  -19.117 -2.504  1.00 32.58  ? 264 ARG A CG  1 
ATOM   179  C CD  . ARG A 1 28  ? 9.593   -19.984 -3.431  1.00 32.23  ? 264 ARG A CD  1 
ATOM   180  N NE  . ARG A 1 28  ? 10.385  -20.529 -4.528  1.00 33.75  ? 264 ARG A NE  1 
ATOM   181  C CZ  . ARG A 1 28  ? 10.926  -21.741 -4.520  1.00 33.34  ? 264 ARG A CZ  1 
ATOM   182  N NH1 . ARG A 1 28  ? 10.765  -22.536 -3.463  1.00 30.78  ? 264 ARG A NH1 1 
ATOM   183  N NH2 . ARG A 1 28  ? 11.624  -22.160 -5.552  1.00 32.03  ? 264 ARG A NH2 1 
ATOM   184  N N   . LYS A 1 29  ? 10.484  -18.874 1.580   1.00 27.20  ? 265 LYS A N   1 
ATOM   185  C CA  . LYS A 1 29  ? 10.748  -18.259 2.868   1.00 27.85  ? 265 LYS A CA  1 
ATOM   186  C C   . LYS A 1 29  ? 11.144  -16.818 2.539   1.00 26.66  ? 265 LYS A C   1 
ATOM   187  O O   . LYS A 1 29  ? 12.006  -16.593 1.685   1.00 27.52  ? 265 LYS A O   1 
ATOM   188  C CB  . LYS A 1 29  ? 11.898  -19.011 3.544   1.00 33.43  ? 265 LYS A CB  1 
ATOM   189  C CG  . LYS A 1 29  ? 12.611  -18.262 4.652   1.00 41.79  ? 265 LYS A CG  1 
ATOM   190  C CD  . LYS A 1 29  ? 11.735  -18.076 5.873   1.00 46.71  ? 265 LYS A CD  1 
ATOM   191  C CE  . LYS A 1 29  ? 12.550  -17.505 7.022   1.00 51.24  ? 265 LYS A CE  1 
ATOM   192  N NZ  . LYS A 1 29  ? 11.826  -17.569 8.315   1.00 53.91  ? 265 LYS A NZ  1 
ATOM   193  N N   . PHE A 1 30  ? 10.499  -15.848 3.185   1.00 23.22  ? 266 PHE A N   1 
ATOM   194  C CA  . PHE A 1 30  ? 10.789  -14.445 2.936   1.00 24.77  ? 266 PHE A CA  1 
ATOM   195  C C   . PHE A 1 30  ? 11.418  -13.765 4.135   1.00 25.38  ? 266 PHE A C   1 
ATOM   196  O O   . PHE A 1 30  ? 11.015  -13.992 5.276   1.00 26.35  ? 266 PHE A O   1 
ATOM   197  C CB  . PHE A 1 30  ? 9.513   -13.672 2.578   1.00 25.74  ? 266 PHE A CB  1 
ATOM   198  C CG  . PHE A 1 30  ? 8.948   -14.015 1.232   1.00 26.37  ? 266 PHE A CG  1 
ATOM   199  C CD1 . PHE A 1 30  ? 8.231   -15.191 1.039   1.00 24.69  ? 266 PHE A CD1 1 
ATOM   200  C CD2 . PHE A 1 30  ? 9.158   -13.172 0.151   1.00 25.88  ? 266 PHE A CD2 1 
ATOM   201  C CE1 . PHE A 1 30  ? 7.733   -15.521 -0.215  1.00 26.64  ? 266 PHE A CE1 1 
ATOM   202  C CE2 . PHE A 1 30  ? 8.663   -13.495 -1.106  1.00 27.27  ? 266 PHE A CE2 1 
ATOM   203  C CZ  . PHE A 1 30  ? 7.950   -14.676 -1.286  1.00 27.90  ? 266 PHE A CZ  1 
ATOM   204  N N   . ILE A 1 31  ? 12.402  -12.918 3.869   1.00 28.88  ? 267 ILE A N   1 
ATOM   205  C CA  . ILE A 1 31  ? 13.052  -12.164 4.922   1.00 32.06  ? 267 ILE A CA  1 
ATOM   206  C C   . ILE A 1 31  ? 13.088  -10.697 4.508   1.00 30.66  ? 267 ILE A C   1 
ATOM   207  O O   . ILE A 1 31  ? 13.725  -10.335 3.518   1.00 31.40  ? 267 ILE A O   1 
ATOM   208  C CB  . ILE A 1 31  ? 14.494  -12.656 5.187   1.00 31.33  ? 267 ILE A CB  1 
ATOM   209  C CG1 . ILE A 1 31  ? 14.469  -14.123 5.628   1.00 32.11  ? 267 ILE A CG1 1 
ATOM   210  C CG2 . ILE A 1 31  ? 15.151  -11.780 6.257   1.00 31.13  ? 267 ILE A CG2 1 
ATOM   211  C CD1 . ILE A 1 31  ? 15.809  -14.646 6.135   1.00 37.03  ? 267 ILE A CD1 1 
ATOM   212  N N   . LEU A 1 32  ? 12.390  -9.861  5.273   1.00 33.13  ? 268 LEU A N   1 
ATOM   213  C CA  . LEU A 1 32  ? 12.316  -8.429  5.014   1.00 33.55  ? 268 LEU A CA  1 
ATOM   214  C C   . LEU A 1 32  ? 13.333  -7.702  5.893   1.00 34.97  ? 268 LEU A C   1 
ATOM   215  O O   . LEU A 1 32  ? 13.376  -7.917  7.102   1.00 34.02  ? 268 LEU A O   1 
ATOM   216  C CB  . LEU A 1 32  ? 10.872  -7.934  5.294   1.00 33.54  ? 268 LEU A CB  1 
ATOM   217  C CG  . LEU A 1 32  ? 10.573  -6.426  5.229   1.00 33.52  ? 268 LEU A CG  1 
ATOM   218  C CD1 . LEU A 1 32  ? 10.745  -5.900  3.810   1.00 31.51  ? 268 LEU A CD1 1 
ATOM   219  C CD2 . LEU A 1 32  ? 9.171   -6.155  5.748   1.00 31.19  ? 268 LEU A CD2 1 
ATOM   220  N N   . ARG A 1 33  ? 14.150  -6.848  5.278   1.00 36.92  ? 269 ARG A N   1 
ATOM   221  C CA  . ARG A 1 33  ? 15.143  -6.066  5.994   1.00 44.12  ? 269 ARG A CA  1 
ATOM   222  C C   . ARG A 1 33  ? 14.846  -4.592  5.770   1.00 49.00  ? 269 ARG A C   1 
ATOM   223  O O   . ARG A 1 33  ? 14.101  -4.270  4.863   1.00 45.14  ? 269 ARG A O   1 
ATOM   224  C CB  . ARG A 1 33  ? 16.567  -6.501  5.587   1.00 64.49  ? 269 ARG A CB  1 
ATOM   225  C CG  . ARG A 1 33  ? 17.031  -7.833  6.220   1.00 66.40  ? 269 ARG A CG  1 
ATOM   226  C CD  . ARG A 1 33  ? 18.452  -8.287  5.832   1.00 69.45  ? 269 ARG A CD  1 
ATOM   227  N NE  . ARG A 1 33  ? 18.703  -9.705  6.129   1.00 71.40  ? 269 ARG A NE  1 
ATOM   228  C CZ  . ARG A 1 33  ? 18.654  -10.675 5.209   1.00 73.08  ? 269 ARG A CZ  1 
ATOM   229  N NH1 . ARG A 1 33  ? 18.397  -10.376 3.945   1.00 72.99  ? 269 ARG A NH1 1 
ATOM   230  N NH2 . ARG A 1 33  ? 18.839  -11.942 5.572   1.00 73.58  ? 269 ARG A NH2 1 
ATOM   231  N N   . GLU A 1 34  ? 15.404  -3.696  6.577   1.00 57.72  ? 270 GLU A N   1 
ATOM   232  C CA  . GLU A 1 34  ? 15.037  -2.285  6.429   1.00 71.84  ? 270 GLU A CA  1 
ATOM   233  C C   . GLU A 1 34  ? 16.175  -1.331  6.140   1.00 88.45  ? 270 GLU A C   1 
ATOM   234  O O   . GLU A 1 34  ? 15.991  -0.446  5.317   1.00 81.00  ? 270 GLU A O   1 
ATOM   235  C CB  . GLU A 1 34  ? 14.272  -1.873  7.666   1.00 65.90  ? 270 GLU A CB  1 
ATOM   236  C CG  . GLU A 1 34  ? 15.172  -1.477  8.816   1.00 62.97  ? 270 GLU A CG  1 
ATOM   237  C CD  . GLU A 1 34  ? 14.425  -0.614  9.773   1.00 62.45  ? 270 GLU A CD  1 
ATOM   238  O OE1 . GLU A 1 34  ? 13.334  -0.133  9.390   1.00 60.10  ? 270 GLU A OE1 1 
ATOM   239  O OE2 . GLU A 1 34  ? 14.918  -0.408  10.891  1.00 63.52  ? 270 GLU A OE2 1 
ATOM   240  N N   . ASP A 1 35  ? 17.339  -1.457  6.778   1.00 103.30 ? 271 ASP A N   1 
ATOM   241  C CA  . ASP A 1 35  ? 18.416  -0.518  6.421   1.00 108.77 ? 271 ASP A CA  1 
ATOM   242  C C   . ASP A 1 35  ? 18.453  -0.542  4.889   1.00 101.17 ? 271 ASP A C   1 
ATOM   243  O O   . ASP A 1 35  ? 17.910  0.341   4.250   1.00 116.18 ? 271 ASP A O   1 
ATOM   244  C CB  . ASP A 1 35  ? 19.752  -0.923  7.078   1.00 110.31 ? 271 ASP A CB  1 
ATOM   245  C CG  . ASP A 1 35  ? 20.261  0.176   8.011   1.00 108.46 ? 271 ASP A CG  1 
ATOM   246  O OD1 . ASP A 1 35  ? 19.841  1.337   7.818   1.00 110.70 ? 271 ASP A OD1 1 
ATOM   247  O OD2 . ASP A 1 35  ? 21.075  -0.115  8.912   1.00 110.17 ? 271 ASP A OD2 1 
ATOM   248  N N   . PRO A 1 36  ? 19.115  -1.509  4.300   1.00 80.88  ? 272 PRO A N   1 
ATOM   249  C CA  . PRO A 1 36  ? 18.853  -1.653  2.872   1.00 61.93  ? 272 PRO A CA  1 
ATOM   250  C C   . PRO A 1 36  ? 17.386  -2.106  2.722   1.00 49.25  ? 272 PRO A C   1 
ATOM   251  O O   . PRO A 1 36  ? 17.072  -3.173  3.257   1.00 49.96  ? 272 PRO A O   1 
ATOM   252  C CB  . PRO A 1 36  ? 19.996  -2.557  2.403   1.00 67.94  ? 272 PRO A CB  1 
ATOM   253  C CG  . PRO A 1 36  ? 21.026  -2.445  3.476   1.00 68.66  ? 272 PRO A CG  1 
ATOM   254  C CD  . PRO A 1 36  ? 20.254  -2.395  4.770   1.00 74.10  ? 272 PRO A CD  1 
ATOM   255  N N   . ALA A 1 37  ? 16.468  -1.390  2.043   1.00 51.62  ? 273 ALA A N   1 
ATOM   256  C CA  . ALA A 1 37  ? 15.079  -1.909  1.962   1.00 45.80  ? 273 ALA A CA  1 
ATOM   257  C C   . ALA A 1 37  ? 15.015  -3.104  0.995   1.00 43.16  ? 273 ALA A C   1 
ATOM   258  O O   . ALA A 1 37  ? 14.982  -2.916  -0.217  1.00 41.73  ? 273 ALA A O   1 
ATOM   259  C CB  . ALA A 1 37  ? 14.109  -0.826  1.515   1.00 49.86  ? 273 ALA A CB  1 
ATOM   260  N N   . TYR A 1 38  ? 14.999  -4.330  1.555   1.00 41.68  ? 274 TYR A N   1 
ATOM   261  C CA  . TYR A 1 38  ? 15.010  -5.557  0.764   1.00 40.85  ? 274 TYR A CA  1 
ATOM   262  C C   . TYR A 1 38  ? 14.138  -6.681  1.293   1.00 38.19  ? 274 TYR A C   1 
ATOM   263  O O   . TYR A 1 38  ? 14.036  -6.879  2.496   1.00 36.02  ? 274 TYR A O   1 
ATOM   264  C CB  . TYR A 1 38  ? 16.447  -6.099  0.711   1.00 41.12  ? 274 TYR A CB  1 
ATOM   265  C CG  . TYR A 1 38  ? 17.296  -5.501  -0.378  1.00 42.63  ? 274 TYR A CG  1 
ATOM   266  C CD1 . TYR A 1 38  ? 17.196  -5.954  -1.692  1.00 43.44  ? 274 TYR A CD1 1 
ATOM   267  C CD2 . TYR A 1 38  ? 18.199  -4.486  -0.095  1.00 43.16  ? 274 TYR A CD2 1 
ATOM   268  C CE1 . TYR A 1 38  ? 17.977  -5.406  -2.696  1.00 44.46  ? 274 TYR A CE1 1 
ATOM   269  C CE2 . TYR A 1 38  ? 18.987  -3.934  -1.088  1.00 44.97  ? 274 TYR A CE2 1 
ATOM   270  C CZ  . TYR A 1 38  ? 18.875  -4.396  -2.387  1.00 44.65  ? 274 TYR A CZ  1 
ATOM   271  O OH  . TYR A 1 38  ? 19.669  -3.858  -3.376  1.00 44.30  ? 274 TYR A OH  1 
ATOM   272  N N   . LEU A 1 39  ? 13.520  -7.402  0.368   1.00 36.24  ? 275 LEU A N   1 
ATOM   273  C CA  . LEU A 1 39  ? 12.697  -8.554  0.642   1.00 36.68  ? 275 LEU A CA  1 
ATOM   274  C C   . LEU A 1 39  ? 13.325  -9.725  -0.125  1.00 35.50  ? 275 LEU A C   1 
ATOM   275  O O   . LEU A 1 39  ? 13.139  -9.829  -1.331  1.00 37.44  ? 275 LEU A O   1 
ATOM   276  C CB  . LEU A 1 39  ? 11.246  -8.359  0.214   1.00 35.04  ? 275 LEU A CB  1 
ATOM   277  C CG  . LEU A 1 39  ? 10.351  -9.581  0.476   1.00 34.99  ? 275 LEU A CG  1 
ATOM   278  C CD1 . LEU A 1 39  ? 10.112  -9.769  1.971   1.00 31.95  ? 275 LEU A CD1 1 
ATOM   279  C CD2 . LEU A 1 39  ? 9.035   -9.440  -0.265  1.00 34.17  ? 275 LEU A CD2 1 
ATOM   280  N N   . HIS A 1 40  ? 14.064  -10.602 0.558   1.00 33.71  ? 276 HIS A N   1 
ATOM   281  C CA  . HIS A 1 40  ? 14.691  -11.760 -0.092  1.00 33.45  ? 276 HIS A CA  1 
ATOM   282  C C   . HIS A 1 40  ? 13.831  -12.988 0.096   1.00 31.07  ? 276 HIS A C   1 
ATOM   283  O O   . HIS A 1 40  ? 13.145  -13.127 1.109   1.00 29.29  ? 276 HIS A O   1 
ATOM   284  C CB  . HIS A 1 40  ? 16.077  -12.072 0.485   1.00 38.83  ? 276 HIS A CB  1 
ATOM   285  C CG  . HIS A 1 40  ? 17.133  -11.010 0.182   1.00 41.18  ? 276 HIS A CG  1 
ATOM   286  N ND1 . HIS A 1 40  ? 17.377  -9.959  1.037   1.00 39.69  ? 276 HIS A ND1 1 
ATOM   287  C CD2 . HIS A 1 40  ? 18.007  -10.875 -0.845  1.00 40.95  ? 276 HIS A CD2 1 
ATOM   288  C CE1 . HIS A 1 40  ? 18.354  -9.219  0.551   1.00 40.63  ? 276 HIS A CE1 1 
ATOM   289  N NE2 . HIS A 1 40  ? 18.755  -9.752  -0.591  1.00 40.60  ? 276 HIS A NE2 1 
ATOM   290  N N   . TYR A 1 41  ? 13.868  -13.887 -0.888  1.00 32.13  ? 277 TYR A N   1 
ATOM   291  C CA  . TYR A 1 41  ? 13.117  -15.139 -0.742  1.00 33.10  ? 277 TYR A CA  1 
ATOM   292  C C   . TYR A 1 41  ? 14.060  -16.325 -0.931  1.00 33.25  ? 277 TYR A C   1 
ATOM   293  O O   . TYR A 1 41  ? 14.985  -16.254 -1.744  1.00 33.22  ? 277 TYR A O   1 
ATOM   294  C CB  . TYR A 1 41  ? 11.930  -15.202 -1.716  1.00 32.61  ? 277 TYR A CB  1 
ATOM   295  C CG  . TYR A 1 41  ? 12.190  -14.783 -3.144  1.00 31.96  ? 277 TYR A CG  1 
ATOM   296  C CD1 . TYR A 1 41  ? 12.709  -15.675 -4.077  1.00 31.52  ? 277 TYR A CD1 1 
ATOM   297  C CD2 . TYR A 1 41  ? 11.886  -13.492 -3.575  1.00 33.37  ? 277 TYR A CD2 1 
ATOM   298  C CE1 . TYR A 1 41  ? 12.916  -15.294 -5.411  1.00 29.66  ? 277 TYR A CE1 1 
ATOM   299  C CE2 . TYR A 1 41  ? 12.090  -13.099 -4.907  1.00 29.15  ? 277 TYR A CE2 1 
ATOM   300  C CZ  . TYR A 1 41  ? 12.607  -14.007 -5.812  1.00 30.96  ? 277 TYR A CZ  1 
ATOM   301  O OH  . TYR A 1 41  ? 12.804  -13.622 -7.131  1.00 29.19  ? 277 TYR A OH  1 
ATOM   302  N N   . TYR A 1 42  ? 13.822  -17.400 -0.188  1.00 31.95  ? 278 TYR A N   1 
ATOM   303  C CA  . TYR A 1 42  ? 14.684  -18.564 -0.248  1.00 34.55  ? 278 TYR A CA  1 
ATOM   304  C C   . TYR A 1 42  ? 13.906  -19.822 -0.560  1.00 34.82  ? 278 TYR A C   1 
ATOM   305  O O   . TYR A 1 42  ? 12.691  -19.794 -0.721  1.00 31.45  ? 278 TYR A O   1 
ATOM   306  C CB  . TYR A 1 42  ? 15.403  -18.735 1.091   1.00 37.38  ? 278 TYR A CB  1 
ATOM   307  C CG  . TYR A 1 42  ? 16.092  -17.489 1.611   1.00 41.40  ? 278 TYR A CG  1 
ATOM   308  C CD1 . TYR A 1 42  ? 15.354  -16.365 1.957   1.00 42.82  ? 278 TYR A CD1 1 
ATOM   309  C CD2 . TYR A 1 42  ? 17.472  -17.422 1.730   1.00 42.68  ? 278 TYR A CD2 1 
ATOM   310  C CE1 . TYR A 1 42  ? 15.970  -15.213 2.408   1.00 44.71  ? 278 TYR A CE1 1 
ATOM   311  C CE2 . TYR A 1 42  ? 18.099  -16.276 2.179   1.00 45.06  ? 278 TYR A CE2 1 
ATOM   312  C CZ  . TYR A 1 42  ? 17.343  -15.174 2.517   1.00 46.39  ? 278 TYR A CZ  1 
ATOM   313  O OH  . TYR A 1 42  ? 17.963  -14.029 2.963   1.00 49.16  ? 278 TYR A OH  1 
ATOM   314  N N   . ASP A 1 43  ? 14.602  -20.970 -0.566  1.00 32.73  ? 279 ASP A N   1 
ATOM   315  C CA  . ASP A 1 43  ? 13.940  -22.256 -0.621  1.00 42.79  ? 279 ASP A CA  1 
ATOM   316  C C   . ASP A 1 43  ? 13.193  -22.435 0.713   1.00 37.61  ? 279 ASP A C   1 
ATOM   317  O O   . ASP A 1 43  ? 13.677  -22.017 1.772   1.00 31.73  ? 279 ASP A O   1 
ATOM   318  C CB  . ASP A 1 43  ? 14.929  -23.399 -0.878  1.00 73.13  ? 279 ASP A CB  1 
ATOM   319  C CG  . ASP A 1 43  ? 14.684  -24.058 -2.222  1.00 90.25  ? 279 ASP A CG  1 
ATOM   320  O OD1 . ASP A 1 43  ? 13.783  -23.608 -2.951  1.00 100.53 ? 279 ASP A OD1 1 
ATOM   321  O OD2 . ASP A 1 43  ? 15.403  -25.031 -2.533  1.00 100.68 ? 279 ASP A OD2 1 
ATOM   322  N N   . PRO A 1 44  ? 12.001  -23.020 0.592   1.00 28.12  ? 280 PRO A N   1 
ATOM   323  C CA  . PRO A 1 44  ? 11.161  -23.277 1.766   1.00 34.45  ? 280 PRO A CA  1 
ATOM   324  C C   . PRO A 1 44  ? 11.942  -23.974 2.898   1.00 39.46  ? 280 PRO A C   1 
ATOM   325  O O   . PRO A 1 44  ? 11.498  -24.003 4.035   1.00 34.34  ? 280 PRO A O   1 
ATOM   326  C CB  . PRO A 1 44  ? 10.003  -24.093 1.188   1.00 42.01  ? 280 PRO A CB  1 
ATOM   327  C CG  . PRO A 1 44  ? 10.596  -24.811 0.024   1.00 43.83  ? 280 PRO A CG  1 
ATOM   328  C CD  . PRO A 1 44  ? 11.710  -23.938 -0.483  1.00 43.54  ? 280 PRO A CD  1 
ATOM   329  N N   . ALA A 1 45  ? 13.091  -24.512 2.543   1.00 60.42  ? 281 ALA A N   1 
ATOM   330  C CA  . ALA A 1 45  ? 13.970  -25.212 3.449   1.00 74.28  ? 281 ALA A CA  1 
ATOM   331  C C   . ALA A 1 45  ? 14.893  -24.257 4.199   1.00 78.40  ? 281 ALA A C   1 
ATOM   332  O O   . ALA A 1 45  ? 14.501  -23.157 4.586   1.00 81.33  ? 281 ALA A O   1 
ATOM   333  C CB  . ALA A 1 45  ? 14.789  -26.255 2.697   1.00 86.45  ? 281 ALA A CB  1 
ATOM   334  N N   . GLY A 1 46  ? 16.145  -24.680 4.383   1.00 104.29 ? 282 GLY A N   1 
ATOM   335  C CA  . GLY A 1 46  ? 17.075  -23.865 5.126   1.00 117.70 ? 282 GLY A CA  1 
ATOM   336  C C   . GLY A 1 46  ? 18.307  -23.429 4.332   1.00 122.17 ? 282 GLY A C   1 
ATOM   337  O O   . GLY A 1 46  ? 19.417  -23.466 4.840   1.00 127.59 ? 282 GLY A O   1 
ATOM   338  N N   . ALA A 1 47  ? 18.129  -23.015 3.119   1.00 113.99 ? 283 ALA A N   1 
ATOM   339  C CA  . ALA A 1 47  ? 19.269  -22.513 2.393   1.00 110.84 ? 283 ALA A CA  1 
ATOM   340  C C   . ALA A 1 47  ? 19.277  -21.019 2.640   1.00 110.21 ? 283 ALA A C   1 
ATOM   341  O O   . ALA A 1 47  ? 18.342  -20.355 2.209   1.00 110.67 ? 283 ALA A O   1 
ATOM   342  C CB  . ALA A 1 47  ? 19.201  -22.843 0.910   1.00 98.32  ? 283 ALA A CB  1 
ATOM   343  N N   . GLU A 1 48  ? 20.257  -20.454 3.295   1.00 125.11 ? 284 GLU A N   1 
ATOM   344  C CA  . GLU A 1 48  ? 20.036  -19.040 3.433   1.00 128.66 ? 284 GLU A CA  1 
ATOM   345  C C   . GLU A 1 48  ? 20.582  -18.278 2.258   1.00 112.60 ? 284 GLU A C   1 
ATOM   346  O O   . GLU A 1 48  ? 20.518  -17.040 2.241   1.00 105.79 ? 284 GLU A O   1 
ATOM   347  C CB  . GLU A 1 48  ? 20.490  -18.518 4.779   1.00 134.03 ? 284 GLU A CB  1 
ATOM   348  C CG  . GLU A 1 48  ? 19.289  -18.035 5.613   1.00 166.61 ? 284 GLU A CG  1 
ATOM   349  C CD  . GLU A 1 48  ? 18.066  -17.610 4.797   1.00 181.91 ? 284 GLU A CD  1 
ATOM   350  O OE1 . GLU A 1 48  ? 17.592  -18.406 3.971   1.00 188.39 ? 284 GLU A OE1 1 
ATOM   351  O OE2 . GLU A 1 48  ? 17.597  -16.472 5.006   1.00 188.68 ? 284 GLU A OE2 1 
ATOM   352  N N   . ASP A 1 49  ? 21.107  -18.972 1.296   1.00 49.44  ? 285 ASP A N   1 
ATOM   353  C CA  . ASP A 1 49  ? 21.480  -18.258 0.126   1.00 53.25  ? 285 ASP A CA  1 
ATOM   354  C C   . ASP A 1 49  ? 20.176  -18.133 -0.662  1.00 45.98  ? 285 ASP A C   1 
ATOM   355  O O   . ASP A 1 49  ? 19.558  -19.118 -1.073  1.00 41.25  ? 285 ASP A O   1 
ATOM   356  C CB  . ASP A 1 49  ? 22.576  -18.967 -0.697  1.00 80.88  ? 285 ASP A CB  1 
ATOM   357  C CG  . ASP A 1 49  ? 23.972  -18.446 -0.358  1.00 92.39  ? 285 ASP A CG  1 
ATOM   358  O OD1 . ASP A 1 49  ? 24.234  -17.230 -0.550  1.00 97.57  ? 285 ASP A OD1 1 
ATOM   359  O OD2 . ASP A 1 49  ? 24.801  -19.258 0.118   1.00 97.93  ? 285 ASP A OD2 1 
ATOM   360  N N   . PRO A 1 50  ? 19.777  -16.854 -0.858  1.00 45.62  ? 286 PRO A N   1 
ATOM   361  C CA  . PRO A 1 50  ? 18.545  -16.492 -1.563  1.00 42.75  ? 286 PRO A CA  1 
ATOM   362  C C   . PRO A 1 50  ? 18.352  -17.024 -2.943  1.00 40.11  ? 286 PRO A C   1 
ATOM   363  O O   . PRO A 1 50  ? 19.297  -17.313 -3.667  1.00 40.76  ? 286 PRO A O   1 
ATOM   364  C CB  . PRO A 1 50  ? 18.620  -14.964 -1.622  1.00 46.63  ? 286 PRO A CB  1 
ATOM   365  C CG  . PRO A 1 50  ? 19.605  -14.598 -0.565  1.00 47.62  ? 286 PRO A CG  1 
ATOM   366  C CD  . PRO A 1 50  ? 20.689  -15.637 -0.625  1.00 48.43  ? 286 PRO A CD  1 
ATOM   367  N N   . LEU A 1 51  ? 17.092  -17.112 -3.323  1.00 37.16  ? 287 LEU A N   1 
ATOM   368  C CA  . LEU A 1 51  ? 16.739  -17.538 -4.650  1.00 35.19  ? 287 LEU A CA  1 
ATOM   369  C C   . LEU A 1 51  ? 16.441  -16.258 -5.438  1.00 33.52  ? 287 LEU A C   1 
ATOM   370  O O   . LEU A 1 51  ? 16.250  -16.303 -6.657  1.00 33.47  ? 287 LEU A O   1 
ATOM   371  C CB  . LEU A 1 51  ? 15.493  -18.473 -4.656  1.00 43.74  ? 287 LEU A CB  1 
ATOM   372  C CG  . LEU A 1 51  ? 15.594  -19.944 -4.188  1.00 46.82  ? 287 LEU A CG  1 
ATOM   373  C CD1 . LEU A 1 51  ? 14.202  -20.540 -3.991  1.00 46.58  ? 287 LEU A CD1 1 
ATOM   374  C CD2 . LEU A 1 51  ? 16.403  -20.761 -5.182  1.00 47.50  ? 287 LEU A CD2 1 
ATOM   375  N N   . GLY A 1 52  ? 16.380  -15.096 -4.750  1.00 35.39  ? 288 GLY A N   1 
ATOM   376  C CA  . GLY A 1 52  ? 16.121  -13.813 -5.416  1.00 36.59  ? 288 GLY A CA  1 
ATOM   377  C C   . GLY A 1 52  ? 16.014  -12.661 -4.393  1.00 38.58  ? 288 GLY A C   1 
ATOM   378  O O   . GLY A 1 52  ? 15.914  -12.888 -3.185  1.00 35.73  ? 288 GLY A O   1 
ATOM   379  N N   . ALA A 1 53  ? 16.056  -11.430 -4.893  1.00 40.63  ? 289 ALA A N   1 
ATOM   380  C CA  . ALA A 1 53  ? 15.981  -10.258 -4.046  1.00 43.21  ? 289 ALA A CA  1 
ATOM   381  C C   . ALA A 1 53  ? 15.051  -9.219  -4.647  1.00 41.91  ? 289 ALA A C   1 
ATOM   382  O O   . ALA A 1 53  ? 14.976  -9.056  -5.864  1.00 46.14  ? 289 ALA A O   1 
ATOM   383  C CB  . ALA A 1 53  ? 17.373  -9.668  -3.824  1.00 39.61  ? 289 ALA A CB  1 
ATOM   384  N N   . ILE A 1 54  ? 14.354  -8.504  -3.785  1.00 36.69  ? 290 ILE A N   1 
ATOM   385  C CA  . ILE A 1 54  ? 13.466  -7.476  -4.269  1.00 34.51  ? 290 ILE A CA  1 
ATOM   386  C C   . ILE A 1 54  ? 13.841  -6.157  -3.602  1.00 33.36  ? 290 ILE A C   1 
ATOM   387  O O   . ILE A 1 54  ? 13.605  -5.972  -2.399  1.00 29.21  ? 290 ILE A O   1 
ATOM   388  C CB  . ILE A 1 54  ? 11.982  -7.801  -3.963  1.00 37.79  ? 290 ILE A CB  1 
ATOM   389  C CG1 . ILE A 1 54  ? 11.587  -9.153  -4.571  1.00 38.22  ? 290 ILE A CG1 1 
ATOM   390  C CG2 . ILE A 1 54  ? 11.095  -6.694  -4.523  1.00 41.00  ? 290 ILE A CG2 1 
ATOM   391  C CD1 . ILE A 1 54  ? 10.162  -9.573  -4.249  1.00 37.74  ? 290 ILE A CD1 1 
ATOM   392  N N   . HIS A 1 55  ? 14.454  -5.264  -4.384  1.00 35.72  ? 291 HIS A N   1 
ATOM   393  C CA  . HIS A 1 55  ? 14.839  -3.938  -3.912  1.00 37.98  ? 291 HIS A CA  1 
ATOM   394  C C   . HIS A 1 55  ? 13.497  -3.241  -3.690  1.00 34.94  ? 291 HIS A C   1 
ATOM   395  O O   . HIS A 1 55  ? 12.725  -3.073  -4.634  1.00 36.01  ? 291 HIS A O   1 
ATOM   396  C CB  . HIS A 1 55  ? 15.631  -3.212  -5.003  1.00 43.58  ? 291 HIS A CB  1 
ATOM   397  C CG  . HIS A 1 55  ? 16.210  -1.902  -4.558  1.00 49.70  ? 291 HIS A CG  1 
ATOM   398  N ND1 . HIS A 1 55  ? 17.384  -1.816  -3.837  1.00 53.31  ? 291 HIS A ND1 1 
ATOM   399  C CD2 . HIS A 1 55  ? 15.765  -0.630  -4.705  1.00 51.54  ? 291 HIS A CD2 1 
ATOM   400  C CE1 . HIS A 1 55  ? 17.642  -0.547  -3.563  1.00 53.33  ? 291 HIS A CE1 1 
ATOM   401  N NE2 . HIS A 1 55  ? 16.673  0.193   -4.080  1.00 53.40  ? 291 HIS A NE2 1 
ATOM   402  N N   . LEU A 1 56  ? 13.210  -2.839  -2.455  1.00 32.20  ? 292 LEU A N   1 
ATOM   403  C CA  . LEU A 1 56  ? 11.887  -2.242  -2.151  1.00 31.04  ? 292 LEU A CA  1 
ATOM   404  C C   . LEU A 1 56  ? 11.771  -0.705  -2.324  1.00 29.87  ? 292 LEU A C   1 
ATOM   405  O O   . LEU A 1 56  ? 10.673  -0.165  -2.301  1.00 26.79  ? 292 LEU A O   1 
ATOM   406  C CB  . LEU A 1 56  ? 11.481  -2.619  -0.731  1.00 34.11  ? 292 LEU A CB  1 
ATOM   407  C CG  . LEU A 1 56  ? 10.703  -3.931  -0.509  1.00 36.28  ? 292 LEU A CG  1 
ATOM   408  C CD1 . LEU A 1 56  ? 10.743  -4.796  -1.756  1.00 36.66  ? 292 LEU A CD1 1 
ATOM   409  C CD2 . LEU A 1 56  ? 11.270  -4.703  0.675   1.00 36.89  ? 292 LEU A CD2 1 
ATOM   410  N N   . ARG A 1 57  ? 12.906  -0.016  -2.492  1.00 40.64  ? 293 ARG A N   1 
ATOM   411  C CA  . ARG A 1 57  ? 12.842  1.445   -2.615  1.00 45.26  ? 293 ARG A CA  1 
ATOM   412  C C   . ARG A 1 57  ? 12.012  1.935   -3.789  1.00 41.84  ? 293 ARG A C   1 
ATOM   413  O O   . ARG A 1 57  ? 12.395  1.807   -4.939  1.00 36.78  ? 293 ARG A O   1 
ATOM   414  C CB  . ARG A 1 57  ? 14.246  2.031   -2.775  1.00 42.04  ? 293 ARG A CB  1 
ATOM   415  C CG  . ARG A 1 57  ? 14.276  3.398   -3.439  1.00 57.94  ? 293 ARG A CG  1 
ATOM   416  C CD  . ARG A 1 57  ? 15.454  4.225   -2.950  1.00 71.29  ? 293 ARG A CD  1 
ATOM   417  N NE  . ARG A 1 57  ? 15.688  4.048   -1.519  1.00 82.94  ? 293 ARG A NE  1 
ATOM   418  C CZ  . ARG A 1 57  ? 15.717  5.044   -0.639  1.00 89.40  ? 293 ARG A CZ  1 
ATOM   419  N NH1 . ARG A 1 57  ? 15.526  6.291   -1.043  1.00 92.95  ? 293 ARG A NH1 1 
ATOM   420  N NH2 . ARG A 1 57  ? 15.938  4.788   0.643   1.00 93.02  ? 293 ARG A NH2 1 
ATOM   421  N N   . GLY A 1 58  ? 10.852  2.507   -3.456  1.00 32.64  ? 294 GLY A N   1 
ATOM   422  C CA  . GLY A 1 58  ? 9.895   3.069   -4.387  1.00 34.05  ? 294 GLY A CA  1 
ATOM   423  C C   . GLY A 1 58  ? 8.886   2.051   -4.928  1.00 35.76  ? 294 GLY A C   1 
ATOM   424  O O   . GLY A 1 58  ? 8.242   2.302   -5.946  1.00 34.65  ? 294 GLY A O   1 
ATOM   425  N N   . CYS A 1 59  ? 8.752   0.892   -4.269  1.00 31.05  ? 295 CYS A N   1 
ATOM   426  C CA  . CYS A 1 59  ? 7.818   -0.115  -4.726  1.00 32.15  ? 295 CYS A CA  1 
ATOM   427  C C   . CYS A 1 59  ? 6.406   0.242   -4.363  1.00 30.84  ? 295 CYS A C   1 
ATOM   428  O O   . CYS A 1 59  ? 6.166   1.106   -3.509  1.00 29.02  ? 295 CYS A O   1 
ATOM   429  C CB  . CYS A 1 59  ? 8.170   -1.486  -4.147  1.00 31.48  ? 295 CYS A CB  1 
ATOM   430  S SG  . CYS A 1 59  ? 7.664   -1.711  -2.413  1.00 33.34  ? 295 CYS A SG  1 
ATOM   431  N N   . VAL A 1 60  ? 5.457   -0.408  -5.024  1.00 35.33  ? 296 VAL A N   1 
ATOM   432  C CA  . VAL A 1 60  ? 4.053   -0.196  -4.718  1.00 33.33  ? 296 VAL A CA  1 
ATOM   433  C C   . VAL A 1 60  ? 3.517   -1.553  -4.332  1.00 32.40  ? 296 VAL A C   1 
ATOM   434  O O   . VAL A 1 60  ? 3.741   -2.528  -5.031  1.00 32.38  ? 296 VAL A O   1 
ATOM   435  C CB  . VAL A 1 60  ? 3.256   0.359   -5.929  1.00 33.13  ? 296 VAL A CB  1 
ATOM   436  C CG1 . VAL A 1 60  ? 1.761   0.371   -5.644  1.00 33.84  ? 296 VAL A CG1 1 
ATOM   437  C CG2 . VAL A 1 60  ? 3.736   1.762   -6.273  1.00 32.00  ? 296 VAL A CG2 1 
ATOM   438  N N   . VAL A 1 61  ? 2.797   -1.642  -3.212  1.00 28.47  ? 297 VAL A N   1 
ATOM   439  C CA  . VAL A 1 61  ? 2.272   -2.930  -2.757  1.00 30.63  ? 297 VAL A CA  1 
ATOM   440  C C   . VAL A 1 61  ? 0.778   -2.819  -2.410  1.00 29.72  ? 297 VAL A C   1 
ATOM   441  O O   . VAL A 1 61  ? 0.383   -2.013  -1.569  1.00 27.43  ? 297 VAL A O   1 
ATOM   442  C CB  . VAL A 1 61  ? 3.151   -3.474  -1.591  1.00 33.29  ? 297 VAL A CB  1 
ATOM   443  C CG1 . VAL A 1 61  ? 3.147   -2.479  -0.436  1.00 35.52  ? 297 VAL A CG1 1 
ATOM   444  C CG2 . VAL A 1 61  ? 2.667   -4.839  -1.116  1.00 32.58  ? 297 VAL A CG2 1 
ATOM   445  N N   . THR A 1 62  ? -0.031  -3.651  -3.056  1.00 31.93  ? 298 THR A N   1 
ATOM   446  C CA  . THR A 1 62  ? -1.474  -3.607  -2.849  1.00 38.01  ? 298 THR A CA  1 
ATOM   447  C C   . THR A 1 62  ? -2.158  -4.967  -2.814  1.00 35.73  ? 298 THR A C   1 
ATOM   448  O O   . THR A 1 62  ? -1.640  -5.943  -3.329  1.00 35.00  ? 298 THR A O   1 
ATOM   449  C CB  . THR A 1 62  ? -2.158  -2.805  -3.970  1.00 48.61  ? 298 THR A CB  1 
ATOM   450  O OG1 . THR A 1 62  ? -2.012  -3.525  -5.211  1.00 54.79  ? 298 THR A OG1 1 
ATOM   451  C CG2 . THR A 1 62  ? -1.534  -1.425  -4.106  1.00 53.52  ? 298 THR A CG2 1 
ATOM   452  N N   . SER A 1 63  ? -3.345  -5.038  -2.194  1.00 31.44  ? 299 SER A N   1 
ATOM   453  C CA  . SER A 1 63  ? -4.099  -6.284  -2.164  1.00 34.28  ? 299 SER A CA  1 
ATOM   454  C C   . SER A 1 63  ? -4.664  -6.509  -3.557  1.00 36.42  ? 299 SER A C   1 
ATOM   455  O O   . SER A 1 63  ? -4.858  -5.566  -4.310  1.00 34.13  ? 299 SER A O   1 
ATOM   456  C CB  . SER A 1 63  ? -5.259  -6.205  -1.159  1.00 31.62  ? 299 SER A CB  1 
ATOM   457  O OG  . SER A 1 63  ? -4.787  -6.060  0.171   1.00 33.85  ? 299 SER A OG  1 
ATOM   458  N N   . VAL A 1 64  ? -4.921  -7.764  -3.900  1.00 34.17  ? 300 VAL A N   1 
ATOM   459  C CA  . VAL A 1 64  ? -5.497  -8.084  -5.204  1.00 43.02  ? 300 VAL A CA  1 
ATOM   460  C C   . VAL A 1 64  ? -6.832  -8.767  -4.963  1.00 48.21  ? 300 VAL A C   1 
ATOM   461  O O   . VAL A 1 64  ? -6.905  -9.752  -4.234  1.00 42.37  ? 300 VAL A O   1 
ATOM   462  C CB  . VAL A 1 64  ? -4.583  -9.004  -6.020  1.00 46.30  ? 300 VAL A CB  1 
ATOM   463  C CG1 . VAL A 1 64  ? -5.190  -9.332  -7.379  1.00 46.63  ? 300 VAL A CG1 1 
ATOM   464  C CG2 . VAL A 1 64  ? -3.212  -8.347  -6.194  1.00 46.50  ? 300 VAL A CG2 1 
ATOM   465  N N   . GLU A 1 65  ? -7.880  -8.218  -5.566  1.00 57.81  ? 301 GLU A N   1 
ATOM   466  C CA  . GLU A 1 65  ? -9.246  -8.719  -5.396  1.00 75.48  ? 301 GLU A CA  1 
ATOM   467  C C   . GLU A 1 65  ? -9.542  -9.826  -6.403  1.00 68.26  ? 301 GLU A C   1 
ATOM   468  O O   . GLU A 1 65  ? -8.691  -10.172 -7.230  1.00 61.61  ? 301 GLU A O   1 
ATOM   469  C CB  . GLU A 1 65  ? -10.248 -7.583  -5.533  1.00 96.18  ? 301 GLU A CB  1 
ATOM   470  N N   . GLU A 1 75  ? -8.318  -18.188 -5.430  1.00 94.39  ? 311 GLU A N   1 
ATOM   471  C CA  . GLU A 1 75  ? -7.102  -17.801 -4.727  1.00 88.77  ? 311 GLU A CA  1 
ATOM   472  C C   . GLU A 1 75  ? -7.395  -16.720 -3.706  1.00 81.10  ? 311 GLU A C   1 
ATOM   473  O O   . GLU A 1 75  ? -7.861  -15.626 -4.045  1.00 89.55  ? 311 GLU A O   1 
ATOM   474  C CB  . GLU A 1 75  ? -6.017  -17.390 -5.726  1.00 90.12  ? 311 GLU A CB  1 
ATOM   475  C CG  . GLU A 1 75  ? -5.723  -18.502 -6.715  1.00 83.71  ? 311 GLU A CG  1 
ATOM   476  C CD  . GLU A 1 75  ? -5.089  -18.024 -7.997  1.00 79.33  ? 311 GLU A CD  1 
ATOM   477  O OE1 . GLU A 1 75  ? -5.196  -16.821 -8.310  1.00 74.96  ? 311 GLU A OE1 1 
ATOM   478  O OE2 . GLU A 1 75  ? -4.489  -18.860 -8.701  1.00 75.50  ? 311 GLU A OE2 1 
ATOM   479  N N   . GLU A 1 76  ? -7.121  -17.041 -2.445  1.00 72.29  ? 312 GLU A N   1 
ATOM   480  C CA  . GLU A 1 76  ? -7.388  -16.161 -1.318  1.00 65.24  ? 312 GLU A CA  1 
ATOM   481  C C   . GLU A 1 76  ? -6.156  -15.415 -0.794  1.00 50.77  ? 312 GLU A C   1 
ATOM   482  O O   . GLU A 1 76  ? -5.035  -15.932 -0.798  1.00 40.41  ? 312 GLU A O   1 
ATOM   483  C CB  . GLU A 1 76  ? -7.969  -16.954 -0.145  1.00 92.32  ? 312 GLU A CB  1 
ATOM   484  C CG  . GLU A 1 76  ? -9.084  -17.911 -0.534  1.00 120.76 ? 312 GLU A CG  1 
ATOM   485  C CD  . GLU A 1 76  ? -9.519  -18.796 0.616   1.00 135.29 ? 312 GLU A CD  1 
ATOM   486  O OE1 . GLU A 1 76  ? -10.308 -19.735 0.377   1.00 143.40 ? 312 GLU A OE1 1 
ATOM   487  O OE2 . GLU A 1 76  ? -9.072  -18.552 1.756   1.00 143.66 ? 312 GLU A OE2 1 
ATOM   488  N N   . ASN A 1 77  ? -6.371  -14.181 -0.358  1.00 39.15  ? 313 ASN A N   1 
ATOM   489  C CA  . ASN A 1 77  ? -5.327  -13.368 0.260   1.00 38.89  ? 313 ASN A CA  1 
ATOM   490  C C   . ASN A 1 77  ? -4.131  -13.107 -0.644  1.00 34.89  ? 313 ASN A C   1 
ATOM   491  O O   . ASN A 1 77  ? -2.976  -13.297 -0.251  1.00 30.35  ? 313 ASN A O   1 
ATOM   492  C CB  . ASN A 1 77  ? -4.955  -14.025 1.561   1.00 44.21  ? 313 ASN A CB  1 
ATOM   493  C CG  . ASN A 1 77  ? -6.217  -14.251 2.362   1.00 46.43  ? 313 ASN A CG  1 
ATOM   494  O OD1 . ASN A 1 77  ? -6.997  -13.316 2.580   1.00 47.43  ? 313 ASN A OD1 1 
ATOM   495  N ND2 . ASN A 1 77  ? -6.423  -15.496 2.803   1.00 45.70  ? 313 ASN A ND2 1 
ATOM   496  N N   . LEU A 1 78  ? -4.443  -12.585 -1.811  1.00 33.27  ? 314 LEU A N   1 
ATOM   497  C CA  . LEU A 1 78  ? -3.441  -12.251 -2.790  1.00 33.71  ? 314 LEU A CA  1 
ATOM   498  C C   . LEU A 1 78  ? -3.030  -10.806 -2.622  1.00 30.44  ? 314 LEU A C   1 
ATOM   499  O O   . LEU A 1 78  ? -3.840  -9.948  -2.224  1.00 27.06  ? 314 LEU A O   1 
ATOM   500  C CB  . LEU A 1 78  ? -3.952  -12.455 -4.214  1.00 38.09  ? 314 LEU A CB  1 
ATOM   501  C CG  . LEU A 1 78  ? -4.226  -13.903 -4.633  1.00 43.10  ? 314 LEU A CG  1 
ATOM   502  C CD1 . LEU A 1 78  ? -5.149  -13.961 -5.843  1.00 43.96  ? 314 LEU A CD1 1 
ATOM   503  C CD2 . LEU A 1 78  ? -2.926  -14.612 -4.921  1.00 44.24  ? 314 LEU A CD2 1 
ATOM   504  N N   . PHE A 1 79  ? -1.781  -10.509 -2.903  1.00 29.93  ? 315 PHE A N   1 
ATOM   505  C CA  . PHE A 1 79  ? -1.297  -9.146  -2.876  1.00 31.92  ? 315 PHE A CA  1 
ATOM   506  C C   . PHE A 1 79  ? -0.090  -9.057  -3.781  1.00 33.17  ? 315 PHE A C   1 
ATOM   507  O O   . PHE A 1 79  ? 0.674   -10.022 -3.918  1.00 32.92  ? 315 PHE A O   1 
ATOM   508  C CB  . PHE A 1 79  ? -1.013  -8.666  -1.455  1.00 36.63  ? 315 PHE A CB  1 
ATOM   509  C CG  . PHE A 1 79  ? 0.078   -9.403  -0.753  1.00 36.07  ? 315 PHE A CG  1 
ATOM   510  C CD1 . PHE A 1 79  ? 1.320   -8.810  -0.606  1.00 37.70  ? 315 PHE A CD1 1 
ATOM   511  C CD2 . PHE A 1 79  ? -0.121  -10.684 -0.236  1.00 37.02  ? 315 PHE A CD2 1 
ATOM   512  C CE1 . PHE A 1 79  ? 2.346   -9.470  0.041   1.00 37.09  ? 315 PHE A CE1 1 
ATOM   513  C CE2 . PHE A 1 79  ? 0.905   -11.346 0.410   1.00 35.86  ? 315 PHE A CE2 1 
ATOM   514  C CZ  . PHE A 1 79  ? 2.139   -10.739 0.549   1.00 36.14  ? 315 PHE A CZ  1 
ATOM   515  N N   . GLU A 1 80  ? 0.049   -7.881  -4.390  1.00 31.58  ? 316 GLU A N   1 
ATOM   516  C CA  . GLU A 1 80  ? 1.106   -7.722  -5.366  1.00 31.71  ? 316 GLU A CA  1 
ATOM   517  C C   . GLU A 1 80  ? 2.135   -6.624  -5.096  1.00 29.33  ? 316 GLU A C   1 
ATOM   518  O O   . GLU A 1 80  ? 1.808   -5.567  -4.568  1.00 29.11  ? 316 GLU A O   1 
ATOM   519  C CB  . GLU A 1 80  ? 0.484   -7.487  -6.745  1.00 38.58  ? 316 GLU A CB  1 
ATOM   520  C CG  . GLU A 1 80  ? 1.087   -6.292  -7.478  1.00 47.97  ? 316 GLU A CG  1 
ATOM   521  C CD  . GLU A 1 80  ? 0.377   -5.956  -8.775  1.00 51.74  ? 316 GLU A CD  1 
ATOM   522  O OE1 . GLU A 1 80  ? -0.435  -5.005  -8.779  1.00 52.69  ? 316 GLU A OE1 1 
ATOM   523  O OE2 . GLU A 1 80  ? 0.631   -6.642  -9.786  1.00 54.44  ? 316 GLU A OE2 1 
ATOM   524  N N   . ILE A 1 81  ? 3.405   -6.880  -5.479  1.00 27.14  ? 317 ILE A N   1 
ATOM   525  C CA  . ILE A 1 81  ? 4.486   -5.939  -5.301  1.00 24.35  ? 317 ILE A CA  1 
ATOM   526  C C   . ILE A 1 81  ? 4.922   -5.472  -6.681  1.00 22.61  ? 317 ILE A C   1 
ATOM   527  O O   . ILE A 1 81  ? 5.151   -6.292  -7.568  1.00 21.93  ? 317 ILE A O   1 
ATOM   528  C CB  . ILE A 1 81  ? 5.694   -6.546  -4.564  1.00 31.23  ? 317 ILE A CB  1 
ATOM   529  C CG1 . ILE A 1 81  ? 5.294   -7.037  -3.180  1.00 33.46  ? 317 ILE A CG1 1 
ATOM   530  C CG2 . ILE A 1 81  ? 6.817   -5.535  -4.449  1.00 31.62  ? 317 ILE A CG2 1 
ATOM   531  C CD1 . ILE A 1 81  ? 6.434   -7.619  -2.378  1.00 34.23  ? 317 ILE A CD1 1 
ATOM   532  N N   . ILE A 1 82  ? 5.038   -4.163  -6.853  1.00 25.84  ? 318 ILE A N   1 
ATOM   533  C CA  . ILE A 1 82  ? 5.480   -3.583  -8.112  1.00 28.99  ? 318 ILE A CA  1 
ATOM   534  C C   . ILE A 1 82  ? 6.722   -2.777  -7.786  1.00 26.02  ? 318 ILE A C   1 
ATOM   535  O O   . ILE A 1 82  ? 6.641   -1.768  -7.068  1.00 24.97  ? 318 ILE A O   1 
ATOM   536  C CB  . ILE A 1 82  ? 4.411   -2.678  -8.762  1.00 38.75  ? 318 ILE A CB  1 
ATOM   537  C CG1 . ILE A 1 82  ? 3.143   -3.496  -9.008  1.00 41.65  ? 318 ILE A CG1 1 
ATOM   538  C CG2 . ILE A 1 82  ? 4.940   -2.067  -10.049 1.00 40.04  ? 318 ILE A CG2 1 
ATOM   539  C CD1 . ILE A 1 82  ? 2.126   -2.782  -9.871  1.00 47.51  ? 318 ILE A CD1 1 
ATOM   540  N N   . THR A 1 83  ? 7.876   -3.189  -8.308  1.00 26.39  ? 319 THR A N   1 
ATOM   541  C CA  . THR A 1 83  ? 9.139   -2.487  -8.049  1.00 28.83  ? 319 THR A CA  1 
ATOM   542  C C   . THR A 1 83  ? 9.182   -1.133  -8.775  1.00 31.04  ? 319 THR A C   1 
ATOM   543  O O   . THR A 1 83  ? 8.320   -0.834  -9.615  1.00 27.67  ? 319 THR A O   1 
ATOM   544  C CB  . THR A 1 83  ? 10.367  -3.308  -8.529  1.00 27.63  ? 319 THR A CB  1 
ATOM   545  O OG1 . THR A 1 83  ? 10.318  -3.432  -9.959  1.00 30.20  ? 319 THR A OG1 1 
ATOM   546  C CG2 . THR A 1 83  ? 10.358  -4.681  -7.890  1.00 28.14  ? 319 THR A CG2 1 
ATOM   547  N N   . ALA A 1 84  ? 10.187  -0.317  -8.456  1.00 30.83  ? 320 ALA A N   1 
ATOM   548  C CA  . ALA A 1 84  ? 10.331  0.996   -9.080  1.00 34.45  ? 320 ALA A CA  1 
ATOM   549  C C   . ALA A 1 84  ? 10.503  0.914   -10.593 1.00 36.56  ? 320 ALA A C   1 
ATOM   550  O O   . ALA A 1 84  ? 10.233  1.880   -11.306 1.00 38.72  ? 320 ALA A O   1 
ATOM   551  C CB  . ALA A 1 84  ? 11.524  1.736   -8.468  1.00 29.03  ? 320 ALA A CB  1 
ATOM   552  N N   . ASP A 1 85  ? 10.959  -0.224  -11.101 1.00 39.78  ? 321 ASP A N   1 
ATOM   553  C CA  . ASP A 1 85  ? 11.127  -0.372  -12.524 1.00 43.71  ? 321 ASP A CA  1 
ATOM   554  C C   . ASP A 1 85  ? 10.041  -1.259  -13.101 1.00 39.08  ? 321 ASP A C   1 
ATOM   555  O O   . ASP A 1 85  ? 10.122  -1.693  -14.255 1.00 35.10  ? 321 ASP A O   1 
ATOM   556  C CB  . ASP A 1 85  ? 12.512  -0.937  -12.843 1.00 56.42  ? 321 ASP A CB  1 
ATOM   557  C CG  . ASP A 1 85  ? 13.072  -0.408  -14.149 1.00 66.89  ? 321 ASP A CG  1 
ATOM   558  O OD1 . ASP A 1 85  ? 14.172  -0.849  -14.546 1.00 71.63  ? 321 ASP A OD1 1 
ATOM   559  O OD2 . ASP A 1 85  ? 12.414  0.450   -14.773 1.00 72.62  ? 321 ASP A OD2 1 
ATOM   560  N N   . GLU A 1 86  ? 9.035   -1.532  -12.272 1.00 45.65  ? 322 GLU A N   1 
ATOM   561  C CA  . GLU A 1 86  ? 7.849   -2.311  -12.681 1.00 47.17  ? 322 GLU A CA  1 
ATOM   562  C C   . GLU A 1 86  ? 8.052   -3.799  -12.979 1.00 45.18  ? 322 GLU A C   1 
ATOM   563  O O   . GLU A 1 86  ? 7.694   -4.263  -14.060 1.00 45.10  ? 322 GLU A O   1 
ATOM   564  C CB  . GLU A 1 86  ? 7.169   -1.575  -13.856 1.00 54.56  ? 322 GLU A CB  1 
ATOM   565  C CG  . GLU A 1 86  ? 6.516   -0.260  -13.437 1.00 61.90  ? 322 GLU A CG  1 
ATOM   566  C CD  . GLU A 1 86  ? 5.630   0.307   -14.528 1.00 65.88  ? 322 GLU A CD  1 
ATOM   567  O OE1 . GLU A 1 86  ? 4.547   -0.266  -14.771 1.00 69.31  ? 322 GLU A OE1 1 
ATOM   568  O OE2 . GLU A 1 86  ? 6.019   1.323   -15.140 1.00 68.46  ? 322 GLU A OE2 1 
ATOM   569  N N   . VAL A 1 87  ? 8.767   -4.426  -12.014 1.00 35.07  ? 323 VAL A N   1 
ATOM   570  C CA  . VAL A 1 87  ? 8.818   -5.911  -12.037 1.00 32.75  ? 323 VAL A CA  1 
ATOM   571  C C   . VAL A 1 87  ? 7.668   -6.282  -11.113 1.00 31.88  ? 323 VAL A C   1 
ATOM   572  O O   . VAL A 1 87  ? 7.573   -5.724  -10.029 1.00 31.14  ? 323 VAL A O   1 
ATOM   573  C CB  . VAL A 1 87  ? 10.132  -6.506  -11.524 1.00 31.79  ? 323 VAL A CB  1 
ATOM   574  C CG1 . VAL A 1 87  ? 10.128  -8.022  -11.656 1.00 29.81  ? 323 VAL A CG1 1 
ATOM   575  C CG2 . VAL A 1 87  ? 11.330  -5.905  -12.259 1.00 29.58  ? 323 VAL A CG2 1 
ATOM   576  N N   . HIS A 1 88  ? 6.797   -7.223  -11.522 1.00 32.06  ? 324 HIS A N   1 
ATOM   577  C CA  . HIS A 1 88  ? 5.628   -7.584  -10.668 1.00 35.32  ? 324 HIS A CA  1 
ATOM   578  C C   . HIS A 1 88  ? 5.742   -8.898  -9.915  1.00 33.88  ? 324 HIS A C   1 
ATOM   579  O O   . HIS A 1 88  ? 6.106   -9.916  -10.490 1.00 33.51  ? 324 HIS A O   1 
ATOM   580  C CB  . HIS A 1 88  ? 4.354   -7.745  -11.485 1.00 43.14  ? 324 HIS A CB  1 
ATOM   581  C CG  . HIS A 1 88  ? 3.753   -6.407  -11.862 1.00 48.48  ? 324 HIS A CG  1 
ATOM   582  N ND1 . HIS A 1 88  ? 2.532   -5.963  -11.395 1.00 50.76  ? 324 HIS A ND1 1 
ATOM   583  C CD2 . HIS A 1 88  ? 4.237   -5.425  -12.664 1.00 50.77  ? 324 HIS A CD2 1 
ATOM   584  C CE1 . HIS A 1 88  ? 2.279   -4.774  -11.911 1.00 52.07  ? 324 HIS A CE1 1 
ATOM   585  N NE2 . HIS A 1 88  ? 3.305   -4.425  -12.668 1.00 52.38  ? 324 HIS A NE2 1 
ATOM   586  N N   . TYR A 1 89  ? 5.415   -8.847  -8.661  1.00 36.83  ? 325 TYR A N   1 
ATOM   587  C CA  . TYR A 1 89  ? 5.446   -10.045 -7.836  1.00 36.69  ? 325 TYR A CA  1 
ATOM   588  C C   . TYR A 1 89  ? 4.080   -10.324 -7.248  1.00 37.31  ? 325 TYR A C   1 
ATOM   589  O O   . TYR A 1 89  ? 3.461   -9.452  -6.636  1.00 36.50  ? 325 TYR A O   1 
ATOM   590  C CB  . TYR A 1 89  ? 6.456   -9.916  -6.693  1.00 32.88  ? 325 TYR A CB  1 
ATOM   591  C CG  . TYR A 1 89  ? 7.872   -9.749  -7.178  1.00 33.28  ? 325 TYR A CG  1 
ATOM   592  C CD1 . TYR A 1 89  ? 8.367   -8.487  -7.524  1.00 30.08  ? 325 TYR A CD1 1 
ATOM   593  C CD2 . TYR A 1 89  ? 8.714   -10.856 -7.325  1.00 32.54  ? 325 TYR A CD2 1 
ATOM   594  C CE1 . TYR A 1 89  ? 9.665   -8.329  -7.997  1.00 30.10  ? 325 TYR A CE1 1 
ATOM   595  C CE2 . TYR A 1 89  ? 10.011  -10.711 -7.804  1.00 31.19  ? 325 TYR A CE2 1 
ATOM   596  C CZ  . TYR A 1 89  ? 10.484  -9.446  -8.136  1.00 32.10  ? 325 TYR A CZ  1 
ATOM   597  O OH  . TYR A 1 89  ? 11.764  -9.299  -8.601  1.00 33.09  ? 325 TYR A OH  1 
ATOM   598  N N   . PHE A 1 90  ? 3.620   -11.552 -7.439  1.00 34.57  ? 326 PHE A N   1 
ATOM   599  C CA  . PHE A 1 90  ? 2.332   -11.971 -6.920  1.00 37.86  ? 326 PHE A CA  1 
ATOM   600  C C   . PHE A 1 90  ? 2.507   -12.964 -5.797  1.00 33.58  ? 326 PHE A C   1 
ATOM   601  O O   . PHE A 1 90  ? 3.036   -14.068 -5.990  1.00 31.08  ? 326 PHE A O   1 
ATOM   602  C CB  . PHE A 1 90  ? 1.472   -12.565 -8.038  1.00 48.55  ? 326 PHE A CB  1 
ATOM   603  C CG  . PHE A 1 90  ? 0.532   -11.578 -8.668  1.00 59.58  ? 326 PHE A CG  1 
ATOM   604  C CD1 . PHE A 1 90  ? 0.927   -10.826 -9.762  1.00 64.96  ? 326 PHE A CD1 1 
ATOM   605  C CD2 . PHE A 1 90  ? -0.757  -11.404 -8.160  1.00 64.54  ? 326 PHE A CD2 1 
ATOM   606  C CE1 . PHE A 1 90  ? 0.061   -9.917  -10.343 1.00 68.22  ? 326 PHE A CE1 1 
ATOM   607  C CE2 . PHE A 1 90  ? -1.621  -10.496 -8.741  1.00 68.10  ? 326 PHE A CE2 1 
ATOM   608  C CZ  . PHE A 1 90  ? -1.212  -9.752  -9.832  1.00 68.96  ? 326 PHE A CZ  1 
ATOM   609  N N   . LEU A 1 91  ? 2.038   -12.555 -4.623  1.00 30.08  ? 327 LEU A N   1 
ATOM   610  C CA  . LEU A 1 91  ? 2.126   -13.369 -3.419  1.00 30.29  ? 327 LEU A CA  1 
ATOM   611  C C   . LEU A 1 91  ? 0.760   -13.738 -2.858  1.00 31.07  ? 327 LEU A C   1 
ATOM   612  O O   . LEU A 1 91  ? -0.224  -13.090 -3.186  1.00 29.51  ? 327 LEU A O   1 
ATOM   613  C CB  . LEU A 1 91  ? 2.965   -12.634 -2.366  1.00 33.78  ? 327 LEU A CB  1 
ATOM   614  C CG  . LEU A 1 91  ? 4.280   -12.020 -2.835  1.00 32.42  ? 327 LEU A CG  1 
ATOM   615  C CD1 . LEU A 1 91  ? 4.877   -11.122 -1.758  1.00 32.23  ? 327 LEU A CD1 1 
ATOM   616  C CD2 . LEU A 1 91  ? 5.259   -13.108 -3.243  1.00 31.89  ? 327 LEU A CD2 1 
ATOM   617  N N   . GLN A 1 92  ? 0.702   -14.766 -2.038  1.00 31.20  ? 328 GLN A N   1 
ATOM   618  C CA  . GLN A 1 92  ? -0.523  -15.236 -1.438  1.00 32.71  ? 328 GLN A CA  1 
ATOM   619  C C   . GLN A 1 92  ? -0.238  -15.542 0.037   1.00 30.40  ? 328 GLN A C   1 
ATOM   620  O O   . GLN A 1 92  ? 0.649   -16.324 0.341   1.00 29.71  ? 328 GLN A O   1 
ATOM   621  C CB  . GLN A 1 92  ? -1.005  -16.492 -2.151  1.00 37.81  ? 328 GLN A CB  1 
ATOM   622  C CG  . GLN A 1 92  ? -2.480  -16.736 -2.028  1.00 43.83  ? 328 GLN A CG  1 
ATOM   623  C CD  . GLN A 1 92  ? -2.885  -18.120 -2.478  1.00 46.34  ? 328 GLN A CD  1 
ATOM   624  O OE1 . GLN A 1 92  ? -2.668  -18.480 -3.634  1.00 48.94  ? 328 GLN A OE1 1 
ATOM   625  N NE2 . GLN A 1 92  ? -3.493  -19.049 -1.742  1.00 48.75  ? 328 GLN A NE2 1 
ATOM   626  N N   . ALA A 1 93  ? -0.993  -14.918 0.938   1.00 29.01  ? 329 ALA A N   1 
ATOM   627  C CA  . ALA A 1 93  ? -0.828  -15.140 2.359   1.00 28.04  ? 329 ALA A CA  1 
ATOM   628  C C   . ALA A 1 93  ? -1.770  -16.260 2.765   1.00 28.54  ? 329 ALA A C   1 
ATOM   629  O O   . ALA A 1 93  ? -2.641  -16.661 1.988   1.00 26.43  ? 329 ALA A O   1 
ATOM   630  C CB  . ALA A 1 93  ? -1.165  -13.866 3.141   1.00 26.23  ? 329 ALA A CB  1 
ATOM   631  N N   . ALA A 1 94  ? -1.606  -16.750 3.987   1.00 30.27  ? 330 ALA A N   1 
ATOM   632  C CA  . ALA A 1 94  ? -2.453  -17.824 4.489   1.00 33.93  ? 330 ALA A CA  1 
ATOM   633  C C   . ALA A 1 94  ? -3.775  -17.259 5.046   1.00 35.21  ? 330 ALA A C   1 
ATOM   634  O O   . ALA A 1 94  ? -4.789  -17.944 5.038   1.00 34.19  ? 330 ALA A O   1 
ATOM   635  C CB  . ALA A 1 94  ? -1.716  -18.586 5.568   1.00 34.77  ? 330 ALA A CB  1 
ATOM   636  N N   . THR A 1 95  ? -3.753  -16.017 5.527   1.00 37.11  ? 331 THR A N   1 
ATOM   637  C CA  . THR A 1 95  ? -4.944  -15.372 6.071   1.00 38.20  ? 331 THR A CA  1 
ATOM   638  C C   . THR A 1 95  ? -4.923  -13.895 5.748   1.00 39.64  ? 331 THR A C   1 
ATOM   639  O O   . THR A 1 95  ? -3.857  -13.295 5.569   1.00 40.08  ? 331 THR A O   1 
ATOM   640  C CB  . THR A 1 95  ? -5.045  -15.492 7.606   1.00 37.44  ? 331 THR A CB  1 
ATOM   641  O OG1 . THR A 1 95  ? -3.976  -14.744 8.187   1.00 34.89  ? 331 THR A OG1 1 
ATOM   642  C CG2 . THR A 1 95  ? -4.965  -16.953 8.046   1.00 37.98  ? 331 THR A CG2 1 
ATOM   643  N N   . PRO A 1 96  ? -6.138  -13.274 5.726   1.00 41.67  ? 332 PRO A N   1 
ATOM   644  C CA  . PRO A 1 96  ? -6.164  -11.823 5.426   1.00 39.43  ? 332 PRO A CA  1 
ATOM   645  C C   . PRO A 1 96  ? -5.341  -11.004 6.439   1.00 35.41  ? 332 PRO A C   1 
ATOM   646  O O   . PRO A 1 96  ? -4.665  -10.021 6.086   1.00 33.34  ? 332 PRO A O   1 
ATOM   647  C CB  . PRO A 1 96  ? -7.672  -11.511 5.505   1.00 44.42  ? 332 PRO A CB  1 
ATOM   648  C CG  . PRO A 1 96  ? -8.302  -12.828 5.015   1.00 47.12  ? 332 PRO A CG  1 
ATOM   649  C CD  . PRO A 1 96  ? -7.512  -13.804 5.864   1.00 44.99  ? 332 PRO A CD  1 
ATOM   650  N N   . LYS A 1 97  ? -5.367  -11.428 7.697   1.00 35.16  ? 333 LYS A N   1 
ATOM   651  C CA  . LYS A 1 97  ? -4.597  -10.719 8.710   1.00 37.63  ? 333 LYS A CA  1 
ATOM   652  C C   . LYS A 1 97  ? -3.103  -10.767 8.342   1.00 33.87  ? 333 LYS A C   1 
ATOM   653  O O   . LYS A 1 97  ? -2.413  -9.761  8.470   1.00 30.22  ? 333 LYS A O   1 
ATOM   654  C CB  . LYS A 1 97  ? -4.845  -11.337 10.095  1.00 45.83  ? 333 LYS A CB  1 
ATOM   655  C CG  . LYS A 1 97  ? -4.484  -10.375 11.235  1.00 59.58  ? 333 LYS A CG  1 
ATOM   656  C CD  . LYS A 1 97  ? -4.186  -11.099 12.547  1.00 69.28  ? 333 LYS A CD  1 
ATOM   657  C CE  . LYS A 1 97  ? -3.495  -10.162 13.538  1.00 74.54  ? 333 LYS A CE  1 
ATOM   658  N NZ  . LYS A 1 97  ? -2.686  -10.913 14.541  1.00 79.27  ? 333 LYS A NZ  1 
ATOM   659  N N   . GLU A 1 98  ? -2.619  -11.921 7.874   1.00 34.32  ? 334 GLU A N   1 
ATOM   660  C CA  . GLU A 1 98  ? -1.208  -12.045 7.505   1.00 35.05  ? 334 GLU A CA  1 
ATOM   661  C C   . GLU A 1 98  ? -0.878  -11.146 6.314   1.00 35.46  ? 334 GLU A C   1 
ATOM   662  O O   . GLU A 1 98  ? 0.138   -10.447 6.293   1.00 32.44  ? 334 GLU A O   1 
ATOM   663  C CB  . GLU A 1 98  ? -0.880  -13.501 7.170   1.00 32.41  ? 334 GLU A CB  1 
ATOM   664  C CG  . GLU A 1 98  ? 0.566   -13.744 6.843   1.00 32.23  ? 334 GLU A CG  1 
ATOM   665  C CD  . GLU A 1 98  ? 0.862   -15.216 6.622   1.00 32.73  ? 334 GLU A CD  1 
ATOM   666  O OE1 . GLU A 1 98  ? 0.176   -15.854 5.797   1.00 32.89  ? 334 GLU A OE1 1 
ATOM   667  O OE2 . GLU A 1 98  ? 1.782   -15.727 7.285   1.00 33.98  ? 334 GLU A OE2 1 
ATOM   668  N N   . ARG A 1 99  ? -1.752  -11.166 5.321   1.00 32.89  ? 335 ARG A N   1 
ATOM   669  C CA  . ARG A 1 99  ? -1.571  -10.338 4.146   1.00 34.24  ? 335 ARG A CA  1 
ATOM   670  C C   . ARG A 1 99  ? -1.443  -8.874  4.550   1.00 34.20  ? 335 ARG A C   1 
ATOM   671  O O   . ARG A 1 99  ? -0.500  -8.184  4.140   1.00 33.27  ? 335 ARG A O   1 
ATOM   672  C CB  . ARG A 1 99  ? -2.772  -10.488 3.231   1.00 34.71  ? 335 ARG A CB  1 
ATOM   673  C CG  . ARG A 1 99  ? -2.749  -9.552  2.064   1.00 34.92  ? 335 ARG A CG  1 
ATOM   674  C CD  . ARG A 1 99  ? -4.164  -9.221  1.762   1.00 35.11  ? 335 ARG A CD  1 
ATOM   675  N NE  . ARG A 1 99  ? -4.633  -9.727  0.490   1.00 35.97  ? 335 ARG A NE  1 
ATOM   676  C CZ  . ARG A 1 99  ? -5.920  -9.866  0.186   1.00 33.83  ? 335 ARG A CZ  1 
ATOM   677  N NH1 . ARG A 1 99  ? -6.853  -9.551  1.073   1.00 36.10  ? 335 ARG A NH1 1 
ATOM   678  N NH2 . ARG A 1 99  ? -6.275  -10.266 -1.021  1.00 32.94  ? 335 ARG A NH2 1 
ATOM   679  N N   . THR A 1 100 ? -2.398  -8.397  5.349   1.00 33.04  ? 336 THR A N   1 
ATOM   680  C CA  . THR A 1 100 ? -2.371  -7.002  5.779   1.00 32.34  ? 336 THR A CA  1 
ATOM   681  C C   . THR A 1 100 ? -1.045  -6.684  6.468   1.00 31.21  ? 336 THR A C   1 
ATOM   682  O O   . THR A 1 100 ? -0.432  -5.653  6.193   1.00 30.67  ? 336 THR A O   1 
ATOM   683  C CB  . THR A 1 100 ? -3.567  -6.667  6.735   1.00 35.37  ? 336 THR A CB  1 
ATOM   684  O OG1 . THR A 1 100 ? -4.801  -6.786  6.018   1.00 39.01  ? 336 THR A OG1 1 
ATOM   685  C CG2 . THR A 1 100 ? -3.452  -5.236  7.275   1.00 36.38  ? 336 THR A CG2 1 
ATOM   686  N N   . GLU A 1 101 ? -0.606  -7.577  7.349   1.00 30.71  ? 337 GLU A N   1 
ATOM   687  C CA  . GLU A 1 101 ? 0.650   -7.402  8.069   1.00 34.27  ? 337 GLU A CA  1 
ATOM   688  C C   . GLU A 1 101 ? 1.857   -7.306  7.140   1.00 31.45  ? 337 GLU A C   1 
ATOM   689  O O   . GLU A 1 101 ? 2.745   -6.486  7.351   1.00 29.05  ? 337 GLU A O   1 
ATOM   690  C CB  . GLU A 1 101 ? 0.854   -8.561  9.048   1.00 44.69  ? 337 GLU A CB  1 
ATOM   691  C CG  . GLU A 1 101 ? 0.065   -8.432  10.347  1.00 58.61  ? 337 GLU A CG  1 
ATOM   692  C CD  . GLU A 1 101 ? 0.192   -9.662  11.235  1.00 65.74  ? 337 GLU A CD  1 
ATOM   693  O OE1 . GLU A 1 101 ? -0.257  -9.608  12.401  1.00 71.06  ? 337 GLU A OE1 1 
ATOM   694  O OE2 . GLU A 1 101 ? 0.734   -10.684 10.763  1.00 70.50  ? 337 GLU A OE2 1 
ATOM   695  N N   . TRP A 1 102 ? 1.905   -8.152  6.118   1.00 29.61  ? 338 TRP A N   1 
ATOM   696  C CA  . TRP A 1 102 ? 3.024   -8.107  5.184   1.00 30.09  ? 338 TRP A CA  1 
ATOM   697  C C   . TRP A 1 102 ? 3.014   -6.819  4.368   1.00 30.21  ? 338 TRP A C   1 
ATOM   698  O O   . TRP A 1 102 ? 4.058   -6.200  4.153   1.00 28.48  ? 338 TRP A O   1 
ATOM   699  C CB  . TRP A 1 102 ? 2.989   -9.304  4.234   1.00 31.20  ? 338 TRP A CB  1 
ATOM   700  C CG  . TRP A 1 102 ? 3.770   -10.480 4.743   1.00 32.78  ? 338 TRP A CG  1 
ATOM   701  C CD1 . TRP A 1 102 ? 3.266   -11.661 5.223   1.00 31.47  ? 338 TRP A CD1 1 
ATOM   702  C CD2 . TRP A 1 102 ? 5.200   -10.604 4.786   1.00 30.99  ? 338 TRP A CD2 1 
ATOM   703  N NE1 . TRP A 1 102 ? 4.297   -12.510 5.552   1.00 31.64  ? 338 TRP A NE1 1 
ATOM   704  C CE2 . TRP A 1 102 ? 5.488   -11.889 5.296   1.00 32.06  ? 338 TRP A CE2 1 
ATOM   705  C CE3 . TRP A 1 102 ? 6.263   -9.756  4.437   1.00 31.57  ? 338 TRP A CE3 1 
ATOM   706  C CZ2 . TRP A 1 102 ? 6.803   -12.344 5.467   1.00 30.92  ? 338 TRP A CZ2 1 
ATOM   707  C CZ3 . TRP A 1 102 ? 7.569   -10.216 4.605   1.00 29.69  ? 338 TRP A CZ3 1 
ATOM   708  C CH2 . TRP A 1 102 ? 7.822   -11.496 5.116   1.00 31.80  ? 338 TRP A CH2 1 
ATOM   709  N N   . ILE A 1 103 ? 1.836   -6.417  3.914   1.00 30.00  ? 339 ILE A N   1 
ATOM   710  C CA  . ILE A 1 103 ? 1.729   -5.209  3.114   1.00 30.10  ? 339 ILE A CA  1 
ATOM   711  C C   . ILE A 1 103 ? 2.208   -3.971  3.868   1.00 30.61  ? 339 ILE A C   1 
ATOM   712  O O   . ILE A 1 103 ? 3.011   -3.200  3.352   1.00 30.53  ? 339 ILE A O   1 
ATOM   713  C CB  . ILE A 1 103 ? 0.291   -4.995  2.623   1.00 25.65  ? 339 ILE A CB  1 
ATOM   714  C CG1 . ILE A 1 103 ? -0.091  -6.119  1.651   1.00 26.63  ? 339 ILE A CG1 1 
ATOM   715  C CG2 . ILE A 1 103 ? 0.174   -3.638  1.931   1.00 27.31  ? 339 ILE A CG2 1 
ATOM   716  C CD1 . ILE A 1 103 ? -1.525  -6.027  1.127   1.00 23.43  ? 339 ILE A CD1 1 
ATOM   717  N N   . LYS A 1 104 ? 1.732   -3.781  5.092   1.00 30.05  ? 340 LYS A N   1 
ATOM   718  C CA  . LYS A 1 104 ? 2.152   -2.622  5.861   1.00 31.25  ? 340 LYS A CA  1 
ATOM   719  C C   . LYS A 1 104 ? 3.648   -2.697  6.178   1.00 30.73  ? 340 LYS A C   1 
ATOM   720  O O   . LYS A 1 104 ? 4.351   -1.682  6.118   1.00 31.29  ? 340 LYS A O   1 
ATOM   721  C CB  . LYS A 1 104 ? 1.331   -2.506  7.147   1.00 31.50  ? 340 LYS A CB  1 
ATOM   722  C CG  . LYS A 1 104 ? -0.163  -2.345  6.917   1.00 35.05  ? 340 LYS A CG  1 
ATOM   723  C CD  . LYS A 1 104 ? -0.937  -2.465  8.220   1.00 38.53  ? 340 LYS A CD  1 
ATOM   724  C CE  . LYS A 1 104 ? -1.912  -1.311  8.391   1.00 40.70  ? 340 LYS A CE  1 
ATOM   725  N NZ  . LYS A 1 104 ? -2.679  -1.416  9.664   1.00 39.77  ? 340 LYS A NZ  1 
ATOM   726  N N   . ALA A 1 105 ? 4.144   -3.891  6.499   1.00 28.11  ? 341 ALA A N   1 
ATOM   727  C CA  . ALA A 1 105 ? 5.568   -4.055  6.813   1.00 30.21  ? 341 ALA A CA  1 
ATOM   728  C C   . ALA A 1 105 ? 6.421   -3.658  5.612   1.00 29.25  ? 341 ALA A C   1 
ATOM   729  O O   . ALA A 1 105 ? 7.409   -2.945  5.769   1.00 28.81  ? 341 ALA A O   1 
ATOM   730  C CB  . ALA A 1 105 ? 5.847   -5.483  7.238   1.00 37.88  ? 341 ALA A CB  1 
ATOM   731  N N   . ILE A 1 106 ? 6.038   -4.126  4.427   1.00 30.82  ? 342 ILE A N   1 
ATOM   732  C CA  . ILE A 1 106 ? 6.753   -3.802  3.195   1.00 31.73  ? 342 ILE A CA  1 
ATOM   733  C C   . ILE A 1 106 ? 6.683   -2.292  2.924   1.00 32.43  ? 342 ILE A C   1 
ATOM   734  O O   . ILE A 1 106 ? 7.643   -1.683  2.443   1.00 31.31  ? 342 ILE A O   1 
ATOM   735  C CB  . ILE A 1 106 ? 6.152   -4.557  2.002   1.00 32.68  ? 342 ILE A CB  1 
ATOM   736  C CG1 . ILE A 1 106 ? 6.462   -6.056  2.106   1.00 32.14  ? 342 ILE A CG1 1 
ATOM   737  C CG2 . ILE A 1 106 ? 6.694   -3.993  0.693   1.00 33.53  ? 342 ILE A CG2 1 
ATOM   738  C CD1 . ILE A 1 106 ? 5.590   -6.913  1.207   1.00 30.50  ? 342 ILE A CD1 1 
ATOM   739  N N   . GLN A 1 107 ? 5.549   -1.683  3.246   1.00 30.64  ? 343 GLN A N   1 
ATOM   740  C CA  . GLN A 1 107 ? 5.413   -0.255  3.044   1.00 33.23  ? 343 GLN A CA  1 
ATOM   741  C C   . GLN A 1 107 ? 6.327   0.559   3.948   1.00 33.99  ? 343 GLN A C   1 
ATOM   742  O O   . GLN A 1 107 ? 6.930   1.526   3.484   1.00 34.86  ? 343 GLN A O   1 
ATOM   743  C CB  . GLN A 1 107 ? 3.971   0.174   3.239   1.00 30.97  ? 343 GLN A CB  1 
ATOM   744  C CG  . GLN A 1 107 ? 3.052   -0.388  2.174   1.00 32.26  ? 343 GLN A CG  1 
ATOM   745  C CD  . GLN A 1 107 ? 1.706   0.314   2.138   1.00 30.41  ? 343 GLN A CD  1 
ATOM   746  O OE1 . GLN A 1 107 ? 1.466   1.247   2.897   1.00 33.24  ? 343 GLN A OE1 1 
ATOM   747  N NE2 . GLN A 1 107 ? 0.675   0.024   1.358   1.00 35.32  ? 343 GLN A NE2 1 
ATOM   748  N N   . MET A 1 108 ? 6.435   0.176   5.221   1.00 37.33  ? 344 MET A N   1 
ATOM   749  C CA  . MET A 1 108 ? 7.311   0.896   6.151   1.00 45.76  ? 344 MET A CA  1 
ATOM   750  C C   . MET A 1 108 ? 8.777   0.703   5.789   1.00 42.88  ? 344 MET A C   1 
ATOM   751  O O   . MET A 1 108 ? 9.579   1.619   5.931   1.00 39.34  ? 344 MET A O   1 
ATOM   752  C CB  . MET A 1 108 ? 7.067   0.436   7.605   1.00 53.38  ? 344 MET A CB  1 
ATOM   753  C CG  . MET A 1 108 ? 5.733   0.854   8.188   1.00 66.40  ? 344 MET A CG  1 
ATOM   754  S SD  . MET A 1 108 ? 5.891   1.783   9.721   1.00 73.31  ? 344 MET A SD  1 
ATOM   755  C CE  . MET A 1 108 ? 5.286   0.578   10.903  1.00 78.48  ? 344 MET A CE  1 
ATOM   756  N N   . ALA A 1 109 ? 9.130   -0.488  5.321   1.00 40.79  ? 345 ALA A N   1 
ATOM   757  C CA  . ALA A 1 109 ? 10.517  -0.784  4.971   1.00 42.20  ? 345 ALA A CA  1 
ATOM   758  C C   . ALA A 1 109 ? 11.070  0.108   3.836   1.00 42.88  ? 345 ALA A C   1 
ATOM   759  O O   . ALA A 1 109 ? 12.231  0.533   3.906   1.00 45.85  ? 345 ALA A O   1 
ATOM   760  C CB  . ALA A 1 109 ? 10.648  -2.258  4.583   1.00 29.65  ? 345 ALA A CB  1 
ATOM   761  N N   . SER A 1 110 ? 10.272  0.403   2.807   1.00 52.75  ? 346 SER A N   1 
ATOM   762  C CA  . SER A 1 110 ? 10.714  1.165   1.628   1.00 59.33  ? 346 SER A CA  1 
ATOM   763  C C   . SER A 1 110 ? 10.614  2.697   1.769   1.00 63.81  ? 346 SER A C   1 
ATOM   764  O O   . SER A 1 110 ? 10.762  3.444   0.804   1.00 63.87  ? 346 SER A O   1 
ATOM   765  C CB  . SER A 1 110 ? 9.903   0.704   0.407   1.00 62.82  ? 346 SER A CB  1 
ATOM   766  O OG  . SER A 1 110 ? 8.529   0.991   0.576   1.00 64.82  ? 346 SER A OG  1 
ATOM   767  N N   . ARG A 1 111 ? 10.275  3.075   3.024   1.00 84.80  ? 347 ARG A N   1 
ATOM   768  C CA  . ARG A 1 111 ? 9.997   4.460   3.502   1.00 106.50 ? 347 ARG A CA  1 
ATOM   769  C C   . ARG A 1 111 ? 10.547  5.483   2.566   1.00 98.57  ? 347 ARG A C   1 
ATOM   770  O O   . ARG A 1 111 ? 10.442  6.745   2.903   1.00 97.18  ? 347 ARG A O   1 
ATOM   771  C CB  . ARG A 1 111 ? 10.568  4.667   4.906   1.00 139.09 ? 347 ARG A CB  1 
ATOM   772  C CG  . ARG A 1 111 ? 9.861   3.865   5.987   1.00 158.88 ? 347 ARG A CG  1 
ATOM   773  C CD  . ARG A 1 111 ? 8.736   4.665   6.621   1.00 164.84 ? 347 ARG A CD  1 
ATOM   774  N NE  . ARG A 1 111 ? 8.305   4.092   7.893   1.00 163.19 ? 347 ARG A NE  1 
ATOM   775  C CZ  . ARG A 1 111 ? 9.126   3.530   8.774   1.00 162.14 ? 347 ARG A CZ  1 
ATOM   776  N NH1 . ARG A 1 111 ? 10.427  3.465   8.522   1.00 161.20 ? 347 ARG A NH1 1 
ATOM   777  N NH2 . ARG A 1 111 ? 8.648   3.053   9.915   1.00 161.36 ? 347 ARG A NH2 1 
ATOM   778  N N   . ARG B 1 6   ? 5.075   23.358  -3.215  1.00 123.60 ? 242 ARG B N   1 
ATOM   779  C CA  . ARG B 1 6   ? 4.859   23.217  -4.685  1.00 117.89 ? 242 ARG B CA  1 
ATOM   780  C C   . ARG B 1 6   ? 4.073   21.941  -4.990  1.00 108.47 ? 242 ARG B C   1 
ATOM   781  O O   . ARG B 1 6   ? 2.890   21.846  -4.666  1.00 111.67 ? 242 ARG B O   1 
ATOM   782  C CB  . ARG B 1 6   ? 6.189   23.246  -5.422  1.00 132.33 ? 242 ARG B CB  1 
ATOM   783  N N   . GLY B 1 7   ? 4.731   20.977  -5.632  1.00 94.24  ? 243 GLY B N   1 
ATOM   784  C CA  . GLY B 1 7   ? 4.106   19.700  -5.952  1.00 75.36  ? 243 GLY B CA  1 
ATOM   785  C C   . GLY B 1 7   ? 3.139   19.601  -7.122  1.00 65.01  ? 243 GLY B C   1 
ATOM   786  O O   . GLY B 1 7   ? 2.159   20.337  -7.194  1.00 62.38  ? 243 GLY B O   1 
ATOM   787  N N   . VAL B 1 8   ? 3.397   18.660  -8.023  1.00 60.04  ? 244 VAL B N   1 
ATOM   788  C CA  . VAL B 1 8   ? 2.531   18.458  -9.178  1.00 54.08  ? 244 VAL B CA  1 
ATOM   789  C C   . VAL B 1 8   ? 1.407   17.475  -8.830  1.00 51.01  ? 244 VAL B C   1 
ATOM   790  O O   . VAL B 1 8   ? 1.630   16.494  -8.117  1.00 49.20  ? 244 VAL B O   1 
ATOM   791  C CB  . VAL B 1 8   ? 3.336   17.913  -10.387 1.00 54.85  ? 244 VAL B CB  1 
ATOM   792  C CG1 . VAL B 1 8   ? 4.001   16.601  -10.018 1.00 53.14  ? 244 VAL B CG1 1 
ATOM   793  C CG2 . VAL B 1 8   ? 2.422   17.723  -11.579 1.00 52.56  ? 244 VAL B CG2 1 
ATOM   794  N N   . ILE B 1 9   ? 0.203   17.752  -9.327  1.00 44.74  ? 245 ILE B N   1 
ATOM   795  C CA  . ILE B 1 9   ? -0.959  16.902  -9.077  1.00 43.98  ? 245 ILE B CA  1 
ATOM   796  C C   . ILE B 1 9   ? -0.865  15.603  -9.863  1.00 39.36  ? 245 ILE B C   1 
ATOM   797  O O   . ILE B 1 9   ? -0.642  15.624  -11.071 1.00 38.43  ? 245 ILE B O   1 
ATOM   798  C CB  . ILE B 1 9   ? -2.271  17.609  -9.497  1.00 47.63  ? 245 ILE B CB  1 
ATOM   799  C CG1 . ILE B 1 9   ? -2.482  18.868  -8.654  1.00 50.67  ? 245 ILE B CG1 1 
ATOM   800  C CG2 . ILE B 1 9   ? -3.456  16.673  -9.372  1.00 47.98  ? 245 ILE B CG2 1 
ATOM   801  C CD1 . ILE B 1 9   ? -3.760  19.608  -8.979  1.00 52.00  ? 245 ILE B CD1 1 
ATOM   802  N N   . ILE B 1 10  ? -1.034  14.470  -9.187  1.00 36.45  ? 246 ILE B N   1 
ATOM   803  C CA  . ILE B 1 10  ? -0.989  13.191  -9.882  1.00 38.44  ? 246 ILE B CA  1 
ATOM   804  C C   . ILE B 1 10  ? -2.388  12.557  -9.919  1.00 33.47  ? 246 ILE B C   1 
ATOM   805  O O   . ILE B 1 10  ? -2.643  11.663  -10.729 1.00 28.61  ? 246 ILE B O   1 
ATOM   806  C CB  . ILE B 1 10  ? 0.043   12.214  -9.255  1.00 46.58  ? 246 ILE B CB  1 
ATOM   807  C CG1 . ILE B 1 10  ? -0.595  11.390  -8.137  1.00 52.35  ? 246 ILE B CG1 1 
ATOM   808  C CG2 . ILE B 1 10  ? 1.238   12.973  -8.716  1.00 53.41  ? 246 ILE B CG2 1 
ATOM   809  C CD1 . ILE B 1 10  ? 0.193   10.155  -7.749  1.00 55.97  ? 246 ILE B CD1 1 
ATOM   810  N N   . LYS B 1 11  ? -3.295  13.038  -9.076  1.00 33.67  ? 247 LYS B N   1 
ATOM   811  C CA  . LYS B 1 11  ? -4.649  12.446  -9.031  1.00 33.94  ? 247 LYS B CA  1 
ATOM   812  C C   . LYS B 1 11  ? -5.679  13.250  -8.229  1.00 32.75  ? 247 LYS B C   1 
ATOM   813  O O   . LYS B 1 11  ? -5.425  13.694  -7.109  1.00 32.51  ? 247 LYS B O   1 
ATOM   814  C CB  . LYS B 1 11  ? -4.553  11.034  -8.470  1.00 34.70  ? 247 LYS B CB  1 
ATOM   815  C CG  . LYS B 1 11  ? -5.883  10.286  -8.399  1.00 34.60  ? 247 LYS B CG  1 
ATOM   816  C CD  . LYS B 1 11  ? -5.713  8.800   -8.075  1.00 35.10  ? 247 LYS B CD  1 
ATOM   817  C CE  . LYS B 1 11  ? -7.039  8.049   -8.211  1.00 33.41  ? 247 LYS B CE  1 
ATOM   818  N NZ  . LYS B 1 11  ? -7.203  7.458   -9.568  1.00 35.52  ? 247 LYS B NZ  1 
ATOM   819  N N   . GLN B 1 12  ? -6.822  13.435  -8.837  1.00 31.46  ? 248 GLN B N   1 
ATOM   820  C CA  . GLN B 1 12  ? -7.910  14.164  -8.217  1.00 34.20  ? 248 GLN B CA  1 
ATOM   821  C C   . GLN B 1 12  ? -9.172  13.345  -8.280  1.00 28.49  ? 248 GLN B C   1 
ATOM   822  O O   . GLN B 1 12  ? -9.349  12.552  -9.195  1.00 23.96  ? 248 GLN B O   1 
ATOM   823  C CB  . GLN B 1 12  ? -8.163  15.507  -8.895  1.00 48.24  ? 248 GLN B CB  1 
ATOM   824  C CG  . GLN B 1 12  ? -6.924  16.245  -9.333  1.00 61.71  ? 248 GLN B CG  1 
ATOM   825  C CD  . GLN B 1 12  ? -7.263  17.523  -10.086 1.00 69.10  ? 248 GLN B CD  1 
ATOM   826  O OE1 . GLN B 1 12  ? -8.295  18.152  -9.821  1.00 71.16  ? 248 GLN B OE1 1 
ATOM   827  N NE2 . GLN B 1 12  ? -6.540  18.102  -11.053 1.00 72.25  ? 248 GLN B NE2 1 
ATOM   828  N N   . GLY B 1 13  ? -10.066 13.546  -7.323  1.00 26.47  ? 249 GLY B N   1 
ATOM   829  C CA  . GLY B 1 13  ? -11.307 12.804  -7.347  1.00 29.10  ? 249 GLY B CA  1 
ATOM   830  C C   . GLY B 1 13  ? -12.016 12.855  -6.014  1.00 29.25  ? 249 GLY B C   1 
ATOM   831  O O   . GLY B 1 13  ? -11.406 13.162  -4.992  1.00 29.59  ? 249 GLY B O   1 
ATOM   832  N N   . CYS B 1 14  ? -13.304 12.552  -6.017  1.00 29.93  ? 250 CYS B N   1 
ATOM   833  C CA  . CYS B 1 14  ? -14.064 12.551  -4.777  1.00 30.41  ? 250 CYS B CA  1 
ATOM   834  C C   . CYS B 1 14  ? -14.104 11.202  -4.158  1.00 27.83  ? 250 CYS B C   1 
ATOM   835  O O   . CYS B 1 14  ? -14.074 10.187  -4.834  1.00 24.96  ? 250 CYS B O   1 
ATOM   836  C CB  . CYS B 1 14  ? -15.467 13.000  -5.058  1.00 31.67  ? 250 CYS B CB  1 
ATOM   837  S SG  . CYS B 1 14  ? -15.330 14.684  -5.551  1.00 35.35  ? 250 CYS B SG  1 
ATOM   838  N N   . LEU B 1 15  ? -14.205 11.174  -2.851  1.00 28.25  ? 251 LEU B N   1 
ATOM   839  C CA  . LEU B 1 15  ? -14.289 9.947   -2.107  1.00 28.48  ? 251 LEU B CA  1 
ATOM   840  C C   . LEU B 1 15  ? -15.078 10.222  -0.864  1.00 27.44  ? 251 LEU B C   1 
ATOM   841  O O   . LEU B 1 15  ? -15.242 11.362  -0.433  1.00 27.40  ? 251 LEU B O   1 
ATOM   842  C CB  . LEU B 1 15  ? -12.893 9.431   -1.692  1.00 28.27  ? 251 LEU B CB  1 
ATOM   843  C CG  . LEU B 1 15  ? -11.940 8.995   -2.804  1.00 30.95  ? 251 LEU B CG  1 
ATOM   844  C CD1 . LEU B 1 15  ? -10.525 8.777   -2.260  1.00 28.75  ? 251 LEU B CD1 1 
ATOM   845  C CD2 . LEU B 1 15  ? -12.457 7.747   -3.485  1.00 28.29  ? 251 LEU B CD2 1 
ATOM   846  N N   . LEU B 1 16  ? -15.585 9.147   -0.265  1.00 23.04  ? 252 LEU B N   1 
ATOM   847  C CA  . LEU B 1 16  ? -16.267 9.239   0.998   1.00 24.10  ? 252 LEU B CA  1 
ATOM   848  C C   . LEU B 1 16  ? -15.189 9.244   2.080   1.00 25.69  ? 252 LEU B C   1 
ATOM   849  O O   . LEU B 1 16  ? -14.317 8.388   2.083   1.00 25.36  ? 252 LEU B O   1 
ATOM   850  C CB  . LEU B 1 16  ? -17.227 8.054   1.203   1.00 26.45  ? 252 LEU B CB  1 
ATOM   851  C CG  . LEU B 1 16  ? -18.641 8.146   0.617   1.00 31.25  ? 252 LEU B CG  1 
ATOM   852  C CD1 . LEU B 1 16  ? -19.247 6.771   0.502   1.00 30.45  ? 252 LEU B CD1 1 
ATOM   853  C CD2 . LEU B 1 16  ? -19.533 9.056   1.465   1.00 30.74  ? 252 LEU B CD2 1 
ATOM   854  N N   . LYS B 1 17  ? -15.233 10.186  3.007   1.00 35.25  ? 253 LYS B N   1 
ATOM   855  C CA  . LYS B 1 17  ? -14.240 10.254  4.082   1.00 36.07  ? 253 LYS B CA  1 
ATOM   856  C C   . LYS B 1 17  ? -14.935 10.137  5.425   1.00 37.47  ? 253 LYS B C   1 
ATOM   857  O O   . LYS B 1 17  ? -15.904 10.846  5.679   1.00 37.08  ? 253 LYS B O   1 
ATOM   858  C CB  . LYS B 1 17  ? -13.451 11.551  4.015   1.00 36.36  ? 253 LYS B CB  1 
ATOM   859  C CG  . LYS B 1 17  ? -12.492 11.765  5.180   1.00 37.69  ? 253 LYS B CG  1 
ATOM   860  C CD  . LYS B 1 17  ? -11.789 13.122  5.124   1.00 41.11  ? 253 LYS B CD  1 
ATOM   861  C CE  . LYS B 1 17  ? -10.799 13.292  6.271   1.00 43.06  ? 253 LYS B CE  1 
ATOM   862  N NZ  . LYS B 1 17  ? -11.472 13.205  7.599   1.00 45.26  ? 253 LYS B NZ  1 
ATOM   863  N N   . GLN B 1 18  ? -14.439 9.255   6.288   1.00 35.01  ? 254 GLN B N   1 
ATOM   864  C CA  . GLN B 1 18  ? -15.061 9.098   7.594   1.00 36.80  ? 254 GLN B CA  1 
ATOM   865  C C   . GLN B 1 18  ? -14.606 10.160  8.623   1.00 37.05  ? 254 GLN B C   1 
ATOM   866  O O   . GLN B 1 18  ? -13.420 10.478  8.713   1.00 35.54  ? 254 GLN B O   1 
ATOM   867  C CB  . GLN B 1 18  ? -14.798 7.698   8.147   1.00 37.39  ? 254 GLN B CB  1 
ATOM   868  C CG  . GLN B 1 18  ? -15.396 7.482   9.524   1.00 40.00  ? 254 GLN B CG  1 
ATOM   869  C CD  . GLN B 1 18  ? -15.207 6.054   10.010  1.00 40.59  ? 254 GLN B CD  1 
ATOM   870  O OE1 . GLN B 1 18  ? -14.107 5.655   10.405  1.00 40.82  ? 254 GLN B OE1 1 
ATOM   871  N NE2 . GLN B 1 18  ? -16.143 5.114   10.059  1.00 42.10  ? 254 GLN B NE2 1 
ATOM   872  N N   . GLY B 1 19  ? -15.568 10.694  9.378   1.00 36.13  ? 255 GLY B N   1 
ATOM   873  C CA  . GLY B 1 19  ? -15.293 11.653  10.421  1.00 41.36  ? 255 GLY B CA  1 
ATOM   874  C C   . GLY B 1 19  ? -14.667 10.900  11.607  1.00 47.02  ? 255 GLY B C   1 
ATOM   875  O O   . GLY B 1 19  ? -14.843 9.681   11.706  1.00 48.32  ? 255 GLY B O   1 
ATOM   876  N N   . HIS B 1 20  ? -13.914 11.586  12.504  1.00 52.56  ? 256 HIS B N   1 
ATOM   877  C CA  . HIS B 1 20  ? -13.192 10.945  13.653  1.00 64.61  ? 256 HIS B CA  1 
ATOM   878  C C   . HIS B 1 20  ? -13.959 10.992  14.931  1.00 67.59  ? 256 HIS B C   1 
ATOM   879  O O   . HIS B 1 20  ? -13.929 10.071  15.755  1.00 62.79  ? 256 HIS B O   1 
ATOM   880  C CB  . HIS B 1 20  ? -11.889 11.627  13.967  1.00 85.49  ? 256 HIS B CB  1 
ATOM   881  C CG  . HIS B 1 20  ? -10.855 11.541  12.857  1.00 100.60 ? 256 HIS B CG  1 
ATOM   882  N ND1 . HIS B 1 20  ? -10.768 12.486  11.853  1.00 106.90 ? 256 HIS B ND1 1 
ATOM   883  C CD2 . HIS B 1 20  ? -9.894  10.631  12.623  1.00 106.72 ? 256 HIS B CD2 1 
ATOM   884  C CE1 . HIS B 1 20  ? -9.780  12.158  11.054  1.00 110.37 ? 256 HIS B CE1 1 
ATOM   885  N NE2 . HIS B 1 20  ? -9.234  11.053  11.493  1.00 110.20 ? 256 HIS B NE2 1 
ATOM   886  N N   . ARG B 1 21  ? -14.644 12.080  15.048  1.00 87.69  ? 257 ARG B N   1 
ATOM   887  C CA  . ARG B 1 21  ? -15.467 12.349  16.180  1.00 96.11  ? 257 ARG B CA  1 
ATOM   888  C C   . ARG B 1 21  ? -16.648 11.424  16.225  1.00 96.64  ? 257 ARG B C   1 
ATOM   889  O O   . ARG B 1 21  ? -16.834 10.601  17.134  1.00 97.15  ? 257 ARG B O   1 
ATOM   890  C CB  . ARG B 1 21  ? -15.926 13.772  16.062  1.00 95.27  ? 257 ARG B CB  1 
ATOM   891  C CG  . ARG B 1 21  ? -16.793 14.210  17.196  1.00 99.90  ? 257 ARG B CG  1 
ATOM   892  C CD  . ARG B 1 21  ? -15.906 14.483  18.370  1.00 102.57 ? 257 ARG B CD  1 
ATOM   893  N NE  . ARG B 1 21  ? -16.746 14.867  19.469  1.00 103.96 ? 257 ARG B NE  1 
ATOM   894  C CZ  . ARG B 1 21  ? -16.338 14.928  20.719  1.00 104.57 ? 257 ARG B CZ  1 
ATOM   895  N NH1 . ARG B 1 21  ? -15.095 14.627  21.018  1.00 104.59 ? 257 ARG B NH1 1 
ATOM   896  N NH2 . ARG B 1 21  ? -17.185 15.300  21.676  1.00 104.76 ? 257 ARG B NH2 1 
ATOM   897  N N   . ARG B 1 22  ? -17.447 11.597  15.202  1.00 97.97  ? 258 ARG B N   1 
ATOM   898  C CA  . ARG B 1 22  ? -18.594 10.791  14.999  1.00 100.16 ? 258 ARG B CA  1 
ATOM   899  C C   . ARG B 1 22  ? -18.199 9.853   13.892  1.00 90.15  ? 258 ARG B C   1 
ATOM   900  O O   . ARG B 1 22  ? -17.251 10.146  13.161  1.00 86.28  ? 258 ARG B O   1 
ATOM   901  C CB  . ARG B 1 22  ? -19.819 11.674  14.733  1.00 113.43 ? 258 ARG B CB  1 
ATOM   902  C CG  . ARG B 1 22  ? -19.988 12.725  15.822  1.00 129.22 ? 258 ARG B CG  1 
ATOM   903  C CD  . ARG B 1 22  ? -21.157 13.653  15.505  1.00 139.54 ? 258 ARG B CD  1 
ATOM   904  N NE  . ARG B 1 22  ? -21.447 14.613  16.568  1.00 146.04 ? 258 ARG B NE  1 
ATOM   905  C CZ  . ARG B 1 22  ? -20.585 15.521  17.012  1.00 149.15 ? 258 ARG B CZ  1 
ATOM   906  N NH1 . ARG B 1 22  ? -19.371 15.597  16.483  1.00 151.09 ? 258 ARG B NH1 1 
ATOM   907  N NH2 . ARG B 1 22  ? -20.944 16.366  17.968  1.00 150.90 ? 258 ARG B NH2 1 
ATOM   908  N N   . LYS B 1 23  ? -18.853 8.741   13.717  1.00 76.40  ? 259 LYS B N   1 
ATOM   909  C CA  . LYS B 1 23  ? -18.327 7.894   12.676  1.00 70.78  ? 259 LYS B CA  1 
ATOM   910  C C   . LYS B 1 23  ? -19.149 7.938   11.425  1.00 64.39  ? 259 LYS B C   1 
ATOM   911  O O   . LYS B 1 23  ? -19.434 6.925   10.808  1.00 63.10  ? 259 LYS B O   1 
ATOM   912  C CB  . LYS B 1 23  ? -18.188 6.449   13.160  1.00 80.10  ? 259 LYS B CB  1 
ATOM   913  C CG  . LYS B 1 23  ? -17.266 6.261   14.360  1.00 82.19  ? 259 LYS B CG  1 
ATOM   914  C CD  . LYS B 1 23  ? -15.811 6.509   13.998  1.00 83.30  ? 259 LYS B CD  1 
ATOM   915  C CE  . LYS B 1 23  ? -14.898 6.386   15.220  1.00 84.28  ? 259 LYS B CE  1 
ATOM   916  N NZ  . LYS B 1 23  ? -13.468 6.627   14.881  1.00 85.85  ? 259 LYS B NZ  1 
ATOM   917  N N   . ASN B 1 24  ? -19.542 9.163   11.052  1.00 53.15  ? 260 ASN B N   1 
ATOM   918  C CA  . ASN B 1 24  ? -20.342 9.458   9.842   1.00 48.89  ? 260 ASN B CA  1 
ATOM   919  C C   . ASN B 1 24  ? -19.406 9.614   8.639   1.00 44.54  ? 260 ASN B C   1 
ATOM   920  O O   . ASN B 1 24  ? -18.206 9.778   8.809   1.00 42.75  ? 260 ASN B O   1 
ATOM   921  C CB  . ASN B 1 24  ? -21.203 10.733  10.033  1.00 47.37  ? 260 ASN B CB  1 
ATOM   922  C CG  . ASN B 1 24  ? -20.438 11.974  10.441  1.00 49.53  ? 260 ASN B CG  1 
ATOM   923  O OD1 . ASN B 1 24  ? -20.882 13.109  10.208  1.00 53.00  ? 260 ASN B OD1 1 
ATOM   924  N ND2 . ASN B 1 24  ? -19.289 11.772  11.067  1.00 50.23  ? 260 ASN B ND2 1 
ATOM   925  N N   . TRP B 1 25  ? -19.971 9.555   7.438   1.00 41.39  ? 261 TRP B N   1 
ATOM   926  C CA  . TRP B 1 25  ? -19.183 9.662   6.211   1.00 39.69  ? 261 TRP B CA  1 
ATOM   927  C C   . TRP B 1 25  ? -19.621 10.856  5.365   1.00 38.30  ? 261 TRP B C   1 
ATOM   928  O O   . TRP B 1 25  ? -20.813 11.077  5.152   1.00 37.27  ? 261 TRP B O   1 
ATOM   929  C CB  . TRP B 1 25  ? -19.313 8.391   5.366   1.00 39.20  ? 261 TRP B CB  1 
ATOM   930  C CG  . TRP B 1 25  ? -18.751 7.156   6.017   1.00 39.52  ? 261 TRP B CG  1 
ATOM   931  C CD1 . TRP B 1 25  ? -19.325 6.414   7.009   1.00 39.34  ? 261 TRP B CD1 1 
ATOM   932  C CD2 . TRP B 1 25  ? -17.499 6.525   5.716   1.00 37.89  ? 261 TRP B CD2 1 
ATOM   933  N NE1 . TRP B 1 25  ? -18.509 5.354   7.344   1.00 38.73  ? 261 TRP B NE1 1 
ATOM   934  C CE2 . TRP B 1 25  ? -17.383 5.402   6.565   1.00 38.88  ? 261 TRP B CE2 1 
ATOM   935  C CE3 . TRP B 1 25  ? -16.464 6.801   4.811   1.00 35.90  ? 261 TRP B CE3 1 
ATOM   936  C CZ2 . TRP B 1 25  ? -16.272 4.551   6.533   1.00 37.62  ? 261 TRP B CZ2 1 
ATOM   937  C CZ3 . TRP B 1 25  ? -15.359 5.953   4.781   1.00 35.76  ? 261 TRP B CZ3 1 
ATOM   938  C CH2 . TRP B 1 25  ? -15.274 4.844   5.635   1.00 35.97  ? 261 TRP B CH2 1 
ATOM   939  N N   . LYS B 1 26  ? -18.648 11.613  4.876   1.00 34.53  ? 262 LYS B N   1 
ATOM   940  C CA  . LYS B 1 26  ? -18.923 12.784  4.055   1.00 33.39  ? 262 LYS B CA  1 
ATOM   941  C C   . LYS B 1 26  ? -18.149 12.710  2.739   1.00 31.22  ? 262 LYS B C   1 
ATOM   942  O O   . LYS B 1 26  ? -17.042 12.175  2.666   1.00 29.45  ? 262 LYS B O   1 
ATOM   943  C CB  . LYS B 1 26  ? -18.504 14.056  4.800   1.00 35.16  ? 262 LYS B CB  1 
ATOM   944  C CG  . LYS B 1 26  ? -19.260 14.284  6.087   1.00 38.01  ? 262 LYS B CG  1 
ATOM   945  C CD  . LYS B 1 26  ? -20.695 14.697  5.832   1.00 41.17  ? 262 LYS B CD  1 
ATOM   946  C CE  . LYS B 1 26  ? -21.346 15.230  7.090   1.00 44.45  ? 262 LYS B CE  1 
ATOM   947  N NZ  . LYS B 1 26  ? -22.796 15.519  6.895   1.00 46.35  ? 262 LYS B NZ  1 
ATOM   948  N N   . VAL B 1 27  ? -18.752 13.255  1.683   1.00 29.84  ? 263 VAL B N   1 
ATOM   949  C CA  . VAL B 1 27  ? -18.146 13.312  0.361   1.00 29.48  ? 263 VAL B CA  1 
ATOM   950  C C   . VAL B 1 27  ? -17.147 14.463  0.368   1.00 28.27  ? 263 VAL B C   1 
ATOM   951  O O   . VAL B 1 27  ? -17.452 15.557  0.830   1.00 27.52  ? 263 VAL B O   1 
ATOM   952  C CB  . VAL B 1 27  ? -19.193 13.560  -0.763  1.00 27.47  ? 263 VAL B CB  1 
ATOM   953  C CG1 . VAL B 1 27  ? -18.498 13.831  -2.085  1.00 27.40  ? 263 VAL B CG1 1 
ATOM   954  C CG2 . VAL B 1 27  ? -20.135 12.366  -0.889  1.00 27.72  ? 263 VAL B CG2 1 
ATOM   955  N N   . ARG B 1 28  ? -15.954 14.218  -0.159  1.00 27.43  ? 264 ARG B N   1 
ATOM   956  C CA  . ARG B 1 28  ? -14.926 15.248  -0.215  1.00 28.63  ? 264 ARG B CA  1 
ATOM   957  C C   . ARG B 1 28  ? -14.172 15.116  -1.518  1.00 29.29  ? 264 ARG B C   1 
ATOM   958  O O   . ARG B 1 28  ? -14.034 14.017  -2.051  1.00 30.44  ? 264 ARG B O   1 
ATOM   959  C CB  . ARG B 1 28  ? -13.933 15.089  0.943   1.00 32.83  ? 264 ARG B CB  1 
ATOM   960  C CG  . ARG B 1 28  ? -14.540 15.245  2.320   1.00 37.55  ? 264 ARG B CG  1 
ATOM   961  C CD  . ARG B 1 28  ? -14.994 16.665  2.530   1.00 38.20  ? 264 ARG B CD  1 
ATOM   962  N NE  . ARG B 1 28  ? -15.533 16.882  3.864   1.00 41.63  ? 264 ARG B NE  1 
ATOM   963  C CZ  . ARG B 1 28  ? -16.764 17.324  4.098   1.00 43.02  ? 264 ARG B CZ  1 
ATOM   964  N NH1 . ARG B 1 28  ? -17.576 17.583  3.083   1.00 42.07  ? 264 ARG B NH1 1 
ATOM   965  N NH2 . ARG B 1 28  ? -17.176 17.527  5.345   1.00 43.60  ? 264 ARG B NH2 1 
ATOM   966  N N   . LYS B 1 29  ? -13.695 16.234  -2.049  1.00 30.55  ? 265 LYS B N   1 
ATOM   967  C CA  . LYS B 1 29  ? -12.905 16.186  -3.263  1.00 31.12  ? 265 LYS B CA  1 
ATOM   968  C C   . LYS B 1 29  ? -11.459 16.079  -2.765  1.00 29.24  ? 265 LYS B C   1 
ATOM   969  O O   . LYS B 1 29  ? -11.080 16.774  -1.819  1.00 29.33  ? 265 LYS B O   1 
ATOM   970  C CB  . LYS B 1 29  ? -13.070 17.432  -4.132  1.00 36.44  ? 265 LYS B CB  1 
ATOM   971  C CG  . LYS B 1 29  ? -12.150 17.489  -5.333  1.00 44.22  ? 265 LYS B CG  1 
ATOM   972  C CD  . LYS B 1 29  ? -11.980 18.906  -5.836  1.00 50.68  ? 265 LYS B CD  1 
ATOM   973  C CE  . LYS B 1 29  ? -11.660 18.929  -7.325  1.00 55.13  ? 265 LYS B CE  1 
ATOM   974  N NZ  . LYS B 1 29  ? -11.314 17.572  -7.834  1.00 57.38  ? 265 LYS B NZ  1 
ATOM   975  N N   . PHE B 1 30  ? -10.638 15.210  -3.382  1.00 27.60  ? 266 PHE B N   1 
ATOM   976  C CA  . PHE B 1 30  ? -9.252  15.044  -2.980  1.00 27.67  ? 266 PHE B CA  1 
ATOM   977  C C   . PHE B 1 30  ? -8.334  15.355  -4.124  1.00 28.51  ? 266 PHE B C   1 
ATOM   978  O O   . PHE B 1 30  ? -8.657  15.192  -5.296  1.00 27.83  ? 266 PHE B O   1 
ATOM   979  C CB  . PHE B 1 30  ? -8.966  13.604  -2.543  1.00 28.06  ? 266 PHE B CB  1 
ATOM   980  C CG  . PHE B 1 30  ? -9.617  13.216  -1.248  1.00 29.48  ? 266 PHE B CG  1 
ATOM   981  C CD1 . PHE B 1 30  ? -10.932 12.767  -1.223  1.00 27.47  ? 266 PHE B CD1 1 
ATOM   982  C CD2 . PHE B 1 30  ? -8.915  13.309  -0.048  1.00 27.31  ? 266 PHE B CD2 1 
ATOM   983  C CE1 . PHE B 1 30  ? -11.543 12.417  -0.032  1.00 26.28  ? 266 PHE B CE1 1 
ATOM   984  C CE2 . PHE B 1 30  ? -9.524  12.957  1.154   1.00 30.35  ? 266 PHE B CE2 1 
ATOM   985  C CZ  . PHE B 1 30  ? -10.842 12.510  1.156   1.00 27.30  ? 266 PHE B CZ  1 
ATOM   986  N N   . ILE B 1 31  ? -7.171  15.815  -3.745  1.00 31.50  ? 267 ILE B N   1 
ATOM   987  C CA  . ILE B 1 31  ? -6.126  16.179  -4.689  1.00 32.62  ? 267 ILE B CA  1 
ATOM   988  C C   . ILE B 1 31  ? -4.818  15.627  -4.145  1.00 32.92  ? 267 ILE B C   1 
ATOM   989  O O   . ILE B 1 31  ? -4.410  15.967  -3.025  1.00 33.12  ? 267 ILE B O   1 
ATOM   990  C CB  . ILE B 1 31  ? -6.008  17.701  -4.909  1.00 27.20  ? 267 ILE B CB  1 
ATOM   991  C CG1 . ILE B 1 31  ? -7.326  18.243  -5.461  1.00 27.61  ? 267 ILE B CG1 1 
ATOM   992  C CG2 . ILE B 1 31  ? -4.864  18.035  -5.843  1.00 26.09  ? 267 ILE B CG2 1 
ATOM   993  C CD1 . ILE B 1 31  ? -7.303  19.721  -5.777  1.00 29.28  ? 267 ILE B CD1 1 
ATOM   994  N N   . LEU B 1 32  ? -4.178  14.771  -4.930  1.00 30.31  ? 268 LEU B N   1 
ATOM   995  C CA  . LEU B 1 32  ? -2.919  14.163  -4.521  1.00 31.02  ? 268 LEU B CA  1 
ATOM   996  C C   . LEU B 1 32  ? -1.733  14.834  -5.212  1.00 31.59  ? 268 LEU B C   1 
ATOM   997  O O   . LEU B 1 32  ? -1.764  15.022  -6.442  1.00 30.63  ? 268 LEU B O   1 
ATOM   998  C CB  . LEU B 1 32  ? -2.994  12.656  -4.796  1.00 29.02  ? 268 LEU B CB  1 
ATOM   999  C CG  . LEU B 1 32  ? -1.725  11.816  -4.596  1.00 30.71  ? 268 LEU B CG  1 
ATOM   1000 C CD1 . LEU B 1 32  ? -1.288  11.834  -3.139  1.00 27.61  ? 268 LEU B CD1 1 
ATOM   1001 C CD2 . LEU B 1 32  ? -1.955  10.380  -5.059  1.00 30.73  ? 268 LEU B CD2 1 
ATOM   1002 N N   . ARG B 1 33  ? -0.674  15.202  -4.448  1.00 30.11  ? 269 ARG B N   1 
ATOM   1003 C CA  . ARG B 1 33  ? 0.537   15.824  -5.044  1.00 40.29  ? 269 ARG B CA  1 
ATOM   1004 C C   . ARG B 1 33  ? 1.847   15.061  -4.705  1.00 40.37  ? 269 ARG B C   1 
ATOM   1005 O O   . ARG B 1 33  ? 1.876   14.263  -3.780  1.00 34.35  ? 269 ARG B O   1 
ATOM   1006 C CB  . ARG B 1 33  ? 0.516   17.340  -4.750  1.00 62.54  ? 269 ARG B CB  1 
ATOM   1007 C CG  . ARG B 1 33  ? -0.346  18.101  -5.761  1.00 74.14  ? 269 ARG B CG  1 
ATOM   1008 C CD  . ARG B 1 33  ? -0.675  19.513  -5.290  1.00 81.93  ? 269 ARG B CD  1 
ATOM   1009 N NE  . ARG B 1 33  ? -1.963  19.978  -5.779  1.00 87.94  ? 269 ARG B NE  1 
ATOM   1010 C CZ  . ARG B 1 33  ? -2.769  20.710  -5.012  1.00 91.10  ? 269 ARG B CZ  1 
ATOM   1011 N NH1 . ARG B 1 33  ? -2.417  20.996  -3.760  1.00 92.65  ? 269 ARG B NH1 1 
ATOM   1012 N NH2 . ARG B 1 33  ? -3.918  21.168  -5.492  1.00 92.87  ? 269 ARG B NH2 1 
ATOM   1013 N N   . GLU B 1 34  ? 2.980   15.284  -5.454  1.00 46.07  ? 270 GLU B N   1 
ATOM   1014 C CA  . GLU B 1 34  ? 4.227   14.507  -5.495  1.00 62.94  ? 270 GLU B CA  1 
ATOM   1015 C C   . GLU B 1 34  ? 5.390   15.088  -4.681  1.00 76.82  ? 270 GLU B C   1 
ATOM   1016 O O   . GLU B 1 34  ? 5.670   14.750  -3.477  1.00 65.96  ? 270 GLU B O   1 
ATOM   1017 C CB  . GLU B 1 34  ? 4.732   14.352  -6.930  1.00 52.54  ? 270 GLU B CB  1 
ATOM   1018 C CG  . GLU B 1 34  ? 4.836   12.910  -7.400  1.00 58.04  ? 270 GLU B CG  1 
ATOM   1019 C CD  . GLU B 1 34  ? 5.376   12.795  -8.812  1.00 61.03  ? 270 GLU B CD  1 
ATOM   1020 O OE1 . GLU B 1 34  ? 5.671   13.844  -9.423  1.00 62.53  ? 270 GLU B OE1 1 
ATOM   1021 O OE2 . GLU B 1 34  ? 5.507   11.655  -9.307  1.00 62.30  ? 270 GLU B OE2 1 
ATOM   1022 N N   . ASP B 1 35  ? 6.304   15.954  -5.215  1.00 104.27 ? 271 ASP B N   1 
ATOM   1023 C CA  . ASP B 1 35  ? 7.571   16.451  -4.600  1.00 111.57 ? 271 ASP B CA  1 
ATOM   1024 C C   . ASP B 1 35  ? 7.377   16.385  -3.089  1.00 99.76  ? 271 ASP B C   1 
ATOM   1025 O O   . ASP B 1 35  ? 7.832   15.471  -2.409  1.00 127.79 ? 271 ASP B O   1 
ATOM   1026 C CB  . ASP B 1 35  ? 7.940   17.841  -5.089  1.00 105.56 ? 271 ASP B CB  1 
ATOM   1027 C CG  . ASP B 1 35  ? 9.197   17.764  -5.880  1.00 104.76 ? 271 ASP B CG  1 
ATOM   1028 O OD1 . ASP B 1 35  ? 9.865   16.714  -5.829  1.00 106.77 ? 271 ASP B OD1 1 
ATOM   1029 O OD2 . ASP B 1 35  ? 9.520   18.757  -6.549  1.00 107.92 ? 271 ASP B OD2 1 
ATOM   1030 N N   . PRO B 1 36  ? 6.703   17.381  -2.607  1.00 78.65  ? 272 PRO B N   1 
ATOM   1031 C CA  . PRO B 1 36  ? 6.056   17.291  -1.290  1.00 51.16  ? 272 PRO B CA  1 
ATOM   1032 C C   . PRO B 1 36  ? 4.776   16.428  -1.389  1.00 38.41  ? 272 PRO B C   1 
ATOM   1033 O O   . PRO B 1 36  ? 3.803   16.831  -2.010  1.00 34.19  ? 272 PRO B O   1 
ATOM   1034 C CB  . PRO B 1 36  ? 5.891   18.758  -0.886  1.00 50.99  ? 272 PRO B CB  1 
ATOM   1035 C CG  . PRO B 1 36  ? 5.761   19.489  -2.181  1.00 53.68  ? 272 PRO B CG  1 
ATOM   1036 C CD  . PRO B 1 36  ? 6.532   18.687  -3.192  1.00 60.50  ? 272 PRO B CD  1 
ATOM   1037 N N   . ALA B 1 37  ? 4.813   15.170  -0.866  1.00 38.05  ? 273 ALA B N   1 
ATOM   1038 C CA  . ALA B 1 37  ? 3.707   14.204  -0.956  1.00 37.95  ? 273 ALA B CA  1 
ATOM   1039 C C   . ALA B 1 37  ? 2.611   14.546  0.016   1.00 37.65  ? 273 ALA B C   1 
ATOM   1040 O O   . ALA B 1 37  ? 2.722   14.293  1.214   1.00 36.04  ? 273 ALA B O   1 
ATOM   1041 C CB  . ALA B 1 37  ? 4.207   12.782  -0.707  1.00 45.00  ? 273 ALA B CB  1 
ATOM   1042 N N   . TYR B 1 38  ? 1.521   15.131  -0.520  1.00 34.65  ? 274 TYR B N   1 
ATOM   1043 C CA  . TYR B 1 38  ? 0.340   15.612  0.246   1.00 35.59  ? 274 TYR B CA  1 
ATOM   1044 C C   . TYR B 1 38  ? -0.987  15.235  -0.392  1.00 34.75  ? 274 TYR B C   1 
ATOM   1045 O O   . TYR B 1 38  ? -1.134  15.220  -1.609  1.00 33.27  ? 274 TYR B O   1 
ATOM   1046 C CB  . TYR B 1 38  ? 0.344   17.153  0.346   1.00 37.34  ? 274 TYR B CB  1 
ATOM   1047 C CG  . TYR B 1 38  ? 1.338   17.703  1.340   1.00 40.41  ? 274 TYR B CG  1 
ATOM   1048 C CD1 . TYR B 1 38  ? 2.664   17.930  0.977   1.00 41.78  ? 274 TYR B CD1 1 
ATOM   1049 C CD2 . TYR B 1 38  ? 0.955   17.989  2.650   1.00 42.01  ? 274 TYR B CD2 1 
ATOM   1050 C CE1 . TYR B 1 38  ? 3.587   18.427  1.892   1.00 43.06  ? 274 TYR B CE1 1 
ATOM   1051 C CE2 . TYR B 1 38  ? 1.872   18.487  3.575   1.00 42.35  ? 274 TYR B CE2 1 
ATOM   1052 C CZ  . TYR B 1 38  ? 3.185   18.701  3.188   1.00 43.02  ? 274 TYR B CZ  1 
ATOM   1053 O OH  . TYR B 1 38  ? 4.092   19.189  4.107   1.00 43.42  ? 274 TYR B OH  1 
ATOM   1054 N N   . LEU B 1 39  ? -1.939  14.910  0.469   1.00 38.61  ? 275 LEU B N   1 
ATOM   1055 C CA  . LEU B 1 39  ? -3.298  14.609  0.085   1.00 38.03  ? 275 LEU B CA  1 
ATOM   1056 C C   . LEU B 1 39  ? -4.150  15.705  0.644   1.00 38.39  ? 275 LEU B C   1 
ATOM   1057 O O   . LEU B 1 39  ? -4.321  15.800  1.865   1.00 39.42  ? 275 LEU B O   1 
ATOM   1058 C CB  . LEU B 1 39  ? -3.759  13.243  0.596   1.00 38.32  ? 275 LEU B CB  1 
ATOM   1059 C CG  . LEU B 1 39  ? -5.179  12.838  0.156   1.00 39.13  ? 275 LEU B CG  1 
ATOM   1060 C CD1 . LEU B 1 39  ? -5.187  12.325  -1.272  1.00 39.36  ? 275 LEU B CD1 1 
ATOM   1061 C CD2 . LEU B 1 39  ? -5.762  11.788  1.097   1.00 39.07  ? 275 LEU B CD2 1 
ATOM   1062 N N   . HIS B 1 40  ? -4.699  16.545  -0.220  1.00 34.73  ? 276 HIS B N   1 
ATOM   1063 C CA  . HIS B 1 40  ? -5.567  17.632  0.223   1.00 34.11  ? 276 HIS B CA  1 
ATOM   1064 C C   . HIS B 1 40  ? -7.024  17.246  -0.025  1.00 30.96  ? 276 HIS B C   1 
ATOM   1065 O O   . HIS B 1 40  ? -7.342  16.578  -1.009  1.00 31.72  ? 276 HIS B O   1 
ATOM   1066 C CB  . HIS B 1 40  ? -5.260  18.911  -0.550  1.00 37.22  ? 276 HIS B CB  1 
ATOM   1067 C CG  . HIS B 1 40  ? -3.919  19.577  -0.113  1.00 40.44  ? 276 HIS B CG  1 
ATOM   1068 N ND1 . HIS B 1 40  ? -3.897  20.677  0.716   1.00 41.41  ? 276 HIS B ND1 1 
ATOM   1069 C CD2 . HIS B 1 40  ? -2.623  19.281  -0.375  1.00 40.71  ? 276 HIS B CD2 1 
ATOM   1070 C CE1 . HIS B 1 40  ? -2.645  21.035  0.941   1.00 41.07  ? 276 HIS B CE1 1 
ATOM   1071 N NE2 . HIS B 1 40  ? -1.854  20.202  0.291   1.00 41.78  ? 276 HIS B NE2 1 
ATOM   1072 N N   . TYR B 1 41  ? -7.897  17.672  0.866   1.00 29.89  ? 277 TYR B N   1 
ATOM   1073 C CA  . TYR B 1 41  ? -9.312  17.389  0.680   1.00 28.94  ? 277 TYR B CA  1 
ATOM   1074 C C   . TYR B 1 41  ? -10.072 18.710  0.777   1.00 27.74  ? 277 TYR B C   1 
ATOM   1075 O O   . TYR B 1 41  ? -9.755  19.564  1.609   1.00 24.07  ? 277 TYR B O   1 
ATOM   1076 C CB  . TYR B 1 41  ? -9.830  16.332  1.676   1.00 32.97  ? 277 TYR B CB  1 
ATOM   1077 C CG  . TYR B 1 41  ? -9.693  16.647  3.146   1.00 39.86  ? 277 TYR B CG  1 
ATOM   1078 C CD1 . TYR B 1 41  ? -10.703 17.321  3.831   1.00 42.66  ? 277 TYR B CD1 1 
ATOM   1079 C CD2 . TYR B 1 41  ? -8.568  16.232  3.865   1.00 42.36  ? 277 TYR B CD2 1 
ATOM   1080 C CE1 . TYR B 1 41  ? -10.601 17.573  5.199   1.00 46.80  ? 277 TYR B CE1 1 
ATOM   1081 C CE2 . TYR B 1 41  ? -8.454  16.478  5.229   1.00 46.23  ? 277 TYR B CE2 1 
ATOM   1082 C CZ  . TYR B 1 41  ? -9.475  17.148  5.889   1.00 47.83  ? 277 TYR B CZ  1 
ATOM   1083 O OH  . TYR B 1 41  ? -9.374  17.397  7.242   1.00 52.93  ? 277 TYR B OH  1 
ATOM   1084 N N   . TYR B 1 42  ? -11.046 18.886  -0.130  1.00 30.95  ? 278 TYR B N   1 
ATOM   1085 C CA  . TYR B 1 42  ? -11.848 20.106  -0.222  1.00 30.09  ? 278 TYR B CA  1 
ATOM   1086 C C   . TYR B 1 42  ? -13.340 19.790  -0.186  1.00 28.58  ? 278 TYR B C   1 
ATOM   1087 O O   . TYR B 1 42  ? -13.747 18.635  -0.066  1.00 26.91  ? 278 TYR B O   1 
ATOM   1088 C CB  . TYR B 1 42  ? -11.557 20.901  -1.512  1.00 35.61  ? 278 TYR B CB  1 
ATOM   1089 C CG  . TYR B 1 42  ? -10.096 21.093  -1.793  1.00 40.27  ? 278 TYR B CG  1 
ATOM   1090 C CD1 . TYR B 1 42  ? -9.317  20.000  -2.149  1.00 40.75  ? 278 TYR B CD1 1 
ATOM   1091 C CD2 . TYR B 1 42  ? -9.482  22.331  -1.715  1.00 42.50  ? 278 TYR B CD2 1 
ATOM   1092 C CE1 . TYR B 1 42  ? -7.969  20.139  -2.419  1.00 42.47  ? 278 TYR B CE1 1 
ATOM   1093 C CE2 . TYR B 1 42  ? -8.135  22.483  -1.984  1.00 43.71  ? 278 TYR B CE2 1 
ATOM   1094 C CZ  . TYR B 1 42  ? -7.383  21.383  -2.336  1.00 44.29  ? 278 TYR B CZ  1 
ATOM   1095 O OH  . TYR B 1 42  ? -6.041  21.528  -2.603  1.00 46.25  ? 278 TYR B OH  1 
ATOM   1096 N N   . ASP B 1 43  ? -14.149 20.863  -0.251  1.00 30.32  ? 279 ASP B N   1 
ATOM   1097 C CA  . ASP B 1 43  ? -15.604 20.810  -0.257  1.00 37.42  ? 279 ASP B CA  1 
ATOM   1098 C C   . ASP B 1 43  ? -16.072 20.193  -1.588  1.00 30.98  ? 279 ASP B C   1 
ATOM   1099 O O   . ASP B 1 43  ? -15.546 20.536  -2.649  1.00 28.16  ? 279 ASP B O   1 
ATOM   1100 C CB  . ASP B 1 43  ? -16.192 22.201  -0.018  1.00 61.01  ? 279 ASP B CB  1 
ATOM   1101 C CG  . ASP B 1 43  ? -17.616 22.327  -0.523  1.00 75.10  ? 279 ASP B CG  1 
ATOM   1102 O OD1 . ASP B 1 43  ? -18.442 21.449  -0.194  1.00 83.80  ? 279 ASP B OD1 1 
ATOM   1103 O OD2 . ASP B 1 43  ? -17.907 23.302  -1.247  1.00 83.94  ? 279 ASP B OD2 1 
ATOM   1104 N N   . PRO B 1 44  ? -17.047 19.283  -1.571  1.00 35.28  ? 280 PRO B N   1 
ATOM   1105 C CA  . PRO B 1 44  ? -17.513 18.573  -2.785  1.00 38.22  ? 280 PRO B CA  1 
ATOM   1106 C C   . PRO B 1 44  ? -17.775 19.471  -3.969  1.00 39.45  ? 280 PRO B C   1 
ATOM   1107 O O   . PRO B 1 44  ? -17.688 19.052  -5.124  1.00 40.29  ? 280 PRO B O   1 
ATOM   1108 C CB  . PRO B 1 44  ? -18.783 17.867  -2.303  1.00 35.96  ? 280 PRO B CB  1 
ATOM   1109 C CG  . PRO B 1 44  ? -18.657 17.845  -0.817  1.00 34.69  ? 280 PRO B CG  1 
ATOM   1110 C CD  . PRO B 1 44  ? -18.064 19.171  -0.430  1.00 34.16  ? 280 PRO B CD  1 
ATOM   1111 N N   . ALA B 1 45  ? -18.158 20.693  -3.641  1.00 46.09  ? 281 ALA B N   1 
ATOM   1112 C CA  . ALA B 1 45  ? -18.374 21.711  -4.622  1.00 54.97  ? 281 ALA B CA  1 
ATOM   1113 C C   . ALA B 1 45  ? -17.011 22.358  -4.769  1.00 62.15  ? 281 ALA B C   1 
ATOM   1114 O O   . ALA B 1 45  ? -16.005 21.733  -4.432  1.00 57.32  ? 281 ALA B O   1 
ATOM   1115 C CB  . ALA B 1 45  ? -19.432 22.734  -4.186  1.00 56.91  ? 281 ALA B CB  1 
ATOM   1116 N N   . GLY B 1 46  ? -16.961 23.568  -5.248  1.00 68.63  ? 282 GLY B N   1 
ATOM   1117 C CA  . GLY B 1 46  ? -15.643 24.163  -5.362  1.00 79.77  ? 282 GLY B CA  1 
ATOM   1118 C C   . GLY B 1 46  ? -15.206 24.872  -4.076  1.00 84.41  ? 282 GLY B C   1 
ATOM   1119 O O   . GLY B 1 46  ? -16.000 25.578  -3.460  1.00 88.04  ? 282 GLY B O   1 
ATOM   1120 N N   . ALA B 1 47  ? -13.955 24.682  -3.688  1.00 97.54  ? 283 ALA B N   1 
ATOM   1121 C CA  . ALA B 1 47  ? -13.394 25.351  -2.529  1.00 109.09 ? 283 ALA B CA  1 
ATOM   1122 C C   . ALA B 1 47  ? -11.943 25.618  -2.816  1.00 113.54 ? 283 ALA B C   1 
ATOM   1123 O O   . ALA B 1 47  ? -11.103 24.733  -2.702  1.00 122.29 ? 283 ALA B O   1 
ATOM   1124 C CB  . ALA B 1 47  ? -13.541 24.521  -1.270  1.00 102.53 ? 283 ALA B CB  1 
ATOM   1125 N N   . GLU B 1 48  ? -11.621 26.842  -3.170  1.00 105.48 ? 284 GLU B N   1 
ATOM   1126 C CA  . GLU B 1 48  ? -10.260 27.121  -3.571  1.00 101.09 ? 284 GLU B CA  1 
ATOM   1127 C C   . GLU B 1 48  ? -9.244  27.152  -2.435  1.00 85.78  ? 284 GLU B C   1 
ATOM   1128 O O   . GLU B 1 48  ? -8.071  27.536  -2.572  1.00 83.31  ? 284 GLU B O   1 
ATOM   1129 C CB  . GLU B 1 48  ? -10.257 28.379  -4.366  1.00 119.76 ? 284 GLU B CB  1 
ATOM   1130 C CG  . GLU B 1 48  ? -9.285  29.388  -3.882  1.00 144.25 ? 284 GLU B CG  1 
ATOM   1131 C CD  . GLU B 1 48  ? -9.237  30.425  -4.954  1.00 156.22 ? 284 GLU B CD  1 
ATOM   1132 O OE1 . GLU B 1 48  ? -8.910  31.589  -4.644  1.00 162.24 ? 284 GLU B OE1 1 
ATOM   1133 O OE2 . GLU B 1 48  ? -9.542  30.098  -6.124  1.00 162.36 ? 284 GLU B OE2 1 
ATOM   1134 N N   . ASP B 1 49  ? -9.756  26.718  -1.312  1.00 48.08  ? 285 ASP B N   1 
ATOM   1135 C CA  . ASP B 1 49  ? -9.121  26.666  -0.013  1.00 47.88  ? 285 ASP B CA  1 
ATOM   1136 C C   . ASP B 1 49  ? -9.448  25.281  0.475   1.00 45.46  ? 285 ASP B C   1 
ATOM   1137 O O   . ASP B 1 49  ? -10.616 24.937  0.722   1.00 44.82  ? 285 ASP B O   1 
ATOM   1138 C CB  . ASP B 1 49  ? -9.507  27.776  0.971   1.00 56.79  ? 285 ASP B CB  1 
ATOM   1139 C CG  . ASP B 1 49  ? -9.068  29.148  0.504   1.00 58.61  ? 285 ASP B CG  1 
ATOM   1140 O OD1 . ASP B 1 49  ? -8.092  29.231  -0.264  1.00 59.41  ? 285 ASP B OD1 1 
ATOM   1141 O OD2 . ASP B 1 49  ? -9.705  30.149  0.899   1.00 59.74  ? 285 ASP B OD2 1 
ATOM   1142 N N   . PRO B 1 50  ? -8.318  24.649  0.917   1.00 42.61  ? 286 PRO B N   1 
ATOM   1143 C CA  . PRO B 1 50  ? -8.443  23.203  1.304   1.00 41.83  ? 286 PRO B CA  1 
ATOM   1144 C C   . PRO B 1 50  ? -9.169  23.143  2.614   1.00 42.03  ? 286 PRO B C   1 
ATOM   1145 O O   . PRO B 1 50  ? -9.080  24.098  3.396   1.00 43.06  ? 286 PRO B O   1 
ATOM   1146 C CB  . PRO B 1 50  ? -7.001  22.699  1.222   1.00 33.18  ? 286 PRO B CB  1 
ATOM   1147 C CG  . PRO B 1 50  ? -6.301  23.706  0.373   1.00 31.70  ? 286 PRO B CG  1 
ATOM   1148 C CD  . PRO B 1 50  ? -6.852  25.045  0.775   1.00 34.39  ? 286 PRO B CD  1 
ATOM   1149 N N   . LEU B 1 51  ? -9.870  22.093  2.918   1.00 39.30  ? 287 LEU B N   1 
ATOM   1150 C CA  . LEU B 1 51  ? -10.410 21.943  4.249   1.00 38.92  ? 287 LEU B CA  1 
ATOM   1151 C C   . LEU B 1 51  ? -9.309  21.430  5.163   1.00 38.36  ? 287 LEU B C   1 
ATOM   1152 O O   . LEU B 1 51  ? -9.232  21.771  6.349   1.00 36.39  ? 287 LEU B O   1 
ATOM   1153 C CB  . LEU B 1 51  ? -11.574 20.943  4.274   1.00 39.39  ? 287 LEU B CB  1 
ATOM   1154 C CG  . LEU B 1 51  ? -12.976 21.414  3.811   1.00 40.84  ? 287 LEU B CG  1 
ATOM   1155 C CD1 . LEU B 1 51  ? -14.008 20.334  4.071   1.00 38.22  ? 287 LEU B CD1 1 
ATOM   1156 C CD2 . LEU B 1 51  ? -13.367 22.710  4.507   1.00 40.11  ? 287 LEU B CD2 1 
ATOM   1157 N N   . GLY B 1 52  ? -8.446  20.596  4.578   1.00 35.65  ? 288 GLY B N   1 
ATOM   1158 C CA  . GLY B 1 52  ? -7.336  19.999  5.300   1.00 37.99  ? 288 GLY B CA  1 
ATOM   1159 C C   . GLY B 1 52  ? -6.241  19.468  4.381   1.00 39.31  ? 288 GLY B C   1 
ATOM   1160 O O   . GLY B 1 52  ? -6.442  19.335  3.173   1.00 35.93  ? 288 GLY B O   1 
ATOM   1161 N N   . ALA B 1 53  ? -5.075  19.173  4.956   1.00 45.11  ? 289 ALA B N   1 
ATOM   1162 C CA  . ALA B 1 53  ? -3.941  18.657  4.195   1.00 45.37  ? 289 ALA B CA  1 
ATOM   1163 C C   . ALA B 1 53  ? -3.259  17.546  4.972   1.00 45.33  ? 289 ALA B C   1 
ATOM   1164 O O   . ALA B 1 53  ? -3.059  17.638  6.178   1.00 49.19  ? 289 ALA B O   1 
ATOM   1165 C CB  . ALA B 1 53  ? -2.956  19.774  3.896   1.00 34.02  ? 289 ALA B CB  1 
ATOM   1166 N N   . ILE B 1 54  ? -2.912  16.482  4.269   1.00 38.03  ? 290 ILE B N   1 
ATOM   1167 C CA  . ILE B 1 54  ? -2.294  15.332  4.893   1.00 44.47  ? 290 ILE B CA  1 
ATOM   1168 C C   . ILE B 1 54  ? -0.909  15.042  4.341   1.00 40.37  ? 290 ILE B C   1 
ATOM   1169 O O   . ILE B 1 54  ? -0.768  14.564  3.206   1.00 32.70  ? 290 ILE B O   1 
ATOM   1170 C CB  . ILE B 1 54  ? -3.204  14.079  4.698   1.00 46.91  ? 290 ILE B CB  1 
ATOM   1171 C CG1 . ILE B 1 54  ? -4.652  14.409  5.097   1.00 55.40  ? 290 ILE B CG1 1 
ATOM   1172 C CG2 . ILE B 1 54  ? -2.671  12.906  5.495   1.00 52.91  ? 290 ILE B CG2 1 
ATOM   1173 C CD1 . ILE B 1 54  ? -5.628  13.287  4.823   1.00 60.72  ? 290 ILE B CD1 1 
ATOM   1174 N N   . HIS B 1 55  ? 0.130   15.322  5.141   1.00 33.47  ? 291 HIS B N   1 
ATOM   1175 C CA  . HIS B 1 55  ? 1.453   15.009  4.666   1.00 37.94  ? 291 HIS B CA  1 
ATOM   1176 C C   . HIS B 1 55  ? 1.500   13.478  4.501   1.00 36.26  ? 291 HIS B C   1 
ATOM   1177 O O   . HIS B 1 55  ? 1.061   12.746  5.405   1.00 33.91  ? 291 HIS B O   1 
ATOM   1178 C CB  . HIS B 1 55  ? 2.548   15.527  5.604   1.00 58.85  ? 291 HIS B CB  1 
ATOM   1179 C CG  . HIS B 1 55  ? 3.953   15.452  4.951   1.00 66.33  ? 291 HIS B CG  1 
ATOM   1180 N ND1 . HIS B 1 55  ? 5.124   15.540  5.673   1.00 70.45  ? 291 HIS B ND1 1 
ATOM   1181 C CD2 . HIS B 1 55  ? 4.319   15.307  3.658   1.00 69.83  ? 291 HIS B CD2 1 
ATOM   1182 C CE1 . HIS B 1 55  ? 6.156   15.444  4.853   1.00 71.78  ? 291 HIS B CE1 1 
ATOM   1183 N NE2 . HIS B 1 55  ? 5.694   15.300  3.622   1.00 72.07  ? 291 HIS B NE2 1 
ATOM   1184 N N   . LEU B 1 56  ? 2.029   12.997  3.358   1.00 28.42  ? 292 LEU B N   1 
ATOM   1185 C CA  . LEU B 1 56  ? 2.072   11.532  3.057   1.00 28.87  ? 292 LEU B CA  1 
ATOM   1186 C C   . LEU B 1 56  ? 3.441   10.824  3.199   1.00 31.39  ? 292 LEU B C   1 
ATOM   1187 O O   . LEU B 1 56  ? 3.503   9.587   3.108   1.00 29.62  ? 292 LEU B O   1 
ATOM   1188 C CB  . LEU B 1 56  ? 1.550   11.258  1.663   1.00 33.28  ? 292 LEU B CB  1 
ATOM   1189 C CG  . LEU B 1 56  ? 0.107   11.679  1.416   1.00 31.59  ? 292 LEU B CG  1 
ATOM   1190 C CD1 . LEU B 1 56  ? -0.235  11.524  -0.061  1.00 32.41  ? 292 LEU B CD1 1 
ATOM   1191 C CD2 . LEU B 1 56  ? -0.850  10.882  2.290   1.00 33.79  ? 292 LEU B CD2 1 
ATOM   1192 N N   . ARG B 1 57  ? 4.513   11.564  3.429   1.00 32.84  ? 293 ARG B N   1 
ATOM   1193 C CA  . ARG B 1 57  ? 5.822   10.944  3.578   1.00 38.90  ? 293 ARG B CA  1 
ATOM   1194 C C   . ARG B 1 57  ? 5.819   9.935   4.721   1.00 35.57  ? 293 ARG B C   1 
ATOM   1195 O O   . ARG B 1 57  ? 5.458   10.253  5.860   1.00 33.03  ? 293 ARG B O   1 
ATOM   1196 C CB  . ARG B 1 57  ? 6.897   12.009  3.803   1.00 59.46  ? 293 ARG B CB  1 
ATOM   1197 C CG  . ARG B 1 57  ? 8.320   11.480  3.731   1.00 73.34  ? 293 ARG B CG  1 
ATOM   1198 C CD  . ARG B 1 57  ? 9.261   12.307  4.593   1.00 84.68  ? 293 ARG B CD  1 
ATOM   1199 N NE  . ARG B 1 57  ? 10.623  11.783  4.572   1.00 94.73  ? 293 ARG B NE  1 
ATOM   1200 C CZ  . ARG B 1 57  ? 11.703  12.521  4.337   1.00 99.97  ? 293 ARG B CZ  1 
ATOM   1201 N NH1 . ARG B 1 57  ? 11.582  13.820  4.104   1.00 103.17 ? 293 ARG B NH1 1 
ATOM   1202 N NH2 . ARG B 1 57  ? 12.904  11.957  4.338   1.00 102.85 ? 293 ARG B NH2 1 
ATOM   1203 N N   . GLY B 1 58  ? 6.211   8.709   4.400   1.00 36.10  ? 294 GLY B N   1 
ATOM   1204 C CA  . GLY B 1 58  ? 6.262   7.655   5.394   1.00 33.94  ? 294 GLY B CA  1 
ATOM   1205 C C   . GLY B 1 58  ? 4.886   7.070   5.785   1.00 33.68  ? 294 GLY B C   1 
ATOM   1206 O O   . GLY B 1 58  ? 4.788   6.309   6.757   1.00 33.12  ? 294 GLY B O   1 
ATOM   1207 N N   . CYS B 1 59  ? 3.832   7.407   5.066   1.00 33.67  ? 295 CYS B N   1 
ATOM   1208 C CA  . CYS B 1 59  ? 2.506   6.859   5.421   1.00 32.24  ? 295 CYS B CA  1 
ATOM   1209 C C   . CYS B 1 59  ? 2.357   5.417   4.939   1.00 30.97  ? 295 CYS B C   1 
ATOM   1210 O O   . CYS B 1 59  ? 3.118   4.992   4.076   1.00 29.90  ? 295 CYS B O   1 
ATOM   1211 C CB  . CYS B 1 59  ? 1.399   7.713   4.809   1.00 35.95  ? 295 CYS B CB  1 
ATOM   1212 S SG  . CYS B 1 59  ? 1.041   7.344   3.058   1.00 31.88  ? 295 CYS B SG  1 
ATOM   1213 N N   . VAL B 1 60  ? 1.412   4.682   5.532   1.00 27.68  ? 296 VAL B N   1 
ATOM   1214 C CA  . VAL B 1 60  ? 1.079   3.346   5.113   1.00 28.83  ? 296 VAL B CA  1 
ATOM   1215 C C   . VAL B 1 60  ? -0.364  3.443   4.630   1.00 27.64  ? 296 VAL B C   1 
ATOM   1216 O O   . VAL B 1 60  ? -1.152  4.207   5.195   1.00 25.10  ? 296 VAL B O   1 
ATOM   1217 C CB  . VAL B 1 60  ? 1.201   2.294   6.255   1.00 28.72  ? 296 VAL B CB  1 
ATOM   1218 C CG1 . VAL B 1 60  ? 0.577   0.976   5.831   1.00 30.30  ? 296 VAL B CG1 1 
ATOM   1219 C CG2 . VAL B 1 60  ? 2.658   2.075   6.631   1.00 28.06  ? 296 VAL B CG2 1 
ATOM   1220 N N   . VAL B 1 61  ? -0.741  2.686   3.604   1.00 32.37  ? 297 VAL B N   1 
ATOM   1221 C CA  . VAL B 1 61  ? -2.107  2.738   3.058   1.00 32.56  ? 297 VAL B CA  1 
ATOM   1222 C C   . VAL B 1 61  ? -2.472  1.308   2.651   1.00 34.48  ? 297 VAL B C   1 
ATOM   1223 O O   . VAL B 1 61  ? -1.743  0.677   1.894   1.00 35.36  ? 297 VAL B O   1 
ATOM   1224 C CB  . VAL B 1 61  ? -2.196  3.756   1.888   1.00 30.82  ? 297 VAL B CB  1 
ATOM   1225 C CG1 . VAL B 1 61  ? -1.128  3.443   0.854   1.00 29.85  ? 297 VAL B CG1 1 
ATOM   1226 C CG2 . VAL B 1 61  ? -3.585  3.741   1.266   1.00 28.88  ? 297 VAL B CG2 1 
ATOM   1227 N N   . THR B 1 62  ? -3.589  0.795   3.153   1.00 30.47  ? 298 THR B N   1 
ATOM   1228 C CA  . THR B 1 62  ? -4.011  -0.558  2.813   1.00 34.26  ? 298 THR B CA  1 
ATOM   1229 C C   . THR B 1 62  ? -5.525  -0.691  2.662   1.00 31.74  ? 298 THR B C   1 
ATOM   1230 O O   . THR B 1 62  ? -6.292  0.208   3.035   1.00 29.77  ? 298 THR B O   1 
ATOM   1231 C CB  . THR B 1 62  ? -3.565  -1.567  3.907   1.00 41.82  ? 298 THR B CB  1 
ATOM   1232 O OG1 . THR B 1 62  ? -4.299  -1.300  5.123   1.00 45.53  ? 298 THR B OG1 1 
ATOM   1233 C CG2 . THR B 1 62  ? -2.080  -1.454  4.182   1.00 46.27  ? 298 THR B CG2 1 
ATOM   1234 N N   . SER B 1 63  ? -5.933  -1.807  2.096   1.00 32.21  ? 299 SER B N   1 
ATOM   1235 C CA  . SER B 1 63  ? -7.364  -2.037  1.940   1.00 36.04  ? 299 SER B CA  1 
ATOM   1236 C C   . SER B 1 63  ? -7.921  -2.513  3.282   1.00 39.73  ? 299 SER B C   1 
ATOM   1237 O O   . SER B 1 63  ? -7.211  -3.124  4.081   1.00 36.28  ? 299 SER B O   1 
ATOM   1238 C CB  . SER B 1 63  ? -7.634  -3.100  0.877   1.00 36.26  ? 299 SER B CB  1 
ATOM   1239 O OG  . SER B 1 63  ? -7.298  -2.609  -0.412  1.00 40.02  ? 299 SER B OG  1 
ATOM   1240 N N   . VAL B 1 64  ? -9.197  -2.245  3.515   1.00 43.58  ? 300 VAL B N   1 
ATOM   1241 C CA  . VAL B 1 64  ? -9.842  -2.671  4.741   1.00 50.72  ? 300 VAL B CA  1 
ATOM   1242 C C   . VAL B 1 64  ? -10.842 -3.770  4.365   1.00 54.99  ? 300 VAL B C   1 
ATOM   1243 O O   . VAL B 1 64  ? -11.652 -3.595  3.455   1.00 50.41  ? 300 VAL B O   1 
ATOM   1244 C CB  . VAL B 1 64  ? -10.499 -1.487  5.474   1.00 38.63  ? 300 VAL B CB  1 
ATOM   1245 C CG1 . VAL B 1 64  ? -11.272 -1.976  6.690   1.00 39.50  ? 300 VAL B CG1 1 
ATOM   1246 C CG2 . VAL B 1 64  ? -9.450  -0.462  5.878   1.00 39.84  ? 300 VAL B CG2 1 
ATOM   1247 N N   . GLU B 1 65  ? -10.763 -4.898  5.064   1.00 58.93  ? 301 GLU B N   1 
ATOM   1248 C CA  . GLU B 1 65  ? -11.630 -6.036  4.789   1.00 75.94  ? 301 GLU B CA  1 
ATOM   1249 C C   . GLU B 1 65  ? -12.839 -6.047  5.722   1.00 68.92  ? 301 GLU B C   1 
ATOM   1250 O O   . GLU B 1 65  ? -13.071 -5.080  6.455   1.00 62.84  ? 301 GLU B O   1 
ATOM   1251 C CB  . GLU B 1 65  ? -10.848 -7.346  4.912   1.00 89.65  ? 301 GLU B CB  1 
ATOM   1252 C CG  . GLU B 1 65  ? -9.599  -7.407  4.050   1.00 105.02 ? 301 GLU B CG  1 
ATOM   1253 C CD  . GLU B 1 65  ? -9.859  -6.988  2.616   1.00 110.86 ? 301 GLU B CD  1 
ATOM   1254 O OE1 . GLU B 1 65  ? -11.043 -6.867  2.239   1.00 110.89 ? 301 GLU B OE1 1 
ATOM   1255 O OE2 . GLU B 1 65  ? -8.879  -6.781  1.871   1.00 110.74 ? 301 GLU B OE2 1 
ATOM   1256 N N   . GLU B 1 74  ? -24.035 1.213   4.715   1.00 116.59 ? 310 GLU B N   1 
ATOM   1257 C CA  . GLU B 1 74  ? -23.445 0.243   3.819   1.00 117.57 ? 310 GLU B CA  1 
ATOM   1258 C C   . GLU B 1 74  ? -22.016 0.622   3.450   1.00 112.42 ? 310 GLU B C   1 
ATOM   1259 O O   . GLU B 1 74  ? -21.769 1.699   2.895   1.00 113.45 ? 310 GLU B O   1 
ATOM   1260 C CB  . GLU B 1 74  ? -24.293 0.094   2.565   1.00 112.04 ? 310 GLU B CB  1 
ATOM   1261 N N   . GLU B 1 75  ? -21.074 -0.265  3.763   1.00 109.06 ? 311 GLU B N   1 
ATOM   1262 C CA  . GLU B 1 75  ? -19.662 -0.006  3.498   1.00 102.27 ? 311 GLU B CA  1 
ATOM   1263 C C   . GLU B 1 75  ? -18.989 -1.058  2.633   1.00 87.29  ? 311 GLU B C   1 
ATOM   1264 O O   . GLU B 1 75  ? -19.177 -2.263  2.824   1.00 95.74  ? 311 GLU B O   1 
ATOM   1265 C CB  . GLU B 1 75  ? -18.905 0.121   4.829   1.00 108.91 ? 311 GLU B CB  1 
ATOM   1266 C CG  . GLU B 1 75  ? -18.980 1.513   5.426   1.00 113.86 ? 311 GLU B CG  1 
ATOM   1267 C CD  . GLU B 1 75  ? -18.849 1.522   6.934   1.00 115.82 ? 311 GLU B CD  1 
ATOM   1268 O OE1 . GLU B 1 75  ? -17.904 0.903   7.469   1.00 115.65 ? 311 GLU B OE1 1 
ATOM   1269 O OE2 . GLU B 1 75  ? -19.695 2.171   7.585   1.00 115.96 ? 311 GLU B OE2 1 
ATOM   1270 N N   . GLU B 1 76  ? -18.207 -0.587  1.677   1.00 83.00  ? 312 GLU B N   1 
ATOM   1271 C CA  . GLU B 1 76  ? -17.473 -1.457  0.767   1.00 75.88  ? 312 GLU B CA  1 
ATOM   1272 C C   . GLU B 1 76  ? -16.321 -0.656  0.194   1.00 53.93  ? 312 GLU B C   1 
ATOM   1273 O O   . GLU B 1 76  ? -16.366 0.571   0.178   1.00 50.90  ? 312 GLU B O   1 
ATOM   1274 C CB  . GLU B 1 76  ? -18.348 -1.947  -0.399  1.00 97.73  ? 312 GLU B CB  1 
ATOM   1275 C CG  . GLU B 1 76  ? -19.290 -3.094  -0.060  1.00 116.34 ? 312 GLU B CG  1 
ATOM   1276 C CD  . GLU B 1 76  ? -19.731 -3.817  -1.311  1.00 123.38 ? 312 GLU B CD  1 
ATOM   1277 O OE1 . GLU B 1 76  ? -20.872 -3.559  -1.761  1.00 123.48 ? 312 GLU B OE1 1 
ATOM   1278 O OE2 . GLU B 1 76  ? -18.943 -4.637  -1.848  1.00 123.40 ? 312 GLU B OE2 1 
ATOM   1279 N N   . ASN B 1 77  ? -15.289 -1.353  -0.271  1.00 39.62  ? 313 ASN B N   1 
ATOM   1280 C CA  . ASN B 1 77  ? -14.143 -0.699  -0.869  1.00 34.74  ? 313 ASN B CA  1 
ATOM   1281 C C   . ASN B 1 77  ? -13.491 0.327   0.042   1.00 32.55  ? 313 ASN B C   1 
ATOM   1282 O O   . ASN B 1 77  ? -13.145 1.438   -0.351  1.00 26.98  ? 313 ASN B O   1 
ATOM   1283 C CB  . ASN B 1 77  ? -14.577 -0.031  -2.170  1.00 40.37  ? 313 ASN B CB  1 
ATOM   1284 C CG  . ASN B 1 77  ? -15.206 -1.018  -3.141  1.00 44.02  ? 313 ASN B CG  1 
ATOM   1285 O OD1 . ASN B 1 77  ? -16.148 -0.687  -3.864  1.00 44.21  ? 313 ASN B OD1 1 
ATOM   1286 N ND2 . ASN B 1 77  ? -14.677 -2.234  -3.170  1.00 44.94  ? 313 ASN B ND2 1 
ATOM   1287 N N   . LEU B 1 78  ? -13.319 -0.108  1.274   1.00 32.38  ? 314 LEU B N   1 
ATOM   1288 C CA  . LEU B 1 78  ? -12.719 0.729   2.294   1.00 35.44  ? 314 LEU B CA  1 
ATOM   1289 C C   . LEU B 1 78  ? -11.205 0.594   2.335   1.00 33.09  ? 314 LEU B C   1 
ATOM   1290 O O   . LEU B 1 78  ? -10.664 -0.510  2.297   1.00 31.56  ? 314 LEU B O   1 
ATOM   1291 C CB  . LEU B 1 78  ? -13.302 0.349   3.648   1.00 36.87  ? 314 LEU B CB  1 
ATOM   1292 C CG  . LEU B 1 78  ? -14.582 1.068   4.076   1.00 41.99  ? 314 LEU B CG  1 
ATOM   1293 C CD1 . LEU B 1 78  ? -15.704 0.811   3.069   1.00 44.78  ? 314 LEU B CD1 1 
ATOM   1294 C CD2 . LEU B 1 78  ? -15.006 0.638   5.474   1.00 45.53  ? 314 LEU B CD2 1 
ATOM   1295 N N   . PHE B 1 79  ? -10.510 1.721   2.398   1.00 29.85  ? 315 PHE B N   1 
ATOM   1296 C CA  . PHE B 1 79  ? -9.079  1.670   2.565   1.00 30.07  ? 315 PHE B CA  1 
ATOM   1297 C C   . PHE B 1 79  ? -8.688  2.640   3.653   1.00 30.47  ? 315 PHE B C   1 
ATOM   1298 O O   . PHE B 1 79  ? -9.455  3.525   4.033   1.00 31.02  ? 315 PHE B O   1 
ATOM   1299 C CB  . PHE B 1 79  ? -8.334  1.942   1.240   1.00 29.27  ? 315 PHE B CB  1 
ATOM   1300 C CG  . PHE B 1 79  ? -8.645  3.235   0.535   1.00 27.83  ? 315 PHE B CG  1 
ATOM   1301 C CD1 . PHE B 1 79  ? -7.679  4.238   0.449   1.00 29.07  ? 315 PHE B CD1 1 
ATOM   1302 C CD2 . PHE B 1 79  ? -9.864  3.430   -0.086  1.00 29.21  ? 315 PHE B CD2 1 
ATOM   1303 C CE1 . PHE B 1 79  ? -7.919  5.409   -0.259  1.00 29.69  ? 315 PHE B CE1 1 
ATOM   1304 C CE2 . PHE B 1 79  ? -10.107 4.585   -0.839  1.00 29.74  ? 315 PHE B CE2 1 
ATOM   1305 C CZ  . PHE B 1 79  ? -9.131  5.573   -0.928  1.00 30.44  ? 315 PHE B CZ  1 
ATOM   1306 N N   . GLU B 1 80  ? -7.480  2.481   4.173   1.00 29.75  ? 316 GLU B N   1 
ATOM   1307 C CA  . GLU B 1 80  ? -7.024  3.315   5.261   1.00 31.72  ? 316 GLU B CA  1 
ATOM   1308 C C   . GLU B 1 80  ? -5.612  3.839   5.110   1.00 29.35  ? 316 GLU B C   1 
ATOM   1309 O O   . GLU B 1 80  ? -4.686  3.106   4.731   1.00 29.78  ? 316 GLU B O   1 
ATOM   1310 C CB  . GLU B 1 80  ? -7.093  2.571   6.593   1.00 37.06  ? 316 GLU B CB  1 
ATOM   1311 C CG  . GLU B 1 80  ? -5.861  2.761   7.472   1.00 42.02  ? 316 GLU B CG  1 
ATOM   1312 C CD  . GLU B 1 80  ? -5.863  1.856   8.689   1.00 43.09  ? 316 GLU B CD  1 
ATOM   1313 O OE1 . GLU B 1 80  ? -5.522  0.664   8.543   1.00 43.13  ? 316 GLU B OE1 1 
ATOM   1314 O OE2 . GLU B 1 80  ? -6.207  2.339   9.788   1.00 45.56  ? 316 GLU B OE2 1 
ATOM   1315 N N   . ILE B 1 81  ? -5.461  5.121   5.417   1.00 28.92  ? 317 ILE B N   1 
ATOM   1316 C CA  . ILE B 1 81  ? -4.167  5.774   5.366   1.00 28.98  ? 317 ILE B CA  1 
ATOM   1317 C C   . ILE B 1 81  ? -3.705  6.078   6.792   1.00 30.86  ? 317 ILE B C   1 
ATOM   1318 O O   . ILE B 1 81  ? -4.444  6.668   7.576   1.00 31.34  ? 317 ILE B O   1 
ATOM   1319 C CB  . ILE B 1 81  ? -4.221  7.127   4.608   1.00 25.00  ? 317 ILE B CB  1 
ATOM   1320 C CG1 . ILE B 1 81  ? -4.650  6.929   3.155   1.00 22.06  ? 317 ILE B CG1 1 
ATOM   1321 C CG2 . ILE B 1 81  ? -2.863  7.840   4.667   1.00 24.76  ? 317 ILE B CG2 1 
ATOM   1322 C CD1 . ILE B 1 81  ? -4.942  8.229   2.435   1.00 23.34  ? 317 ILE B CD1 1 
ATOM   1323 N N   . ILE B 1 82  ? -2.484  5.671   7.123   1.00 30.45  ? 318 ILE B N   1 
ATOM   1324 C CA  . ILE B 1 82  ? -1.871  5.935   8.427   1.00 31.97  ? 318 ILE B CA  1 
ATOM   1325 C C   . ILE B 1 82  ? -0.638  6.773   8.192   1.00 30.80  ? 318 ILE B C   1 
ATOM   1326 O O   . ILE B 1 82  ? 0.327   6.287   7.611   1.00 30.33  ? 318 ILE B O   1 
ATOM   1327 C CB  . ILE B 1 82  ? -1.539  4.638   9.187   1.00 37.41  ? 318 ILE B CB  1 
ATOM   1328 C CG1 . ILE B 1 82  ? -2.780  3.749   9.336   1.00 39.93  ? 318 ILE B CG1 1 
ATOM   1329 C CG2 . ILE B 1 82  ? -0.958  4.959   10.565  1.00 37.38  ? 318 ILE B CG2 1 
ATOM   1330 C CD1 . ILE B 1 82  ? -2.495  2.400   9.962   1.00 43.29  ? 318 ILE B CD1 1 
ATOM   1331 N N   . THR B 1 83  ? -0.656  8.027   8.623   1.00 32.75  ? 319 THR B N   1 
ATOM   1332 C CA  . THR B 1 83  ? 0.481   8.908   8.416   1.00 35.29  ? 319 THR B CA  1 
ATOM   1333 C C   . THR B 1 83  ? 1.690   8.530   9.265   1.00 37.01  ? 319 THR B C   1 
ATOM   1334 O O   . THR B 1 83  ? 1.610   7.622   10.088  1.00 33.87  ? 319 THR B O   1 
ATOM   1335 C CB  . THR B 1 83  ? 0.084   10.340  8.737   1.00 27.98  ? 319 THR B CB  1 
ATOM   1336 O OG1 . THR B 1 83  ? -0.351  10.444  10.101  1.00 28.67  ? 319 THR B OG1 1 
ATOM   1337 C CG2 . THR B 1 83  ? -1.033  10.800  7.812   1.00 28.24  ? 319 THR B CG2 1 
ATOM   1338 N N   . ALA B 1 84  ? 2.784   9.229   9.104   1.00 38.75  ? 320 ALA B N   1 
ATOM   1339 C CA  . ALA B 1 84  ? 3.907   8.960   9.932   1.00 41.84  ? 320 ALA B CA  1 
ATOM   1340 C C   . ALA B 1 84  ? 3.617   9.402   11.361  1.00 43.60  ? 320 ALA B C   1 
ATOM   1341 O O   . ALA B 1 84  ? 4.389   9.079   12.255  1.00 45.56  ? 320 ALA B O   1 
ATOM   1342 C CB  . ALA B 1 84  ? 5.152   9.678   9.420   1.00 30.68  ? 320 ALA B CB  1 
ATOM   1343 N N   . ASP B 1 85  ? 2.516   10.166  11.636  1.00 44.86  ? 321 ASP B N   1 
ATOM   1344 C CA  . ASP B 1 85  ? 2.236   10.604  13.022  1.00 46.35  ? 321 ASP B CA  1 
ATOM   1345 C C   . ASP B 1 85  ? 1.071   9.871   13.650  1.00 44.91  ? 321 ASP B C   1 
ATOM   1346 O O   . ASP B 1 85  ? 0.381   10.366  14.552  1.00 45.22  ? 321 ASP B O   1 
ATOM   1347 C CB  . ASP B 1 85  ? 2.031   12.124  13.126  1.00 53.05  ? 321 ASP B CB  1 
ATOM   1348 C CG  . ASP B 1 85  ? 1.317   12.724  11.954  1.00 58.57  ? 321 ASP B CG  1 
ATOM   1349 O OD1 . ASP B 1 85  ? 1.595   12.275  10.817  1.00 60.55  ? 321 ASP B OD1 1 
ATOM   1350 O OD2 . ASP B 1 85  ? 0.473   13.626  12.145  1.00 62.02  ? 321 ASP B OD2 1 
ATOM   1351 N N   . GLU B 1 86  ? 0.748   8.766   13.073  1.00 44.41  ? 322 GLU B N   1 
ATOM   1352 C CA  . GLU B 1 86  ? -0.345  7.866   13.476  1.00 52.69  ? 322 GLU B CA  1 
ATOM   1353 C C   . GLU B 1 86  ? -1.750  8.362   13.218  1.00 45.64  ? 322 GLU B C   1 
ATOM   1354 O O   . GLU B 1 86  ? -2.692  7.798   13.789  1.00 43.34  ? 322 GLU B O   1 
ATOM   1355 C CB  . GLU B 1 86  ? -0.212  7.575   14.947  1.00 72.68  ? 322 GLU B CB  1 
ATOM   1356 C CG  . GLU B 1 86  ? 0.986   6.703   15.261  1.00 94.70  ? 322 GLU B CG  1 
ATOM   1357 C CD  . GLU B 1 86  ? 1.007   6.221   16.702  1.00 106.16 ? 322 GLU B CD  1 
ATOM   1358 O OE1 . GLU B 1 86  ? 0.044   6.492   17.432  1.00 112.16 ? 322 GLU B OE1 1 
ATOM   1359 O OE2 . GLU B 1 86  ? 1.992   5.574   17.102  1.00 111.94 ? 322 GLU B OE2 1 
ATOM   1360 N N   . VAL B 1 87  ? -1.941  9.365   12.415  1.00 45.97  ? 323 VAL B N   1 
ATOM   1361 C CA  . VAL B 1 87  ? -3.315  9.734   12.220  1.00 48.28  ? 323 VAL B CA  1 
ATOM   1362 C C   . VAL B 1 87  ? -3.949  8.843   11.158  1.00 48.63  ? 323 VAL B C   1 
ATOM   1363 O O   . VAL B 1 87  ? -3.385  8.672   10.073  1.00 45.53  ? 323 VAL B O   1 
ATOM   1364 C CB  . VAL B 1 87  ? -3.472  11.196  11.802  1.00 61.16  ? 323 VAL B CB  1 
ATOM   1365 C CG1 . VAL B 1 87  ? -4.938  11.564  11.661  1.00 63.66  ? 323 VAL B CG1 1 
ATOM   1366 C CG2 . VAL B 1 87  ? -2.796  12.112  12.794  1.00 63.84  ? 323 VAL B CG2 1 
ATOM   1367 N N   . HIS B 1 88  ? -5.104  8.259   11.477  1.00 47.65  ? 324 HIS B N   1 
ATOM   1368 C CA  . HIS B 1 88  ? -5.788  7.369   10.548  1.00 48.70  ? 324 HIS B CA  1 
ATOM   1369 C C   . HIS B 1 88  ? -6.879  8.062   9.747   1.00 48.08  ? 324 HIS B C   1 
ATOM   1370 O O   . HIS B 1 88  ? -7.629  8.886   10.273  1.00 50.22  ? 324 HIS B O   1 
ATOM   1371 C CB  . HIS B 1 88  ? -6.435  6.204   11.264  1.00 51.73  ? 324 HIS B CB  1 
ATOM   1372 C CG  . HIS B 1 88  ? -5.418  5.288   11.972  1.00 52.42  ? 324 HIS B CG  1 
ATOM   1373 N ND1 . HIS B 1 88  ? -5.452  3.911   11.865  1.00 51.56  ? 324 HIS B ND1 1 
ATOM   1374 C CD2 . HIS B 1 88  ? -4.382  5.578   12.792  1.00 52.29  ? 324 HIS B CD2 1 
ATOM   1375 C CE1 . HIS B 1 88  ? -4.475  3.395   12.591  1.00 52.74  ? 324 HIS B CE1 1 
ATOM   1376 N NE2 . HIS B 1 88  ? -3.810  4.382   13.163  1.00 53.16  ? 324 HIS B NE2 1 
ATOM   1377 N N   . TYR B 1 89  ? -6.950  7.704   8.497   1.00 45.52  ? 325 TYR B N   1 
ATOM   1378 C CA  . TYR B 1 89  ? -7.960  8.241   7.600   1.00 40.60  ? 325 TYR B CA  1 
ATOM   1379 C C   . TYR B 1 89  ? -8.652  7.091   6.882   1.00 37.65  ? 325 TYR B C   1 
ATOM   1380 O O   . TYR B 1 89  ? -8.038  6.349   6.126   1.00 35.77  ? 325 TYR B O   1 
ATOM   1381 C CB  . TYR B 1 89  ? -7.341  9.255   6.601   1.00 50.36  ? 325 TYR B CB  1 
ATOM   1382 C CG  . TYR B 1 89  ? -6.876  10.533  7.262   1.00 57.00  ? 325 TYR B CG  1 
ATOM   1383 C CD1 . TYR B 1 89  ? -5.615  10.618  7.840   1.00 59.16  ? 325 TYR B CD1 1 
ATOM   1384 C CD2 . TYR B 1 89  ? -7.689  11.654  7.309   1.00 58.55  ? 325 TYR B CD2 1 
ATOM   1385 C CE1 . TYR B 1 89  ? -5.182  11.781  8.445   1.00 60.70  ? 325 TYR B CE1 1 
ATOM   1386 C CE2 . TYR B 1 89  ? -7.266  12.823  7.912   1.00 61.80  ? 325 TYR B CE2 1 
ATOM   1387 C CZ  . TYR B 1 89  ? -6.010  12.881  8.479   1.00 61.74  ? 325 TYR B CZ  1 
ATOM   1388 O OH  . TYR B 1 89  ? -5.593  14.037  9.098   1.00 64.85  ? 325 TYR B OH  1 
ATOM   1389 N N   . PHE B 1 90  ? -9.946  6.961   7.144   1.00 34.40  ? 326 PHE B N   1 
ATOM   1390 C CA  . PHE B 1 90  ? -10.748 5.941   6.503   1.00 36.16  ? 326 PHE B CA  1 
ATOM   1391 C C   . PHE B 1 90  ? -11.496 6.526   5.343   1.00 32.83  ? 326 PHE B C   1 
ATOM   1392 O O   . PHE B 1 90  ? -12.302 7.442   5.519   1.00 31.18  ? 326 PHE B O   1 
ATOM   1393 C CB  . PHE B 1 90  ? -11.688 5.290   7.516   1.00 43.76  ? 326 PHE B CB  1 
ATOM   1394 C CG  . PHE B 1 90  ? -10.991 4.262   8.375   1.00 50.25  ? 326 PHE B CG  1 
ATOM   1395 C CD1 . PHE B 1 90  ? -10.147 4.668   9.406   1.00 53.99  ? 326 PHE B CD1 1 
ATOM   1396 C CD2 . PHE B 1 90  ? -11.130 2.902   8.117   1.00 52.93  ? 326 PHE B CD2 1 
ATOM   1397 C CE1 . PHE B 1 90  ? -9.446  3.726   10.165  1.00 55.43  ? 326 PHE B CE1 1 
ATOM   1398 C CE2 . PHE B 1 90  ? -10.437 1.958   8.865   1.00 54.99  ? 326 PHE B CE2 1 
ATOM   1399 C CZ  . PHE B 1 90  ? -9.594  2.370   9.889   1.00 55.71  ? 326 PHE B CZ  1 
ATOM   1400 N N   . LEU B 1 91  ? -11.230 5.994   4.158   1.00 35.89  ? 327 LEU B N   1 
ATOM   1401 C CA  . LEU B 1 91  ? -11.845 6.468   2.928   1.00 35.18  ? 327 LEU B CA  1 
ATOM   1402 C C   . LEU B 1 91  ? -12.565 5.329   2.247   1.00 36.22  ? 327 LEU B C   1 
ATOM   1403 O O   . LEU B 1 91  ? -12.238 4.157   2.452   1.00 35.89  ? 327 LEU B O   1 
ATOM   1404 C CB  . LEU B 1 91  ? -10.783 7.046   2.006   1.00 31.18  ? 327 LEU B CB  1 
ATOM   1405 C CG  . LEU B 1 91  ? -9.916  8.135   2.614   1.00 30.43  ? 327 LEU B CG  1 
ATOM   1406 C CD1 . LEU B 1 91  ? -8.824  8.548   1.652   1.00 29.76  ? 327 LEU B CD1 1 
ATOM   1407 C CD2 . LEU B 1 91  ? -10.764 9.341   3.003   1.00 27.35  ? 327 LEU B CD2 1 
ATOM   1408 N N   . GLN B 1 92  ? -13.549 5.678   1.431   1.00 33.79  ? 328 GLN B N   1 
ATOM   1409 C CA  . GLN B 1 92  ? -14.351 4.703   0.726   1.00 32.89  ? 328 GLN B CA  1 
ATOM   1410 C C   . GLN B 1 92  ? -14.437 5.075   -0.752  1.00 31.25  ? 328 GLN B C   1 
ATOM   1411 O O   . GLN B 1 92  ? -14.860 6.184   -1.067  1.00 28.98  ? 328 GLN B O   1 
ATOM   1412 C CB  . GLN B 1 92  ? -15.751 4.621   1.328   1.00 35.73  ? 328 GLN B CB  1 
ATOM   1413 C CG  . GLN B 1 92  ? -16.472 3.317   1.032   1.00 39.80  ? 328 GLN B CG  1 
ATOM   1414 C CD  . GLN B 1 92  ? -17.921 3.330   1.511   1.00 40.17  ? 328 GLN B CD  1 
ATOM   1415 O OE1 . GLN B 1 92  ? -18.247 3.945   2.521   1.00 42.06  ? 328 GLN B OE1 1 
ATOM   1416 N NE2 . GLN B 1 92  ? -18.945 2.718   0.929   1.00 42.07  ? 328 GLN B NE2 1 
ATOM   1417 N N   . ALA B 1 93  ? -14.031 4.176   -1.643  1.00 32.90  ? 329 ALA B N   1 
ATOM   1418 C CA  . ALA B 1 93  ? -14.111 4.444   -3.073  1.00 33.17  ? 329 ALA B CA  1 
ATOM   1419 C C   . ALA B 1 93  ? -15.466 3.925   -3.545  1.00 33.55  ? 329 ALA B C   1 
ATOM   1420 O O   . ALA B 1 93  ? -16.213 3.342   -2.761  1.00 33.61  ? 329 ALA B O   1 
ATOM   1421 C CB  . ALA B 1 93  ? -12.976 3.785   -3.827  1.00 25.11  ? 329 ALA B CB  1 
ATOM   1422 N N   . ALA B 1 94  ? -15.777 4.129   -4.818  1.00 31.73  ? 330 ALA B N   1 
ATOM   1423 C CA  . ALA B 1 94  ? -17.048 3.681   -5.374  1.00 32.74  ? 330 ALA B CA  1 
ATOM   1424 C C   . ALA B 1 94  ? -16.946 2.259   -5.922  1.00 32.61  ? 330 ALA B C   1 
ATOM   1425 O O   . ALA B 1 94  ? -17.940 1.532   -5.976  1.00 33.62  ? 330 ALA B O   1 
ATOM   1426 C CB  . ALA B 1 94  ? -17.490 4.636   -6.475  1.00 33.10  ? 330 ALA B CB  1 
ATOM   1427 N N   . THR B 1 95  ? -15.740 1.870   -6.327  1.00 34.25  ? 331 THR B N   1 
ATOM   1428 C CA  . THR B 1 95  ? -15.502 0.536   -6.877  1.00 36.56  ? 331 THR B CA  1 
ATOM   1429 C C   . THR B 1 95  ? -14.183 -0.035  -6.367  1.00 37.78  ? 331 THR B C   1 
ATOM   1430 O O   . THR B 1 95  ? -13.326 0.703   -5.867  1.00 31.97  ? 331 THR B O   1 
ATOM   1431 C CB  . THR B 1 95  ? -15.415 0.556   -8.411  1.00 38.55  ? 331 THR B CB  1 
ATOM   1432 O OG1 . THR B 1 95  ? -14.283 1.336   -8.814  1.00 38.10  ? 331 THR B OG1 1 
ATOM   1433 C CG2 . THR B 1 95  ? -16.677 1.157   -9.017  1.00 41.47  ? 331 THR B CG2 1 
ATOM   1434 N N   . PRO B 1 96  ? -14.000 -1.364  -6.492  1.00 38.94  ? 332 PRO B N   1 
ATOM   1435 C CA  . PRO B 1 96  ? -12.749 -1.970  -6.024  1.00 40.86  ? 332 PRO B CA  1 
ATOM   1436 C C   . PRO B 1 96  ? -11.610 -1.388  -6.858  1.00 40.30  ? 332 PRO B C   1 
ATOM   1437 O O   . PRO B 1 96  ? -10.511 -1.142  -6.368  1.00 41.37  ? 332 PRO B O   1 
ATOM   1438 C CB  . PRO B 1 96  ? -12.958 -3.457  -6.309  1.00 37.75  ? 332 PRO B CB  1 
ATOM   1439 C CG  . PRO B 1 96  ? -14.447 -3.619  -6.275  1.00 37.03  ? 332 PRO B CG  1 
ATOM   1440 C CD  . PRO B 1 96  ? -14.920 -2.395  -7.001  1.00 36.40  ? 332 PRO B CD  1 
ATOM   1441 N N   . LYS B 1 97  ? -11.902 -1.170  -8.132  1.00 37.04  ? 333 LYS B N   1 
ATOM   1442 C CA  . LYS B 1 97  ? -10.937 -0.622  -9.068  1.00 37.57  ? 333 LYS B CA  1 
ATOM   1443 C C   . LYS B 1 97  ? -10.446 0.745   -8.604  1.00 31.88  ? 333 LYS B C   1 
ATOM   1444 O O   . LYS B 1 97  ? -9.243  0.995   -8.559  1.00 30.83  ? 333 LYS B O   1 
ATOM   1445 C CB  . LYS B 1 97  ? -11.571 -0.512  -10.459 1.00 43.50  ? 333 LYS B CB  1 
ATOM   1446 C CG  . LYS B 1 97  ? -10.640 0.030   -11.531 1.00 53.08  ? 333 LYS B CG  1 
ATOM   1447 C CD  . LYS B 1 97  ? -11.324 0.026   -12.889 1.00 58.98  ? 333 LYS B CD  1 
ATOM   1448 C CE  . LYS B 1 97  ? -10.376 0.448   -13.992 1.00 63.06  ? 333 LYS B CE  1 
ATOM   1449 N NZ  . LYS B 1 97  ? -9.746  1.775   -13.692 1.00 67.25  ? 333 LYS B NZ  1 
ATOM   1450 N N   . GLU B 1 98  ? -11.380 1.624   -8.254  1.00 29.42  ? 334 GLU B N   1 
ATOM   1451 C CA  . GLU B 1 98  ? -11.026 2.959   -7.801  1.00 29.42  ? 334 GLU B CA  1 
ATOM   1452 C C   . GLU B 1 98  ? -10.195 2.901   -6.525  1.00 29.47  ? 334 GLU B C   1 
ATOM   1453 O O   . GLU B 1 98  ? -9.251  3.667   -6.365  1.00 26.54  ? 334 GLU B O   1 
ATOM   1454 C CB  . GLU B 1 98  ? -12.284 3.791   -7.556  1.00 31.51  ? 334 GLU B CB  1 
ATOM   1455 C CG  . GLU B 1 98  ? -11.993 5.217   -7.108  1.00 33.71  ? 334 GLU B CG  1 
ATOM   1456 C CD  . GLU B 1 98  ? -13.243 6.058   -7.059  1.00 34.86  ? 334 GLU B CD  1 
ATOM   1457 O OE1 . GLU B 1 98  ? -14.235 5.624   -6.433  1.00 34.41  ? 334 GLU B OE1 1 
ATOM   1458 O OE2 . GLU B 1 98  ? -13.232 7.160   -7.638  1.00 37.03  ? 334 GLU B OE2 1 
ATOM   1459 N N   . ARG B 1 99  ? -10.558 2.009   -5.607  1.00 30.60  ? 335 ARG B N   1 
ATOM   1460 C CA  . ARG B 1 99  ? -9.799  1.888   -4.376  1.00 31.65  ? 335 ARG B CA  1 
ATOM   1461 C C   . ARG B 1 99  ? -8.355  1.539   -4.712  1.00 31.62  ? 335 ARG B C   1 
ATOM   1462 O O   . ARG B 1 99  ? -7.423  2.172   -4.212  1.00 32.74  ? 335 ARG B O   1 
ATOM   1463 C CB  . ARG B 1 99  ? -10.347 0.828   -3.419  1.00 31.84  ? 335 ARG B CB  1 
ATOM   1464 C CG  . ARG B 1 99  ? -9.373  0.467   -2.300  1.00 32.21  ? 335 ARG B CG  1 
ATOM   1465 C CD  . ARG B 1 99  ? -10.002 -0.390  -1.224  1.00 32.07  ? 335 ARG B CD  1 
ATOM   1466 N NE  . ARG B 1 99  ? -10.471 -1.650  -1.781  1.00 33.81  ? 335 ARG B NE  1 
ATOM   1467 C CZ  . ARG B 1 99  ? -11.140 -2.569  -1.092  1.00 35.03  ? 335 ARG B CZ  1 
ATOM   1468 N NH1 . ARG B 1 99  ? -11.430 -2.376  0.193   1.00 32.37  ? 335 ARG B NH1 1 
ATOM   1469 N NH2 . ARG B 1 99  ? -11.500 -3.697  -1.690  1.00 34.97  ? 335 ARG B NH2 1 
ATOM   1470 N N   . THR B 1 100 ? -8.176  0.532   -5.563  1.00 32.59  ? 336 THR B N   1 
ATOM   1471 C CA  . THR B 1 100 ? -6.832  0.095   -5.950  1.00 31.77  ? 336 THR B CA  1 
ATOM   1472 C C   . THR B 1 100 ? -6.013  1.236   -6.549  1.00 29.55  ? 336 THR B C   1 
ATOM   1473 O O   . THR B 1 100 ? -4.851  1.431   -6.192  1.00 29.45  ? 336 THR B O   1 
ATOM   1474 C CB  . THR B 1 100 ? -6.893  -1.075  -6.965  1.00 32.93  ? 336 THR B CB  1 
ATOM   1475 O OG1 . THR B 1 100 ? -7.625  -2.162  -6.388  1.00 33.70  ? 336 THR B OG1 1 
ATOM   1476 C CG2 . THR B 1 100 ? -5.482  -1.512  -7.323  1.00 33.05  ? 336 THR B CG2 1 
ATOM   1477 N N   . GLU B 1 101 ? -6.625  1.991   -7.457  1.00 29.51  ? 337 GLU B N   1 
ATOM   1478 C CA  . GLU B 1 101 ? -5.949  3.115   -8.103  1.00 30.65  ? 337 GLU B CA  1 
ATOM   1479 C C   . GLU B 1 101 ? -5.504  4.197   -7.121  1.00 28.46  ? 337 GLU B C   1 
ATOM   1480 O O   . GLU B 1 101 ? -4.423  4.771   -7.289  1.00 28.61  ? 337 GLU B O   1 
ATOM   1481 C CB  . GLU B 1 101 ? -6.866  3.722   -9.169  1.00 35.69  ? 337 GLU B CB  1 
ATOM   1482 C CG  . GLU B 1 101 ? -6.977  2.872   -10.425 1.00 42.96  ? 337 GLU B CG  1 
ATOM   1483 C CD  . GLU B 1 101 ? -8.075  3.330   -11.365 1.00 48.04  ? 337 GLU B CD  1 
ATOM   1484 O OE1 . GLU B 1 101 ? -8.154  2.776   -12.485 1.00 50.64  ? 337 GLU B OE1 1 
ATOM   1485 O OE2 . GLU B 1 101 ? -8.863  4.233   -10.989 1.00 49.73  ? 337 GLU B OE2 1 
ATOM   1486 N N   . TRP B 1 102 ? -6.318  4.469   -6.112  1.00 27.25  ? 338 TRP B N   1 
ATOM   1487 C CA  . TRP B 1 102 ? -5.949  5.485   -5.133  1.00 26.57  ? 338 TRP B CA  1 
ATOM   1488 C C   . TRP B 1 102 ? -4.817  4.964   -4.246  1.00 25.86  ? 338 TRP B C   1 
ATOM   1489 O O   . TRP B 1 102 ? -3.856  5.679   -3.963  1.00 25.80  ? 338 TRP B O   1 
ATOM   1490 C CB  . TRP B 1 102 ? -7.174  5.895   -4.314  1.00 27.26  ? 338 TRP B CB  1 
ATOM   1491 C CG  . TRP B 1 102 ? -7.900  7.109   -4.817  1.00 28.25  ? 338 TRP B CG  1 
ATOM   1492 C CD1 . TRP B 1 102 ? -9.117  7.142   -5.432  1.00 27.80  ? 338 TRP B CD1 1 
ATOM   1493 C CD2 . TRP B 1 102 ? -7.461  8.471   -4.725  1.00 29.38  ? 338 TRP B CD2 1 
ATOM   1494 N NE1 . TRP B 1 102 ? -9.472  8.448   -5.724  1.00 28.26  ? 338 TRP B NE1 1 
ATOM   1495 C CE2 . TRP B 1 102 ? -8.471  9.283   -5.296  1.00 29.94  ? 338 TRP B CE2 1 
ATOM   1496 C CE3 . TRP B 1 102 ? -6.313  9.089   -4.204  1.00 30.24  ? 338 TRP B CE3 1 
ATOM   1497 C CZ2 . TRP B 1 102 ? -8.367  10.677  -5.360  1.00 27.90  ? 338 TRP B CZ2 1 
ATOM   1498 C CZ3 . TRP B 1 102 ? -6.212  10.476  -4.268  1.00 29.66  ? 338 TRP B CZ3 1 
ATOM   1499 C CH2 . TRP B 1 102 ? -7.236  11.252  -4.840  1.00 28.79  ? 338 TRP B CH2 1 
ATOM   1500 N N   . ILE B 1 103 ? -4.927  3.711   -3.814  1.00 23.71  ? 339 ILE B N   1 
ATOM   1501 C CA  . ILE B 1 103 ? -3.898  3.119   -2.969  1.00 24.54  ? 339 ILE B CA  1 
ATOM   1502 C C   . ILE B 1 103 ? -2.541  3.148   -3.688  1.00 24.97  ? 339 ILE B C   1 
ATOM   1503 O O   . ILE B 1 103 ? -1.532  3.507   -3.095  1.00 24.35  ? 339 ILE B O   1 
ATOM   1504 C CB  . ILE B 1 103 ? -4.272  1.657   -2.556  1.00 26.98  ? 339 ILE B CB  1 
ATOM   1505 C CG1 . ILE B 1 103 ? -5.525  1.678   -1.664  1.00 27.42  ? 339 ILE B CG1 1 
ATOM   1506 C CG2 . ILE B 1 103 ? -3.116  0.964   -1.848  1.00 28.89  ? 339 ILE B CG2 1 
ATOM   1507 C CD1 . ILE B 1 103 ? -5.880  0.321   -1.089  1.00 29.05  ? 339 ILE B CD1 1 
ATOM   1508 N N   . LYS B 1 104 ? -2.513  2.786   -4.967  1.00 25.04  ? 340 LYS B N   1 
ATOM   1509 C CA  . LYS B 1 104 ? -1.253  2.819   -5.713  1.00 28.05  ? 340 LYS B CA  1 
ATOM   1510 C C   . LYS B 1 104 ? -0.718  4.248   -5.880  1.00 26.29  ? 340 LYS B C   1 
ATOM   1511 O O   . LYS B 1 104 ? 0.469   4.509   -5.664  1.00 26.93  ? 340 LYS B O   1 
ATOM   1512 C CB  . LYS B 1 104 ? -1.422  2.167   -7.097  1.00 30.07  ? 340 LYS B CB  1 
ATOM   1513 C CG  . LYS B 1 104 ? -1.523  0.646   -7.070  1.00 31.80  ? 340 LYS B CG  1 
ATOM   1514 C CD  . LYS B 1 104 ? -1.722  0.074   -8.470  1.00 34.74  ? 340 LYS B CD  1 
ATOM   1515 C CE  . LYS B 1 104 ? -1.727  -1.449  -8.467  1.00 38.20  ? 340 LYS B CE  1 
ATOM   1516 N NZ  . LYS B 1 104 ? -1.749  -2.010  -9.846  1.00 41.80  ? 340 LYS B NZ  1 
ATOM   1517 N N   . ALA B 1 105 ? -1.593  5.175   -6.264  1.00 28.93  ? 341 ALA B N   1 
ATOM   1518 C CA  . ALA B 1 105 ? -1.195  6.573   -6.457  1.00 29.18  ? 341 ALA B CA  1 
ATOM   1519 C C   . ALA B 1 105 ? -0.630  7.186   -5.169  1.00 29.32  ? 341 ALA B C   1 
ATOM   1520 O O   . ALA B 1 105 ? 0.398   7.874   -5.188  1.00 27.15  ? 341 ALA B O   1 
ATOM   1521 C CB  . ALA B 1 105 ? -2.384  7.373   -6.959  1.00 28.34  ? 341 ALA B CB  1 
ATOM   1522 N N   . ILE B 1 106 ? -1.309  6.936   -4.051  1.00 26.76  ? 342 ILE B N   1 
ATOM   1523 C CA  . ILE B 1 106 ? -0.852  7.459   -2.766  1.00 26.90  ? 342 ILE B CA  1 
ATOM   1524 C C   . ILE B 1 106 ? 0.571   6.962   -2.464  1.00 29.00  ? 342 ILE B C   1 
ATOM   1525 O O   . ILE B 1 106 ? 1.413   7.720   -1.976  1.00 25.57  ? 342 ILE B O   1 
ATOM   1526 C CB  . ILE B 1 106 ? -1.811  7.035   -1.629  1.00 27.44  ? 342 ILE B CB  1 
ATOM   1527 C CG1 . ILE B 1 106 ? -3.131  7.822   -1.762  1.00 26.12  ? 342 ILE B CG1 1 
ATOM   1528 C CG2 . ILE B 1 106 ? -1.186  7.264   -0.253  1.00 26.69  ? 342 ILE B CG2 1 
ATOM   1529 C CD1 . ILE B 1 106 ? -4.288  7.217   -0.996  1.00 27.29  ? 342 ILE B CD1 1 
ATOM   1530 N N   . GLN B 1 107 ? 0.844   5.694   -2.756  1.00 29.99  ? 343 GLN B N   1 
ATOM   1531 C CA  . GLN B 1 107 ? 2.176   5.154   -2.512  1.00 34.63  ? 343 GLN B CA  1 
ATOM   1532 C C   . GLN B 1 107 ? 3.199   5.769   -3.453  1.00 36.95  ? 343 GLN B C   1 
ATOM   1533 O O   . GLN B 1 107 ? 4.322   6.074   -3.051  1.00 38.63  ? 343 GLN B O   1 
ATOM   1534 C CB  . GLN B 1 107 ? 2.192   3.641   -2.687  1.00 32.33  ? 343 GLN B CB  1 
ATOM   1535 C CG  . GLN B 1 107 ? 1.423   2.902   -1.610  1.00 32.78  ? 343 GLN B CG  1 
ATOM   1536 C CD  . GLN B 1 107 ? 1.301   1.429   -1.922  1.00 32.45  ? 343 GLN B CD  1 
ATOM   1537 O OE1 . GLN B 1 107 ? 2.289   0.710   -1.887  1.00 32.46  ? 343 GLN B OE1 1 
ATOM   1538 N NE2 . GLN B 1 107 ? 0.199   0.773   -2.251  1.00 33.66  ? 343 GLN B NE2 1 
ATOM   1539 N N   . MET B 1 108 ? 2.837   5.950   -4.710  1.00 43.15  ? 344 MET B N   1 
ATOM   1540 C CA  . MET B 1 108 ? 3.796   6.549   -5.617  1.00 48.80  ? 344 MET B CA  1 
ATOM   1541 C C   . MET B 1 108 ? 4.003   8.030   -5.337  1.00 44.82  ? 344 MET B C   1 
ATOM   1542 O O   . MET B 1 108 ? 5.057   8.573   -5.634  1.00 44.78  ? 344 MET B O   1 
ATOM   1543 C CB  . MET B 1 108 ? 3.376   6.329   -7.060  1.00 57.17  ? 344 MET B CB  1 
ATOM   1544 C CG  . MET B 1 108 ? 3.024   4.894   -7.348  1.00 66.88  ? 344 MET B CG  1 
ATOM   1545 S SD  . MET B 1 108 ? 3.328   4.431   -9.052  1.00 70.75  ? 344 MET B SD  1 
ATOM   1546 C CE  . MET B 1 108 ? 1.964   5.267   -9.860  1.00 76.09  ? 344 MET B CE  1 
ATOM   1547 N N   . ALA B 1 109 ? 3.035   8.707   -4.729  1.00 36.26  ? 345 ALA B N   1 
ATOM   1548 C CA  . ALA B 1 109 ? 3.249   10.124  -4.374  1.00 36.05  ? 345 ALA B CA  1 
ATOM   1549 C C   . ALA B 1 109 ? 4.368   10.275  -3.327  1.00 38.81  ? 345 ALA B C   1 
ATOM   1550 O O   . ALA B 1 109 ? 5.282   11.088  -3.480  1.00 39.07  ? 345 ALA B O   1 
ATOM   1551 C CB  . ALA B 1 109 ? 1.959   10.764  -3.860  1.00 23.74  ? 345 ALA B CB  1 
ATOM   1552 N N   . SER B 1 110 ? 4.246   9.469   -2.273  1.00 39.58  ? 346 SER B N   1 
ATOM   1553 C CA  . SER B 1 110 ? 5.201   9.504   -1.181  1.00 50.91  ? 346 SER B CA  1 
ATOM   1554 C C   . SER B 1 110 ? 6.570   8.944   -1.584  1.00 60.95  ? 346 SER B C   1 
ATOM   1555 O O   . SER B 1 110 ? 7.340   8.499   -0.734  1.00 52.80  ? 346 SER B O   1 
ATOM   1556 C CB  . SER B 1 110 ? 4.656   8.751   0.034   1.00 49.66  ? 346 SER B CB  1 
ATOM   1557 O OG  . SER B 1 110 ? 4.013   7.549   -0.348  1.00 50.90  ? 346 SER B OG  1 
ATOM   1558 N N   . ARG B 1 111 ? 6.816   9.012   -2.905  1.00 78.22  ? 347 ARG B N   1 
ATOM   1559 C CA  . ARG B 1 111 ? 8.038   8.508   -3.558  1.00 91.04  ? 347 ARG B CA  1 
ATOM   1560 C C   . ARG B 1 111 ? 7.719   7.369   -4.522  1.00 91.73  ? 347 ARG B C   1 
ATOM   1561 O O   . ARG B 1 111 ? 7.343   7.610   -5.669  1.00 89.54  ? 347 ARG B O   1 
ATOM   1562 C CB  . ARG B 1 111 ? 9.063   8.053   -2.532  1.00 120.98 ? 347 ARG B CB  1 
HETATM 1563 O O   . HOH C 2 .   ? 5.245   -25.213 -3.121  1.00 33.65  ? 1   HOH A O   1 
HETATM 1564 O O   . HOH C 2 .   ? 1.982   -17.663 4.423   1.00 31.74  ? 3   HOH A O   1 
HETATM 1565 O O   . HOH C 2 .   ? 14.537  -15.061 -8.426  1.00 38.64  ? 4   HOH A O   1 
HETATM 1566 O O   . HOH C 2 .   ? 11.151  -1.005  -6.000  1.00 38.08  ? 8   HOH A O   1 
HETATM 1567 O O   . HOH C 2 .   ? 5.019   -13.213 -9.086  1.00 32.73  ? 9   HOH A O   1 
HETATM 1568 O O   . HOH C 2 .   ? 8.048   -18.533 -7.124  1.00 34.52  ? 10  HOH A O   1 
HETATM 1569 O O   . HOH C 2 .   ? 10.702  -14.485 -8.181  1.00 32.61  ? 11  HOH A O   1 
HETATM 1570 O O   . HOH C 2 .   ? -4.054  -3.169  -0.084  1.00 44.73  ? 13  HOH A O   1 
HETATM 1571 O O   . HOH C 2 .   ? 16.389  -9.549  3.149   1.00 43.90  ? 14  HOH A O   1 
HETATM 1572 O O   . HOH C 2 .   ? -6.214  -8.706  3.768   1.00 40.67  ? 15  HOH A O   1 
HETATM 1573 O O   . HOH C 2 .   ? 11.892  -24.753 -4.212  1.00 35.49  ? 16  HOH A O   1 
HETATM 1574 O O   . HOH C 2 .   ? 15.669  -0.296  -1.018  1.00 40.15  ? 17  HOH A O   1 
HETATM 1575 O O   . HOH C 2 .   ? 13.413  -11.389 -7.680  1.00 32.56  ? 18  HOH A O   1 
HETATM 1576 O O   . HOH C 2 .   ? 5.759   -12.397 10.977  1.00 46.56  ? 19  HOH A O   1 
HETATM 1577 O O   . HOH C 2 .   ? 4.496   -15.279 6.421   1.00 34.72  ? 20  HOH A O   1 
HETATM 1578 O O   . HOH C 2 .   ? 4.808   -7.725  11.282  1.00 42.55  ? 22  HOH A O   1 
HETATM 1579 O O   . HOH C 2 .   ? 10.687  -24.983 -7.020  1.00 62.77  ? 25  HOH A O   1 
HETATM 1580 O O   . HOH C 2 .   ? -1.979  -1.601  0.078   1.00 32.63  ? 26  HOH A O   1 
HETATM 1581 O O   . HOH C 2 .   ? -7.295  -13.162 8.955   1.00 40.80  ? 27  HOH A O   1 
HETATM 1582 O O   . HOH C 2 .   ? 9.174   -12.422 -16.847 1.00 60.42  ? 28  HOH A O   1 
HETATM 1583 O O   . HOH C 2 .   ? 6.694   1.061   -8.738  1.00 46.90  ? 37  HOH A O   1 
HETATM 1584 O O   . HOH C 2 .   ? 13.221  -6.987  -7.803  1.00 49.71  ? 40  HOH A O   1 
HETATM 1585 O O   . HOH C 2 .   ? -6.860  -12.177 -2.379  1.00 38.55  ? 42  HOH A O   1 
HETATM 1586 O O   . HOH C 2 .   ? 15.030  -5.838  -7.011  1.00 44.38  ? 43  HOH A O   1 
HETATM 1587 O O   . HOH C 2 .   ? 0.509   -18.420 2.047   1.00 32.21  ? 46  HOH A O   1 
HETATM 1588 O O   . HOH C 2 .   ? 0.776   -3.103  -6.381  1.00 50.68  ? 57  HOH A O   1 
HETATM 1589 O O   . HOH C 2 .   ? -7.311  -6.258  -8.161  1.00 47.33  ? 58  HOH A O   1 
HETATM 1590 O O   . HOH C 2 .   ? -1.051  -0.297  11.342  1.00 54.91  ? 63  HOH A O   1 
HETATM 1591 O O   . HOH C 2 .   ? 8.775   -11.903 11.843  1.00 49.42  ? 65  HOH A O   1 
HETATM 1592 O O   . HOH C 2 .   ? 8.930   -19.293 -9.496  1.00 55.48  ? 68  HOH A O   1 
HETATM 1593 O O   . HOH C 2 .   ? 11.357  -11.082 12.988  1.00 55.06  ? 69  HOH A O   1 
HETATM 1594 O O   . HOH C 2 .   ? 17.437  -20.406 -1.219  1.00 59.65  ? 73  HOH A O   1 
HETATM 1595 O O   . HOH C 2 .   ? 5.305   -11.711 -12.683 1.00 80.17  ? 76  HOH A O   1 
HETATM 1596 O O   . HOH C 2 .   ? 21.231  -13.345 3.412   1.00 54.84  ? 79  HOH A O   1 
HETATM 1597 O O   . HOH C 2 .   ? -1.131  -13.244 11.734  1.00 52.61  ? 80  HOH A O   1 
HETATM 1598 O O   . HOH C 2 .   ? 18.530  -22.851 -3.005  1.00 65.39  ? 82  HOH A O   1 
HETATM 1599 O O   . HOH C 2 .   ? -5.563  -18.716 1.069   1.00 75.00  ? 83  HOH A O   1 
HETATM 1600 O O   . HOH C 2 .   ? 21.158  -11.744 8.136   1.00 65.59  ? 84  HOH A O   1 
HETATM 1601 O O   . HOH C 2 .   ? 10.079  -0.345  9.388   1.00 55.84  ? 90  HOH A O   1 
HETATM 1602 O O   . HOH C 2 .   ? -3.425  -21.002 -5.044  1.00 56.91  ? 91  HOH A O   1 
HETATM 1603 O O   . HOH C 2 .   ? -1.684  -5.358  10.415  1.00 57.64  ? 93  HOH A O   1 
HETATM 1604 O O   . HOH C 2 .   ? -3.565  -4.733  -7.250  1.00 48.72  ? 94  HOH A O   1 
HETATM 1605 O O   . HOH C 2 .   ? 18.722  -8.435  11.860  1.00 71.39  ? 96  HOH A O   1 
HETATM 1606 O O   . HOH C 2 .   ? 10.908  5.302   -10.297 1.00 45.27  ? 98  HOH A O   1 
HETATM 1607 O O   . HOH C 2 .   ? 7.442   4.431   -8.056  1.00 59.95  ? 101 HOH A O   1 
HETATM 1608 O O   . HOH C 2 .   ? 8.209   6.547   14.434  1.00 73.18  ? 103 HOH A O   1 
HETATM 1609 O O   . HOH C 2 .   ? -9.051  -13.425 -0.433  1.00 59.50  ? 109 HOH A O   1 
HETATM 1610 O O   . HOH C 2 .   ? 4.479   3.400   13.602  1.00 72.02  ? 111 HOH A O   1 
HETATM 1611 O O   . HOH C 2 .   ? 22.501  -8.882  3.672   1.00 72.35  ? 112 HOH A O   1 
HETATM 1612 O O   . HOH C 2 .   ? 20.949  -10.858 2.073   1.00 74.07  ? 113 HOH A O   1 
HETATM 1613 O O   . HOH C 2 .   ? 21.022  -5.877  12.453  1.00 70.26  ? 115 HOH A O   1 
HETATM 1614 O O   . HOH C 2 .   ? -1.675  -12.812 -11.826 1.00 54.32  ? 116 HOH A O   1 
HETATM 1615 O O   . HOH C 2 .   ? 7.483   -9.237  12.980  1.00 76.31  ? 119 HOH A O   1 
HETATM 1616 O O   . HOH C 2 .   ? 0.651   -4.654  11.350  1.00 52.57  ? 120 HOH A O   1 
HETATM 1617 O O   . HOH C 2 .   ? 3.961   -13.305 -11.927 1.00 69.63  ? 121 HOH A O   1 
HETATM 1618 O O   . HOH C 2 .   ? 22.820  -22.133 0.171   1.00 69.51  ? 124 HOH A O   1 
HETATM 1619 O O   . HOH C 2 .   ? 2.797   -5.588  9.851   1.00 44.39  ? 125 HOH A O   1 
HETATM 1620 O O   . HOH C 2 .   ? 13.770  2.972   0.771   1.00 65.11  ? 126 HOH A O   1 
HETATM 1621 O O   . HOH C 2 .   ? 6.999   2.627   13.738  1.00 71.23  ? 128 HOH A O   1 
HETATM 1622 O O   . HOH C 2 .   ? 9.622   3.989   12.762  1.00 88.51  ? 130 HOH A O   1 
HETATM 1623 O O   . HOH C 2 .   ? 3.982   -3.445  10.162  1.00 52.84  ? 131 HOH A O   1 
HETATM 1624 O O   . HOH C 2 .   ? -6.766  -7.414  8.250   1.00 53.27  ? 152 HOH A O   1 
HETATM 1625 O O   . HOH C 2 .   ? -2.655  -14.964 10.730  1.00 65.18  ? 153 HOH A O   1 
HETATM 1626 O O   . HOH C 2 .   ? 10.660  4.130   -1.680  1.00 67.61  ? 157 HOH A O   1 
HETATM 1627 O O   . HOH C 2 .   ? 14.304  -25.053 0.590   1.00 67.77  ? 158 HOH A O   1 
HETATM 1628 O O   . HOH C 2 .   ? 12.732  8.798   0.633   1.00 65.83  ? 159 HOH A O   1 
HETATM 1629 O O   . HOH C 2 .   ? 11.512  5.618   8.967   1.00 59.64  ? 162 HOH A O   1 
HETATM 1630 O O   . HOH C 2 .   ? -2.537  -19.228 -6.102  1.00 67.37  ? 163 HOH A O   1 
HETATM 1631 O O   . HOH C 2 .   ? 13.087  7.999   3.932   1.00 69.45  ? 164 HOH A O   1 
HETATM 1632 O O   . HOH C 2 .   ? -10.537 -19.597 -4.308  1.00 73.49  ? 168 HOH A O   1 
HETATM 1633 O O   . HOH C 2 .   ? 13.975  -27.319 0.218   1.00 61.68  ? 173 HOH A O   1 
HETATM 1634 O O   . HOH D 2 .   ? -12.289 9.321   -6.541  1.00 33.79  ? 2   HOH B O   1 
HETATM 1635 O O   . HOH D 2 .   ? -15.488 7.722   -5.116  1.00 36.59  ? 5   HOH B O   1 
HETATM 1636 O O   . HOH D 2 .   ? 2.851   10.339  6.640   1.00 30.89  ? 6   HOH B O   1 
HETATM 1637 O O   . HOH D 2 .   ? -16.871 6.803   -2.718  1.00 28.16  ? 7   HOH B O   1 
HETATM 1638 O O   . HOH D 2 .   ? -21.643 13.760  2.043   1.00 31.88  ? 12  HOH B O   1 
HETATM 1639 O O   . HOH D 2 .   ? -18.410 1.809   -2.111  1.00 45.64  ? 21  HOH B O   1 
HETATM 1640 O O   . HOH D 2 .   ? -18.885 19.709  3.071   1.00 39.12  ? 23  HOH B O   1 
HETATM 1641 O O   . HOH D 2 .   ? -15.793 13.496  7.218   1.00 44.76  ? 24  HOH B O   1 
HETATM 1642 O O   . HOH D 2 .   ? -14.316 14.890  8.240   1.00 61.34  ? 29  HOH B O   1 
HETATM 1643 O O   . HOH D 2 .   ? -2.634  14.208  -13.518 1.00 70.30  ? 30  HOH B O   1 
HETATM 1644 O O   . HOH D 2 .   ? -3.576  0.998   6.664   1.00 54.07  ? 31  HOH B O   1 
HETATM 1645 O O   . HOH D 2 .   ? -8.430  9.680   -10.911 1.00 51.71  ? 32  HOH B O   1 
HETATM 1646 O O   . HOH D 2 .   ? -8.841  -3.908  -8.383  1.00 45.25  ? 33  HOH B O   1 
HETATM 1647 O O   . HOH D 2 .   ? -9.921  -2.847  -4.494  1.00 36.52  ? 34  HOH B O   1 
HETATM 1648 O O   . HOH D 2 .   ? -13.862 2.330   -11.178 1.00 50.95  ? 35  HOH B O   1 
HETATM 1649 O O   . HOH D 2 .   ? -6.610  -6.543  2.043   1.00 56.92  ? 36  HOH B O   1 
HETATM 1650 O O   . HOH D 2 .   ? 0.464   20.054  -11.115 1.00 53.89  ? 38  HOH B O   1 
HETATM 1651 O O   . HOH D 2 .   ? -2.861  24.333  -0.410  1.00 66.27  ? 39  HOH B O   1 
HETATM 1652 O O   . HOH D 2 .   ? 4.956   0.985   -0.768  1.00 47.21  ? 41  HOH B O   1 
HETATM 1653 O O   . HOH D 2 .   ? 3.101   4.016   1.327   1.00 50.65  ? 44  HOH B O   1 
HETATM 1654 O O   . HOH D 2 .   ? 0.071   -0.683  -11.515 1.00 36.22  ? 45  HOH B O   1 
HETATM 1655 O O   . HOH D 2 .   ? -10.894 9.051   8.881   1.00 42.34  ? 47  HOH B O   1 
HETATM 1656 O O   . HOH D 2 .   ? -14.000 16.680  6.555   1.00 46.61  ? 48  HOH B O   1 
HETATM 1657 O O   . HOH D 2 .   ? -0.393  4.807   -10.204 1.00 53.30  ? 49  HOH B O   1 
HETATM 1658 O O   . HOH D 2 .   ? -13.717 -2.789  2.402   1.00 35.20  ? 50  HOH B O   1 
HETATM 1659 O O   . HOH D 2 .   ? 8.982   21.761  -1.298  1.00 58.61  ? 51  HOH B O   1 
HETATM 1660 O O   . HOH D 2 .   ? -14.701 -4.128  -0.059  1.00 51.54  ? 52  HOH B O   1 
HETATM 1661 O O   . HOH D 2 .   ? 7.524   10.309  -6.828  1.00 64.46  ? 53  HOH B O   1 
HETATM 1662 O O   . HOH D 2 .   ? -12.626 14.824  15.435  1.00 65.42  ? 54  HOH B O   1 
HETATM 1663 O O   . HOH D 2 .   ? -15.307 4.996   -9.341  1.00 42.92  ? 56  HOH B O   1 
HETATM 1664 O O   . HOH D 2 .   ? 7.058   14.056  0.753   1.00 60.90  ? 59  HOH B O   1 
HETATM 1665 O O   . HOH D 2 .   ? -8.443  -5.127  6.969   1.00 42.84  ? 60  HOH B O   1 
HETATM 1666 O O   . HOH D 2 .   ? -0.892  10.849  -12.928 1.00 56.49  ? 61  HOH B O   1 
HETATM 1667 O O   . HOH D 2 .   ? -4.968  6.856   -11.322 1.00 55.60  ? 62  HOH B O   1 
HETATM 1668 O O   . HOH D 2 .   ? -6.856  12.273  -11.643 1.00 37.94  ? 64  HOH B O   1 
HETATM 1669 O O   . HOH D 2 .   ? -4.266  -3.115  -11.057 1.00 65.60  ? 66  HOH B O   1 
HETATM 1670 O O   . HOH D 2 .   ? -8.207  -4.163  -2.661  1.00 46.88  ? 70  HOH B O   1 
HETATM 1671 O O   . HOH D 2 .   ? -7.624  15.562  9.739   1.00 75.03  ? 72  HOH B O   1 
HETATM 1672 O O   . HOH D 2 .   ? 6.792   4.095   -2.063  1.00 68.63  ? 74  HOH B O   1 
HETATM 1673 O O   . HOH D 2 .   ? -12.442 23.289  0.241   1.00 44.07  ? 75  HOH B O   1 
HETATM 1674 O O   . HOH D 2 .   ? -5.465  2.794   -13.473 1.00 65.93  ? 77  HOH B O   1 
HETATM 1675 O O   . HOH D 2 .   ? -3.634  2.587   -11.318 1.00 60.53  ? 78  HOH B O   1 
HETATM 1676 O O   . HOH D 2 .   ? -22.908 18.121  16.678  1.00 79.61  ? 85  HOH B O   1 
HETATM 1677 O O   . HOH D 2 .   ? -23.115 8.656   3.954   1.00 67.97  ? 86  HOH B O   1 
HETATM 1678 O O   . HOH D 2 .   ? 0.797   4.516   13.256  1.00 72.49  ? 87  HOH B O   1 
HETATM 1679 O O   . HOH D 2 .   ? -1.774  3.925   15.055  1.00 69.38  ? 88  HOH B O   1 
HETATM 1680 O O   . HOH D 2 .   ? -2.630  6.569   17.909  1.00 92.86  ? 89  HOH B O   1 
HETATM 1681 O O   . HOH D 2 .   ? -17.608 22.039  3.038   1.00 68.89  ? 92  HOH B O   1 
HETATM 1682 O O   . HOH D 2 .   ? 4.939   9.136   -12.725 1.00 72.50  ? 95  HOH B O   1 
HETATM 1683 O O   . HOH D 2 .   ? -2.843  4.784   -9.774  1.00 50.12  ? 97  HOH B O   1 
HETATM 1684 O O   . HOH D 2 .   ? 10.760  8.468   -8.996  1.00 76.66  ? 99  HOH B O   1 
HETATM 1685 O O   . HOH D 2 .   ? 5.489   8.592   -9.359  1.00 62.95  ? 100 HOH B O   1 
HETATM 1686 O O   . HOH D 2 .   ? -18.889 -1.914  -5.414  1.00 60.81  ? 102 HOH B O   1 
HETATM 1687 O O   . HOH D 2 .   ? -9.623  5.864   -9.205  1.00 66.42  ? 105 HOH B O   1 
HETATM 1688 O O   . HOH D 2 .   ? -3.055  8.416   -10.840 1.00 65.84  ? 106 HOH B O   1 
HETATM 1689 O O   . HOH D 2 .   ? -17.409 13.162  12.663  1.00 55.77  ? 107 HOH B O   1 
HETATM 1690 O O   . HOH D 2 .   ? -13.839 -6.793  1.395   1.00 63.82  ? 108 HOH B O   1 
HETATM 1691 O O   . HOH D 2 .   ? 1.860   21.442  -0.765  1.00 50.22  ? 110 HOH B O   1 
HETATM 1692 O O   . HOH D 2 .   ? -0.394  -2.748  -14.214 1.00 65.93  ? 122 HOH B O   1 
HETATM 1693 O O   . HOH D 2 .   ? -2.572  -5.651  -12.727 1.00 86.68  ? 123 HOH B O   1 
HETATM 1694 O O   . HOH D 2 .   ? 2.092   2.619   11.088  1.00 50.96  ? 127 HOH B O   1 
HETATM 1695 O O   . HOH D 2 .   ? -22.879 -2.313  0.581   1.00 66.57  ? 129 HOH B O   1 
HETATM 1696 O O   . HOH D 2 .   ? 9.016   13.850  -8.574  1.00 61.77  ? 132 HOH B O   1 
HETATM 1697 O O   . HOH D 2 .   ? 10.462  19.099  0.182   1.00 66.74  ? 133 HOH B O   1 
HETATM 1698 O O   . HOH D 2 .   ? 7.455   16.304  7.804   1.00 70.14  ? 134 HOH B O   1 
HETATM 1699 O O   . HOH D 2 .   ? 11.230  13.540  0.841   1.00 72.68  ? 135 HOH B O   1 
HETATM 1700 O O   . HOH D 2 .   ? 8.234   19.527  -9.675  1.00 73.64  ? 136 HOH B O   1 
HETATM 1701 O O   . HOH D 2 .   ? -4.830  16.332  -12.123 1.00 68.92  ? 137 HOH B O   1 
HETATM 1702 O O   . HOH D 2 .   ? -14.540 16.336  -8.939  1.00 68.17  ? 138 HOH B O   1 
HETATM 1703 O O   . HOH D 2 .   ? -13.793 21.112  -8.527  1.00 77.69  ? 139 HOH B O   1 
HETATM 1704 O O   . HOH D 2 .   ? -13.300 3.264   12.212  1.00 65.67  ? 140 HOH B O   1 
HETATM 1705 O O   . HOH D 2 .   ? -10.889 2.334   13.498  1.00 68.29  ? 141 HOH B O   1 
HETATM 1706 O O   . HOH D 2 .   ? -12.783 13.998  18.123  1.00 71.79  ? 142 HOH B O   1 
HETATM 1707 O O   . HOH D 2 .   ? -22.947 8.550   7.051   1.00 65.33  ? 143 HOH B O   1 
HETATM 1708 O O   . HOH D 2 .   ? -23.412 11.482  3.422   1.00 72.90  ? 144 HOH B O   1 
HETATM 1709 O O   . HOH D 2 .   ? -2.590  25.856  -5.896  1.00 54.91  ? 145 HOH B O   1 
HETATM 1710 O O   . HOH D 2 .   ? 2.970   19.069  -2.915  1.00 50.98  ? 147 HOH B O   1 
HETATM 1711 O O   . HOH D 2 .   ? -3.044  26.009  -3.244  1.00 86.07  ? 148 HOH B O   1 
HETATM 1712 O O   . HOH D 2 .   ? -20.404 21.065  0.941   1.00 47.74  ? 149 HOH B O   1 
HETATM 1713 O O   . HOH D 2 .   ? -15.754 18.848  -7.004  1.00 57.47  ? 154 HOH B O   1 
HETATM 1714 O O   . HOH D 2 .   ? 8.974   11.237  -3.619  1.00 69.55  ? 155 HOH B O   1 
HETATM 1715 O O   . HOH D 2 .   ? -21.109 -1.942  -3.454  1.00 46.55  ? 156 HOH B O   1 
HETATM 1716 O O   . HOH D 2 .   ? 4.896   2.860   0.506   1.00 50.33  ? 160 HOH B O   1 
HETATM 1717 O O   . HOH D 2 .   ? 1.429   4.671   -13.087 1.00 65.77  ? 161 HOH B O   1 
HETATM 1718 O O   . HOH D 2 .   ? 15.099  10.113  5.438   1.00 63.56  ? 165 HOH B O   1 
HETATM 1719 O O   . HOH D 2 .   ? 2.681   13.053  8.757   1.00 48.61  ? 166 HOH B O   1 
HETATM 1720 O O   . HOH D 2 .   ? -7.008  1.112   -13.694 1.00 64.42  ? 167 HOH B O   1 
HETATM 1721 O O   . HOH D 2 .   ? 7.661   6.860   -8.116  1.00 79.37  ? 169 HOH B O   1 
HETATM 1722 O O   . HOH D 2 .   ? 4.530   17.254  -5.810  1.00 48.55  ? 170 HOH B O   1 
HETATM 1723 O O   . HOH D 2 .   ? -16.932 -4.238  -3.247  1.00 63.62  ? 172 HOH B O   1 
HETATM 1724 O O   . HOH D 2 .   ? -14.466 -5.691  4.050   1.00 49.49  ? 174 HOH B O   1 
HETATM 1725 O O   . HOH D 2 .   ? -12.384 -5.134  2.048   1.00 68.73  ? 175 HOH B O   1 
# 
